data_4PY2
#
_entry.id   4PY2
#
_cell.length_a   45.010
_cell.length_b   99.480
_cell.length_c   104.000
_cell.angle_alpha   110.470
_cell.angle_beta   87.240
_cell.angle_gamma   99.990
#
_symmetry.space_group_name_H-M   'P 1'
#
loop_
_entity.id
_entity.type
_entity.pdbx_description
1 polymer 'Methionine--tRNA ligase'
2 non-polymer 1-{3-[(3,5-dichlorobenzyl)amino]propyl}-3-thiophen-3-ylurea
3 non-polymer 1,2-ETHANEDIOL
4 water water
#
_entity_poly.entity_id   1
_entity_poly.type   'polypeptide(L)'
_entity_poly.pdbx_seq_one_letter_code
;MAHHHHHHMGTLEAQTQGPGSMSREKYYITTAIAYPNGKPHIGHAYELIATDAMARFQRLNGMDVYFLTGTDEHGIKMLQ
SARKEGITPRDLADRNTSAFRRMAEVLNSSNDDYIRTSEERHYKASQAIWQAMVANGDIYKGGYAGWYSVRDEAYYGEEE
TEVRADGVRYGPQGTPVEWVEEESYFFRLSAYQDKLLDLYENNPGFIMPAERRNEIVSFVKSGLKDLSISRTTFDWGIPV
PGDEKHVMYVWVDALTNYITALGYPDTTDERWAYWPANAHIIGKDISRFHAVYWPAFLMSAQLPLPKRVFAHGFLFNRGE
KMSKSVGNVIDPFELVERYGLDQLRYFLMREVPFGQDGSYSHEAIVNRTNADLANDLGNLAQRSLSMIAKNCEGKVPQPG
AFSEADKAILDQADAALETARKAMDDQALHLALGAIFAVVAEANRYFAGQEPWALRKTDPARMGTVLYVTAEVLRRVGIM
VQPFIPQSAEKLLDILAVPADKRQFADVLASPLAGGTDLPAPQPVFPRYVEADEQN
;
_entity_poly.pdbx_strand_id   A,B,C
#
# COMPACT_ATOMS: atom_id res chain seq x y z
N ARG A 24 34.31 10.30 5.30
CA ARG A 24 35.02 10.78 4.08
C ARG A 24 35.60 9.62 3.25
N GLU A 25 36.29 8.68 3.90
CA GLU A 25 36.83 7.51 3.21
C GLU A 25 35.70 6.56 2.72
N LYS A 26 35.79 6.16 1.45
CA LYS A 26 34.74 5.39 0.79
C LYS A 26 34.87 3.89 1.04
N TYR A 27 33.72 3.23 1.19
CA TYR A 27 33.67 1.80 1.48
C TYR A 27 32.49 1.19 0.71
N TYR A 28 32.79 0.26 -0.18
CA TYR A 28 31.79 -0.36 -1.05
C TYR A 28 31.77 -1.85 -0.78
N ILE A 29 30.60 -2.34 -0.40
CA ILE A 29 30.41 -3.73 -0.07
C ILE A 29 29.13 -4.25 -0.77
N THR A 30 29.18 -5.53 -1.17
CA THR A 30 28.14 -6.12 -1.98
C THR A 30 27.82 -7.51 -1.47
N THR A 31 26.59 -7.98 -1.74
CA THR A 31 26.26 -9.40 -1.72
C THR A 31 26.25 -9.92 -3.14
N ALA A 32 26.39 -11.23 -3.30
CA ALA A 32 26.09 -11.87 -4.56
C ALA A 32 24.61 -11.61 -4.81
N ILE A 33 24.24 -11.64 -6.08
CA ILE A 33 22.86 -11.48 -6.47
C ILE A 33 22.15 -12.83 -6.50
N ALA A 34 20.93 -12.83 -6.01
CA ALA A 34 20.13 -14.04 -5.83
C ALA A 34 19.40 -14.43 -7.14
N TYR A 35 19.18 -15.73 -7.33
CA TYR A 35 18.44 -16.24 -8.49
C TYR A 35 16.99 -16.45 -8.11
N PRO A 36 16.07 -15.61 -8.62
CA PRO A 36 14.69 -15.67 -8.16
C PRO A 36 13.73 -16.62 -8.93
N ASN A 37 14.19 -17.85 -9.17
CA ASN A 37 13.32 -18.88 -9.73
C ASN A 37 12.74 -19.73 -8.59
N GLY A 38 12.48 -19.10 -7.46
CA GLY A 38 11.88 -19.75 -6.32
C GLY A 38 11.67 -18.72 -5.25
N LYS A 39 11.46 -19.20 -4.02
CA LYS A 39 11.25 -18.36 -2.86
C LYS A 39 12.59 -18.02 -2.19
N PRO A 40 12.65 -16.90 -1.46
CA PRO A 40 13.82 -16.68 -0.65
C PRO A 40 13.98 -17.77 0.41
N HIS A 41 15.21 -18.20 0.64
N HIS A 41 15.22 -18.22 0.62
CA HIS A 41 15.55 -19.17 1.65
CA HIS A 41 15.54 -19.19 1.66
C HIS A 41 16.55 -18.58 2.66
C HIS A 41 16.56 -18.60 2.66
N ILE A 42 16.88 -19.38 3.68
CA ILE A 42 17.70 -18.93 4.81
C ILE A 42 19.11 -18.53 4.40
N GLY A 43 19.64 -19.19 3.38
CA GLY A 43 20.94 -18.83 2.77
C GLY A 43 21.01 -17.39 2.26
N HIS A 44 20.01 -16.98 1.50
CA HIS A 44 19.87 -15.59 1.06
C HIS A 44 19.82 -14.62 2.25
N ALA A 45 19.05 -14.95 3.27
CA ALA A 45 18.88 -14.06 4.42
C ALA A 45 20.18 -13.93 5.18
N TYR A 46 20.86 -15.05 5.34
CA TYR A 46 22.11 -15.09 6.10
C TYR A 46 23.13 -14.18 5.44
N GLU A 47 23.32 -14.34 4.14
CA GLU A 47 24.26 -13.51 3.40
C GLU A 47 23.92 -12.03 3.52
N LEU A 48 22.64 -11.69 3.38
CA LEU A 48 22.23 -10.28 3.43
C LEU A 48 22.41 -9.68 4.85
N ILE A 49 22.01 -10.44 5.89
CA ILE A 49 22.18 -10.01 7.28
C ILE A 49 23.66 -9.71 7.57
N ALA A 50 24.51 -10.66 7.26
CA ALA A 50 25.94 -10.51 7.51
C ALA A 50 26.52 -9.31 6.79
N THR A 51 26.17 -9.15 5.52
CA THR A 51 26.69 -8.04 4.75
C THR A 51 26.09 -6.70 5.26
N ASP A 52 24.81 -6.70 5.66
CA ASP A 52 24.19 -5.52 6.25
C ASP A 52 24.94 -5.08 7.52
N ALA A 53 25.29 -6.04 8.36
CA ALA A 53 25.99 -5.72 9.59
C ALA A 53 27.36 -5.10 9.27
N MET A 54 28.01 -5.59 8.22
CA MET A 54 29.32 -5.06 7.85
C MET A 54 29.21 -3.62 7.31
N ALA A 55 28.18 -3.36 6.51
CA ALA A 55 27.91 -2.05 5.98
C ALA A 55 27.64 -1.08 7.11
N ARG A 56 26.75 -1.45 8.02
CA ARG A 56 26.36 -0.55 9.14
C ARG A 56 27.56 -0.27 10.05
N PHE A 57 28.37 -1.28 10.26
CA PHE A 57 29.55 -1.10 11.06
C PHE A 57 30.46 0.01 10.47
N GLN A 58 30.72 -0.03 9.19
CA GLN A 58 31.58 0.97 8.58
C GLN A 58 30.94 2.37 8.53
N ARG A 59 29.62 2.48 8.36
CA ARG A 59 28.96 3.79 8.51
C ARG A 59 29.22 4.38 9.92
N LEU A 60 29.05 3.56 10.93
CA LEU A 60 29.20 4.00 12.32
C LEU A 60 30.69 4.28 12.63
N ASN A 61 31.57 3.72 11.82
CA ASN A 61 33.00 3.87 11.99
C ASN A 61 33.50 5.06 11.18
N GLY A 62 32.58 5.84 10.60
CA GLY A 62 32.93 7.10 9.96
C GLY A 62 33.23 7.00 8.47
N MET A 63 32.86 5.89 7.83
CA MET A 63 33.09 5.71 6.39
CA MET A 63 33.10 5.72 6.40
C MET A 63 31.89 6.14 5.57
N ASP A 64 32.15 6.48 4.32
CA ASP A 64 31.14 6.79 3.35
C ASP A 64 30.86 5.46 2.62
N VAL A 65 29.74 4.84 2.97
CA VAL A 65 29.44 3.47 2.59
C VAL A 65 28.43 3.41 1.45
N TYR A 66 28.68 2.50 0.50
CA TYR A 66 27.66 2.10 -0.47
C TYR A 66 27.55 0.60 -0.36
N PHE A 67 26.33 0.12 -0.24
CA PHE A 67 26.03 -1.29 0.03
C PHE A 67 24.97 -1.76 -0.98
N LEU A 68 25.32 -2.78 -1.76
CA LEU A 68 24.49 -3.35 -2.82
C LEU A 68 24.04 -4.77 -2.55
N THR A 69 22.83 -5.05 -3.03
CA THR A 69 22.36 -6.42 -3.19
C THR A 69 21.40 -6.46 -4.39
N GLY A 70 20.92 -7.65 -4.78
CA GLY A 70 20.02 -7.71 -5.94
C GLY A 70 19.73 -9.09 -6.49
N THR A 71 19.23 -9.15 -7.73
CA THR A 71 18.86 -10.42 -8.36
C THR A 71 19.37 -10.61 -9.79
N ASP A 72 19.70 -11.86 -10.06
CA ASP A 72 20.20 -12.39 -11.32
C ASP A 72 18.97 -13.03 -11.98
N GLU A 73 18.42 -12.40 -13.02
CA GLU A 73 17.08 -12.75 -13.54
C GLU A 73 17.02 -13.43 -14.92
N HIS A 74 18.13 -13.49 -15.65
CA HIS A 74 18.14 -14.14 -16.97
C HIS A 74 18.34 -15.68 -16.88
N GLY A 75 18.30 -16.33 -18.05
CA GLY A 75 18.71 -17.73 -18.19
C GLY A 75 17.56 -18.66 -18.54
N ILE A 76 17.91 -19.86 -18.96
CA ILE A 76 16.91 -20.81 -19.47
C ILE A 76 15.95 -21.29 -18.37
N LYS A 77 16.44 -21.48 -17.16
CA LYS A 77 15.54 -21.86 -16.05
C LYS A 77 14.46 -20.80 -15.81
N MET A 78 14.79 -19.49 -15.86
CA MET A 78 13.76 -18.48 -15.69
C MET A 78 12.76 -18.49 -16.87
N LEU A 79 13.27 -18.65 -18.10
CA LEU A 79 12.42 -18.80 -19.29
C LEU A 79 11.44 -20.00 -19.15
N GLN A 80 11.95 -21.15 -18.70
CA GLN A 80 11.15 -22.35 -18.50
C GLN A 80 10.06 -22.14 -17.43
N SER A 81 10.41 -21.58 -16.27
CA SER A 81 9.41 -21.30 -15.26
C SER A 81 8.33 -20.35 -15.80
N ALA A 82 8.75 -19.35 -16.59
CA ALA A 82 7.80 -18.35 -17.11
C ALA A 82 6.75 -19.00 -18.06
N ARG A 83 7.22 -19.92 -18.91
CA ARG A 83 6.35 -20.69 -19.83
C ARG A 83 5.36 -21.59 -19.04
N LYS A 84 5.86 -22.34 -18.07
CA LYS A 84 5.00 -23.13 -17.18
C LYS A 84 3.85 -22.31 -16.56
N GLU A 85 4.14 -21.04 -16.23
CA GLU A 85 3.15 -20.17 -15.59
C GLU A 85 2.33 -19.32 -16.61
N GLY A 86 2.63 -19.40 -17.91
CA GLY A 86 1.88 -18.66 -18.93
C GLY A 86 2.06 -17.14 -18.92
N ILE A 87 3.27 -16.69 -18.53
CA ILE A 87 3.64 -15.27 -18.51
C ILE A 87 5.06 -15.05 -19.07
N THR A 88 5.39 -13.80 -19.39
CA THR A 88 6.70 -13.50 -19.98
C THR A 88 7.79 -13.68 -18.92
N PRO A 89 9.05 -13.96 -19.32
CA PRO A 89 10.16 -14.01 -18.34
C PRO A 89 10.31 -12.72 -17.49
N ARG A 90 10.20 -11.55 -18.13
CA ARG A 90 10.30 -10.24 -17.44
C ARG A 90 9.19 -10.11 -16.40
N ASP A 91 7.97 -10.50 -16.76
CA ASP A 91 6.86 -10.52 -15.81
C ASP A 91 7.16 -11.46 -14.64
N LEU A 92 7.60 -12.70 -14.93
CA LEU A 92 7.93 -13.63 -13.84
C LEU A 92 9.02 -13.05 -12.93
N ALA A 93 10.06 -12.49 -13.53
CA ALA A 93 11.10 -11.86 -12.74
C ALA A 93 10.53 -10.74 -11.82
N ASP A 94 9.71 -9.84 -12.37
CA ASP A 94 9.08 -8.80 -11.57
C ASP A 94 8.36 -9.41 -10.37
N ARG A 95 7.56 -10.45 -10.63
CA ARG A 95 6.80 -11.11 -9.56
C ARG A 95 7.69 -11.77 -8.49
N ASN A 96 8.67 -12.57 -8.90
CA ASN A 96 9.49 -13.34 -7.90
C ASN A 96 10.53 -12.48 -7.15
N THR A 97 11.15 -11.54 -7.87
CA THR A 97 12.08 -10.63 -7.24
C THR A 97 11.37 -9.85 -6.12
N SER A 98 10.09 -9.54 -6.26
CA SER A 98 9.41 -8.73 -5.24
C SER A 98 9.43 -9.41 -3.87
N ALA A 99 9.45 -10.75 -3.82
CA ALA A 99 9.59 -11.44 -2.53
C ALA A 99 11.02 -11.30 -1.92
N PHE A 100 12.02 -11.24 -2.80
CA PHE A 100 13.39 -10.96 -2.39
C PHE A 100 13.57 -9.53 -1.87
N ARG A 101 12.93 -8.56 -2.54
CA ARG A 101 12.88 -7.18 -2.03
C ARG A 101 12.16 -7.14 -0.68
N ARG A 102 11.05 -7.89 -0.54
CA ARG A 102 10.35 -7.99 0.74
C ARG A 102 11.26 -8.59 1.82
N MET A 103 12.00 -9.63 1.47
CA MET A 103 12.95 -10.21 2.40
C MET A 103 13.95 -9.13 2.90
N ALA A 104 14.51 -8.34 1.98
CA ALA A 104 15.46 -7.30 2.40
C ALA A 104 14.82 -6.34 3.40
N GLU A 105 13.60 -5.89 3.11
CA GLU A 105 12.84 -5.06 4.05
C GLU A 105 12.64 -5.72 5.42
N VAL A 106 12.15 -6.96 5.43
CA VAL A 106 11.84 -7.66 6.68
C VAL A 106 13.09 -7.89 7.52
N LEU A 107 14.25 -8.02 6.84
CA LEU A 107 15.54 -8.19 7.55
C LEU A 107 16.21 -6.88 7.95
N ASN A 108 15.55 -5.75 7.69
CA ASN A 108 16.08 -4.41 8.04
C ASN A 108 17.43 -4.13 7.36
N SER A 109 17.47 -4.47 6.07
CA SER A 109 18.65 -4.23 5.25
C SER A 109 18.80 -2.76 4.89
N SER A 110 20.00 -2.24 5.08
CA SER A 110 20.33 -0.84 4.76
C SER A 110 20.96 -0.68 3.39
N ASN A 111 20.73 -1.62 2.48
CA ASN A 111 21.32 -1.48 1.15
C ASN A 111 20.91 -0.15 0.48
N ASP A 112 21.86 0.47 -0.20
CA ASP A 112 21.63 1.78 -0.78
C ASP A 112 20.98 1.68 -2.14
N ASP A 113 21.00 0.51 -2.76
CA ASP A 113 20.41 0.32 -4.08
C ASP A 113 20.07 -1.16 -4.20
N TYR A 114 19.28 -1.50 -5.22
CA TYR A 114 18.86 -2.89 -5.44
C TYR A 114 18.98 -3.11 -6.94
N ILE A 115 19.87 -4.02 -7.35
CA ILE A 115 20.16 -4.21 -8.76
C ILE A 115 19.43 -5.45 -9.29
N ARG A 116 18.76 -5.30 -10.43
CA ARG A 116 18.07 -6.39 -11.09
C ARG A 116 18.68 -6.45 -12.48
N THR A 117 19.16 -7.63 -12.88
CA THR A 117 19.85 -7.76 -14.15
C THR A 117 18.94 -7.55 -15.34
N SER A 118 17.63 -7.52 -15.10
CA SER A 118 16.64 -7.17 -16.16
C SER A 118 16.54 -5.69 -16.45
N GLU A 119 17.18 -4.84 -15.65
CA GLU A 119 17.10 -3.40 -15.86
C GLU A 119 17.99 -2.98 -17.02
N GLU A 120 17.50 -1.98 -17.74
CA GLU A 120 18.22 -1.39 -18.85
C GLU A 120 19.66 -0.95 -18.46
N ARG A 121 19.83 -0.35 -17.30
CA ARG A 121 21.16 0.11 -16.91
C ARG A 121 22.15 -1.08 -16.88
N HIS A 122 21.65 -2.27 -16.55
CA HIS A 122 22.50 -3.48 -16.53
C HIS A 122 22.79 -4.03 -17.92
N TYR A 123 21.81 -3.94 -18.78
CA TYR A 123 21.96 -4.30 -20.19
C TYR A 123 23.09 -3.42 -20.79
N LYS A 124 23.04 -2.12 -20.55
CA LYS A 124 24.05 -1.17 -21.04
C LYS A 124 25.44 -1.47 -20.46
N ALA A 125 25.51 -1.72 -19.16
CA ALA A 125 26.80 -1.99 -18.51
C ALA A 125 27.44 -3.29 -19.04
N SER A 126 26.63 -4.32 -19.22
CA SER A 126 27.15 -5.63 -19.67
C SER A 126 27.64 -5.51 -21.12
N GLN A 127 26.90 -4.80 -21.96
CA GLN A 127 27.34 -4.62 -23.34
C GLN A 127 28.59 -3.75 -23.40
N ALA A 128 28.70 -2.76 -22.52
CA ALA A 128 29.97 -1.97 -22.43
C ALA A 128 31.19 -2.75 -21.94
N ILE A 129 31.07 -3.52 -20.88
CA ILE A 129 32.21 -4.36 -20.45
C ILE A 129 32.57 -5.43 -21.49
N TRP A 130 31.57 -6.06 -22.11
CA TRP A 130 31.82 -6.98 -23.25
C TRP A 130 32.67 -6.33 -24.35
N GLN A 131 32.30 -5.11 -24.74
CA GLN A 131 33.01 -4.41 -25.80
C GLN A 131 34.41 -3.99 -25.36
N ALA A 132 34.56 -3.64 -24.09
CA ALA A 132 35.90 -3.35 -23.53
C ALA A 132 36.82 -4.59 -23.58
N MET A 133 36.27 -5.77 -23.31
CA MET A 133 37.06 -7.00 -23.41
C MET A 133 37.36 -7.35 -24.90
N VAL A 134 36.40 -7.10 -25.80
CA VAL A 134 36.65 -7.28 -27.24
C VAL A 134 37.81 -6.38 -27.67
N ALA A 135 37.78 -5.11 -27.25
CA ALA A 135 38.84 -4.15 -27.63
C ALA A 135 40.20 -4.54 -27.03
N ASN A 136 40.22 -5.21 -25.90
CA ASN A 136 41.48 -5.72 -25.37
C ASN A 136 41.98 -7.01 -26.07
N GLY A 137 41.24 -7.53 -27.06
CA GLY A 137 41.62 -8.76 -27.77
C GLY A 137 41.24 -10.04 -27.05
N ASP A 138 40.33 -9.97 -26.08
CA ASP A 138 40.08 -11.12 -25.20
C ASP A 138 38.82 -11.95 -25.50
N ILE A 139 38.13 -11.63 -26.57
CA ILE A 139 36.90 -12.35 -26.88
C ILE A 139 36.91 -12.79 -28.35
N TYR A 140 36.56 -14.06 -28.60
CA TYR A 140 36.50 -14.56 -29.96
C TYR A 140 35.33 -15.52 -30.12
N LYS A 141 34.96 -15.77 -31.38
CA LYS A 141 33.89 -16.70 -31.71
C LYS A 141 34.48 -18.07 -32.03
N GLY A 142 33.88 -19.13 -31.46
CA GLY A 142 34.32 -20.49 -31.68
C GLY A 142 33.24 -21.50 -31.38
N GLY A 143 33.66 -22.67 -30.90
CA GLY A 143 32.82 -23.86 -30.80
C GLY A 143 33.10 -24.40 -29.40
N TYR A 144 32.04 -24.57 -28.63
CA TYR A 144 32.01 -25.16 -27.31
C TYR A 144 31.68 -26.60 -27.68
N ALA A 145 32.65 -27.52 -27.54
CA ALA A 145 32.59 -28.87 -28.14
C ALA A 145 33.23 -29.87 -27.19
N GLY A 146 32.62 -31.05 -27.03
CA GLY A 146 33.21 -32.07 -26.15
C GLY A 146 32.34 -33.27 -25.94
N TRP A 147 32.90 -34.29 -25.27
CA TRP A 147 32.17 -35.51 -24.90
C TRP A 147 31.34 -35.21 -23.68
N TYR A 148 30.05 -35.40 -23.81
CA TYR A 148 29.12 -35.01 -22.77
C TYR A 148 28.25 -36.21 -22.35
N SER A 149 28.07 -36.38 -21.05
CA SER A 149 27.20 -37.43 -20.51
C SER A 149 25.94 -36.80 -19.99
N VAL A 150 24.81 -37.09 -20.66
CA VAL A 150 23.54 -36.55 -20.24
C VAL A 150 23.20 -37.06 -18.84
N ARG A 151 23.59 -38.30 -18.54
CA ARG A 151 23.28 -38.89 -17.23
C ARG A 151 24.10 -38.28 -16.11
N ASP A 152 25.38 -37.97 -16.37
CA ASP A 152 26.25 -37.35 -15.37
C ASP A 152 26.09 -35.83 -15.34
N GLU A 153 25.61 -35.27 -16.46
CA GLU A 153 25.60 -33.81 -16.69
C GLU A 153 26.99 -33.22 -16.58
N ALA A 154 27.95 -33.85 -17.28
CA ALA A 154 29.35 -33.43 -17.25
C ALA A 154 30.02 -33.70 -18.58
N TYR A 155 31.02 -32.86 -18.86
CA TYR A 155 31.88 -32.97 -20.03
C TYR A 155 33.14 -33.68 -19.62
N TYR A 156 33.72 -34.42 -20.55
CA TYR A 156 34.95 -35.14 -20.28
C TYR A 156 35.89 -34.97 -21.46
N GLY A 157 37.19 -34.93 -21.17
CA GLY A 157 38.22 -35.14 -22.19
C GLY A 157 38.09 -36.51 -22.86
N GLU A 158 38.43 -36.60 -24.14
CA GLU A 158 38.45 -37.86 -24.87
C GLU A 158 39.27 -38.94 -24.17
N GLU A 159 40.36 -38.52 -23.54
CA GLU A 159 41.27 -39.43 -22.82
C GLU A 159 40.60 -40.10 -21.62
N GLU A 160 39.55 -39.47 -21.06
CA GLU A 160 38.73 -40.06 -20.00
C GLU A 160 37.61 -40.99 -20.53
N THR A 161 37.60 -41.31 -21.82
CA THR A 161 36.49 -42.07 -22.39
C THR A 161 37.00 -43.31 -23.11
N GLU A 162 36.09 -44.27 -23.32
CA GLU A 162 36.40 -45.56 -23.92
C GLU A 162 35.17 -46.14 -24.61
N VAL A 163 35.34 -46.60 -25.85
CA VAL A 163 34.29 -47.33 -26.55
C VAL A 163 34.21 -48.74 -25.96
N ARG A 164 33.01 -49.18 -25.62
CA ARG A 164 32.86 -50.51 -25.00
C ARG A 164 32.16 -51.50 -25.95
N ALA A 165 31.85 -52.72 -25.46
CA ALA A 165 31.45 -53.85 -26.31
C ALA A 165 30.23 -53.55 -27.19
N ASP A 166 29.28 -52.80 -26.63
CA ASP A 166 28.05 -52.46 -27.33
C ASP A 166 28.27 -51.38 -28.40
N GLY A 167 29.50 -50.87 -28.56
CA GLY A 167 29.77 -49.81 -29.55
C GLY A 167 29.56 -48.38 -29.06
N VAL A 168 29.03 -48.25 -27.84
CA VAL A 168 28.79 -46.97 -27.24
C VAL A 168 30.07 -46.50 -26.53
N ARG A 169 30.33 -45.18 -26.60
CA ARG A 169 31.45 -44.59 -25.88
C ARG A 169 31.01 -44.21 -24.45
N TYR A 170 31.82 -44.56 -23.45
CA TYR A 170 31.51 -44.29 -22.04
C TYR A 170 32.54 -43.40 -21.39
N GLY A 171 32.05 -42.54 -20.47
CA GLY A 171 32.92 -41.68 -19.68
C GLY A 171 33.33 -42.40 -18.40
N PRO A 172 34.15 -41.73 -17.59
CA PRO A 172 34.75 -42.38 -16.42
C PRO A 172 33.77 -42.76 -15.30
N GLN A 173 32.52 -42.29 -15.34
CA GLN A 173 31.53 -42.73 -14.34
C GLN A 173 30.66 -43.90 -14.84
N GLY A 174 31.06 -44.50 -15.96
CA GLY A 174 30.39 -45.67 -16.50
C GLY A 174 29.05 -45.40 -17.17
N THR A 175 28.81 -44.16 -17.56
CA THR A 175 27.63 -43.77 -18.35
C THR A 175 28.03 -43.25 -19.74
N PRO A 176 27.10 -43.38 -20.71
CA PRO A 176 27.45 -42.98 -22.07
C PRO A 176 27.81 -41.48 -22.23
N VAL A 177 28.69 -41.22 -23.18
CA VAL A 177 28.97 -39.87 -23.60
C VAL A 177 28.77 -39.74 -25.10
N GLU A 178 28.53 -38.52 -25.53
CA GLU A 178 28.36 -38.24 -26.94
C GLU A 178 28.93 -36.88 -27.25
N TRP A 179 29.36 -36.71 -28.50
CA TRP A 179 29.92 -35.44 -28.95
C TRP A 179 28.81 -34.43 -29.11
N VAL A 180 28.98 -33.29 -28.48
CA VAL A 180 28.05 -32.18 -28.65
C VAL A 180 28.87 -30.89 -28.91
N GLU A 181 28.24 -29.98 -29.64
CA GLU A 181 28.94 -28.87 -30.23
C GLU A 181 27.95 -27.77 -30.47
N GLU A 182 28.24 -26.57 -29.94
CA GLU A 182 27.39 -25.41 -30.11
C GLU A 182 28.34 -24.23 -30.37
N GLU A 183 27.85 -23.27 -31.12
CA GLU A 183 28.56 -22.06 -31.37
C GLU A 183 28.58 -21.28 -30.05
N SER A 184 29.70 -20.61 -29.75
CA SER A 184 29.85 -19.84 -28.51
C SER A 184 30.97 -18.82 -28.66
N TYR A 185 30.76 -17.64 -28.06
CA TYR A 185 31.86 -16.74 -27.78
C TYR A 185 32.66 -17.21 -26.58
N PHE A 186 33.96 -16.91 -26.57
CA PHE A 186 34.87 -17.28 -25.51
C PHE A 186 35.65 -16.08 -25.02
N PHE A 187 35.88 -16.03 -23.72
CA PHE A 187 36.84 -15.13 -23.11
C PHE A 187 38.18 -15.86 -22.99
N ARG A 188 39.26 -15.18 -23.36
CA ARG A 188 40.61 -15.74 -23.28
C ARG A 188 41.14 -15.85 -21.84
N LEU A 189 40.48 -16.66 -21.01
CA LEU A 189 40.89 -16.82 -19.62
C LEU A 189 42.30 -17.41 -19.52
N SER A 190 42.67 -18.23 -20.52
CA SER A 190 44.00 -18.83 -20.55
C SER A 190 45.11 -17.78 -20.55
N ALA A 191 44.83 -16.57 -21.01
CA ALA A 191 45.83 -15.50 -21.00
C ALA A 191 46.02 -14.88 -19.62
N TYR A 192 45.21 -15.28 -18.62
CA TYR A 192 45.25 -14.62 -17.30
C TYR A 192 45.78 -15.48 -16.16
N GLN A 193 46.32 -16.66 -16.46
CA GLN A 193 46.86 -17.53 -15.41
C GLN A 193 47.94 -16.84 -14.57
N ASP A 194 48.96 -16.30 -15.22
CA ASP A 194 50.09 -15.67 -14.51
C ASP A 194 49.69 -14.40 -13.81
N LYS A 195 48.86 -13.58 -14.46
CA LYS A 195 48.39 -12.35 -13.82
C LYS A 195 47.57 -12.63 -12.57
N LEU A 196 46.77 -13.69 -12.60
CA LEU A 196 45.99 -14.08 -11.41
C LEU A 196 46.88 -14.61 -10.31
N LEU A 197 47.84 -15.47 -10.63
CA LEU A 197 48.79 -15.95 -9.60
C LEU A 197 49.55 -14.78 -8.98
N ASP A 198 49.99 -13.83 -9.81
CA ASP A 198 50.60 -12.58 -9.30
C ASP A 198 49.69 -11.85 -8.35
N LEU A 199 48.41 -11.72 -8.73
CA LEU A 199 47.42 -11.10 -7.86
C LEU A 199 47.33 -11.77 -6.48
N TYR A 200 47.23 -13.10 -6.45
CA TYR A 200 47.09 -13.81 -5.17
C TYR A 200 48.35 -13.64 -4.32
N GLU A 201 49.51 -13.65 -4.97
CA GLU A 201 50.79 -13.45 -4.26
C GLU A 201 50.89 -12.04 -3.70
N ASN A 202 50.51 -11.02 -4.47
CA ASN A 202 50.64 -9.63 -4.00
C ASN A 202 49.50 -9.12 -3.11
N ASN A 203 48.37 -9.81 -3.12
CA ASN A 203 47.29 -9.46 -2.21
C ASN A 203 46.86 -10.75 -1.52
N PRO A 204 47.54 -11.12 -0.44
CA PRO A 204 47.21 -12.32 0.34
C PRO A 204 45.77 -12.35 0.85
N GLY A 205 45.16 -11.19 1.06
CA GLY A 205 43.75 -11.14 1.51
C GLY A 205 42.73 -11.09 0.39
N PHE A 206 43.12 -11.33 -0.86
CA PHE A 206 42.23 -11.12 -1.98
C PHE A 206 41.03 -12.04 -1.94
N ILE A 207 41.25 -13.28 -1.53
CA ILE A 207 40.19 -14.30 -1.42
C ILE A 207 40.31 -15.01 -0.08
N MET A 208 39.27 -14.88 0.75
CA MET A 208 39.27 -15.43 2.10
C MET A 208 37.97 -16.19 2.35
N PRO A 209 37.94 -17.09 3.35
CA PRO A 209 39.04 -17.46 4.28
C PRO A 209 40.13 -18.29 3.62
N ALA A 210 41.16 -18.60 4.39
CA ALA A 210 42.38 -19.23 3.92
C ALA A 210 42.14 -20.47 3.07
N GLU A 211 41.22 -21.34 3.49
CA GLU A 211 40.93 -22.58 2.73
C GLU A 211 40.42 -22.27 1.30
N ARG A 212 39.65 -21.18 1.13
CA ARG A 212 39.17 -20.79 -0.20
C ARG A 212 40.35 -20.36 -1.06
N ARG A 213 41.27 -19.60 -0.47
CA ARG A 213 42.50 -19.19 -1.16
C ARG A 213 43.28 -20.39 -1.69
N ASN A 214 43.49 -21.39 -0.85
CA ASN A 214 44.26 -22.60 -1.27
C ASN A 214 43.59 -23.33 -2.43
N GLU A 215 42.28 -23.44 -2.39
CA GLU A 215 41.51 -24.02 -3.48
C GLU A 215 41.64 -23.22 -4.77
N ILE A 216 41.57 -21.89 -4.65
CA ILE A 216 41.70 -21.03 -5.82
C ILE A 216 43.11 -21.09 -6.42
N VAL A 217 44.13 -20.96 -5.58
CA VAL A 217 45.51 -20.95 -6.08
C VAL A 217 45.83 -22.27 -6.80
N SER A 218 45.44 -23.39 -6.20
CA SER A 218 45.67 -24.70 -6.81
C SER A 218 44.92 -24.85 -8.13
N PHE A 219 43.68 -24.35 -8.17
CA PHE A 219 42.92 -24.35 -9.40
C PHE A 219 43.64 -23.59 -10.52
N VAL A 220 44.06 -22.37 -10.25
CA VAL A 220 44.71 -21.57 -11.29
C VAL A 220 46.05 -22.19 -11.68
N LYS A 221 46.83 -22.65 -10.69
CA LYS A 221 48.11 -23.32 -10.97
C LYS A 221 47.96 -24.54 -11.88
N SER A 222 46.84 -25.26 -11.78
CA SER A 222 46.57 -26.40 -12.64
C SER A 222 46.35 -26.04 -14.13
N GLY A 223 46.16 -24.76 -14.43
CA GLY A 223 46.04 -24.31 -15.82
C GLY A 223 44.60 -23.90 -16.13
N LEU A 224 44.45 -22.77 -16.79
CA LEU A 224 43.13 -22.24 -17.10
C LEU A 224 42.81 -22.40 -18.57
N LYS A 225 41.58 -22.82 -18.88
CA LYS A 225 41.10 -22.92 -20.27
C LYS A 225 40.23 -21.73 -20.57
N ASP A 226 40.10 -21.40 -21.85
CA ASP A 226 39.22 -20.30 -22.26
C ASP A 226 37.78 -20.64 -21.86
N LEU A 227 37.01 -19.59 -21.65
CA LEU A 227 35.72 -19.70 -20.99
C LEU A 227 34.56 -19.34 -21.93
N SER A 228 33.63 -20.26 -22.10
CA SER A 228 32.40 -20.02 -22.87
C SER A 228 31.54 -18.95 -22.17
N ILE A 229 31.21 -17.89 -22.90
CA ILE A 229 30.48 -16.75 -22.34
C ILE A 229 29.19 -16.36 -23.05
N SER A 230 28.76 -17.14 -24.04
CA SER A 230 27.48 -16.89 -24.71
C SER A 230 26.69 -18.16 -24.97
N ARG A 231 25.40 -17.99 -25.22
CA ARG A 231 24.48 -19.09 -25.54
C ARG A 231 23.61 -18.68 -26.72
N THR A 232 23.28 -19.66 -27.55
CA THR A 232 22.39 -19.48 -28.69
C THR A 232 21.03 -20.15 -28.50
N THR A 233 20.86 -20.81 -27.35
CA THR A 233 19.73 -21.70 -27.10
C THR A 233 18.47 -21.02 -26.49
N PHE A 234 18.57 -19.75 -26.12
CA PHE A 234 17.42 -19.02 -25.58
C PHE A 234 17.72 -17.55 -25.75
N ASP A 235 16.68 -16.73 -25.73
CA ASP A 235 16.82 -15.31 -25.96
C ASP A 235 16.56 -14.45 -24.71
N TRP A 236 16.29 -15.08 -23.58
CA TRP A 236 16.13 -14.38 -22.30
C TRP A 236 17.51 -14.14 -21.66
N GLY A 237 18.12 -13.04 -22.10
CA GLY A 237 19.46 -12.67 -21.71
C GLY A 237 19.81 -11.42 -22.50
N ILE A 238 21.01 -10.92 -22.29
CA ILE A 238 21.45 -9.71 -22.92
C ILE A 238 22.12 -10.08 -24.24
N PRO A 239 21.65 -9.53 -25.36
CA PRO A 239 22.29 -9.82 -26.64
C PRO A 239 23.77 -9.48 -26.66
N VAL A 240 24.54 -10.36 -27.32
CA VAL A 240 25.92 -10.09 -27.62
C VAL A 240 25.96 -8.95 -28.66
N PRO A 241 26.68 -7.86 -28.35
CA PRO A 241 26.81 -6.80 -29.34
C PRO A 241 27.43 -7.32 -30.65
N GLY A 242 26.78 -7.05 -31.77
CA GLY A 242 27.33 -7.49 -33.05
C GLY A 242 26.91 -8.89 -33.46
N ASP A 243 26.15 -9.60 -32.62
CA ASP A 243 25.74 -10.96 -32.95
C ASP A 243 24.57 -11.36 -32.03
N GLU A 244 23.39 -10.82 -32.31
CA GLU A 244 22.30 -10.93 -31.35
C GLU A 244 21.56 -12.27 -31.33
N LYS A 245 21.88 -13.18 -32.25
CA LYS A 245 21.52 -14.60 -32.05
C LYS A 245 22.19 -15.21 -30.80
N HIS A 246 23.26 -14.59 -30.29
CA HIS A 246 23.85 -15.01 -29.02
C HIS A 246 23.38 -14.09 -27.90
N VAL A 247 23.11 -14.67 -26.73
CA VAL A 247 22.97 -13.91 -25.49
C VAL A 247 24.12 -14.25 -24.53
N MET A 248 24.41 -13.31 -23.64
CA MET A 248 25.44 -13.51 -22.62
C MET A 248 25.02 -14.58 -21.64
N TYR A 249 25.97 -15.45 -21.33
CA TYR A 249 25.79 -16.47 -20.35
C TYR A 249 26.01 -15.83 -18.97
N VAL A 250 25.79 -16.60 -17.91
CA VAL A 250 25.79 -16.08 -16.57
C VAL A 250 27.08 -15.29 -16.16
N TRP A 251 28.25 -15.63 -16.70
CA TRP A 251 29.51 -15.11 -16.14
C TRP A 251 29.61 -13.61 -16.26
N VAL A 252 29.52 -13.09 -17.47
CA VAL A 252 29.61 -11.65 -17.70
C VAL A 252 28.37 -10.94 -17.17
N ASP A 253 27.19 -11.52 -17.43
CA ASP A 253 25.90 -10.91 -17.03
C ASP A 253 25.82 -10.71 -15.50
N ALA A 254 25.91 -11.76 -14.74
CA ALA A 254 25.72 -11.63 -13.30
C ALA A 254 26.86 -10.84 -12.63
N LEU A 255 28.12 -11.10 -12.98
CA LEU A 255 29.24 -10.45 -12.27
C LEU A 255 29.26 -8.94 -12.49
N THR A 256 28.81 -8.51 -13.67
CA THR A 256 28.81 -7.10 -13.99
C THR A 256 27.89 -6.25 -13.07
N ASN A 257 26.96 -6.87 -12.35
CA ASN A 257 26.04 -6.10 -11.50
C ASN A 257 26.77 -5.11 -10.58
N TYR A 258 27.91 -5.56 -10.06
CA TYR A 258 28.68 -4.80 -9.10
C TYR A 258 29.16 -3.47 -9.65
N ILE A 259 29.40 -3.38 -10.96
CA ILE A 259 29.73 -2.09 -11.57
C ILE A 259 28.53 -1.36 -12.19
N THR A 260 27.50 -2.09 -12.63
CA THR A 260 26.27 -1.46 -13.12
C THR A 260 25.74 -0.51 -12.07
N ALA A 261 25.76 -0.94 -10.81
CA ALA A 261 25.20 -0.12 -9.75
C ALA A 261 25.93 1.19 -9.50
N LEU A 262 27.14 1.32 -10.04
CA LEU A 262 27.90 2.55 -9.86
C LEU A 262 27.86 3.42 -11.10
N GLY A 263 27.04 3.03 -12.09
CA GLY A 263 26.83 3.84 -13.27
C GLY A 263 27.72 3.49 -14.45
N TYR A 264 28.48 2.39 -14.37
CA TYR A 264 29.30 1.93 -15.47
C TYR A 264 28.40 1.77 -16.70
N PRO A 265 28.85 2.18 -17.89
CA PRO A 265 30.18 2.65 -18.29
C PRO A 265 30.48 4.13 -18.09
N ASP A 266 29.57 4.88 -17.48
CA ASP A 266 29.83 6.30 -17.26
C ASP A 266 30.75 6.53 -16.05
N THR A 267 32.06 6.62 -16.31
CA THR A 267 33.03 6.80 -15.24
C THR A 267 33.03 8.21 -14.60
N THR A 268 32.21 9.13 -15.12
CA THR A 268 32.02 10.45 -14.46
C THR A 268 30.88 10.43 -13.45
N ASP A 269 30.11 9.34 -13.38
CA ASP A 269 29.05 9.23 -12.38
C ASP A 269 29.69 9.39 -10.98
N GLU A 270 28.98 10.09 -10.10
CA GLU A 270 29.44 10.34 -8.72
C GLU A 270 29.66 9.02 -7.99
N ARG A 271 28.83 8.04 -8.28
CA ARG A 271 28.97 6.74 -7.62
C ARG A 271 30.25 5.99 -8.06
N TRP A 272 30.81 6.34 -9.20
CA TRP A 272 31.91 5.55 -9.74
C TRP A 272 33.17 5.58 -8.86
N ALA A 273 33.33 6.62 -8.03
CA ALA A 273 34.40 6.68 -7.02
C ALA A 273 34.36 5.55 -5.98
N TYR A 274 33.24 4.87 -5.82
CA TYR A 274 33.19 3.66 -4.98
C TYR A 274 33.94 2.44 -5.54
N TRP A 275 34.21 2.41 -6.83
CA TRP A 275 34.93 1.28 -7.41
C TRP A 275 36.42 1.51 -7.17
N PRO A 276 37.17 0.47 -6.76
CA PRO A 276 36.83 -0.93 -6.61
C PRO A 276 36.18 -1.30 -5.28
N ALA A 277 35.30 -2.30 -5.29
CA ALA A 277 34.69 -2.79 -4.07
C ALA A 277 35.76 -3.12 -3.03
N ASN A 278 35.43 -2.77 -1.79
CA ASN A 278 36.21 -3.16 -0.63
C ASN A 278 35.97 -4.62 -0.25
N ALA A 279 34.76 -5.10 -0.43
CA ALA A 279 34.49 -6.50 -0.18
C ALA A 279 33.28 -6.99 -0.99
N HIS A 280 33.47 -8.11 -1.68
CA HIS A 280 32.34 -8.89 -2.21
C HIS A 280 32.09 -10.04 -1.24
N ILE A 281 30.92 -10.07 -0.66
CA ILE A 281 30.51 -11.16 0.19
C ILE A 281 29.73 -12.20 -0.63
N ILE A 282 30.19 -13.45 -0.57
CA ILE A 282 29.63 -14.52 -1.40
C ILE A 282 29.54 -15.83 -0.63
N GLY A 283 28.82 -16.78 -1.20
CA GLY A 283 28.86 -18.14 -0.73
C GLY A 283 30.07 -18.84 -1.33
N LYS A 284 30.50 -19.85 -0.62
CA LYS A 284 31.60 -20.69 -1.00
C LYS A 284 31.49 -21.40 -2.37
N ASP A 285 30.26 -21.74 -2.76
CA ASP A 285 30.02 -22.39 -4.05
C ASP A 285 30.33 -21.51 -5.26
N ILE A 286 30.43 -20.20 -5.08
CA ILE A 286 30.68 -19.32 -6.22
C ILE A 286 32.03 -18.59 -6.11
N SER A 287 32.92 -19.13 -5.27
CA SER A 287 34.25 -18.56 -5.06
C SER A 287 35.10 -18.44 -6.32
N ARG A 288 35.10 -19.48 -7.13
CA ARG A 288 35.89 -19.49 -8.35
C ARG A 288 35.47 -18.37 -9.29
N PHE A 289 34.17 -18.09 -9.34
CA PHE A 289 33.62 -17.13 -10.28
C PHE A 289 34.05 -15.70 -9.89
N HIS A 290 34.11 -15.42 -8.58
CA HIS A 290 34.52 -14.10 -8.09
C HIS A 290 36.05 -13.92 -7.96
N ALA A 291 36.81 -15.00 -7.78
CA ALA A 291 38.24 -14.89 -7.55
C ALA A 291 39.13 -15.29 -8.73
N VAL A 292 38.50 -15.82 -9.80
CA VAL A 292 39.20 -16.16 -11.05
C VAL A 292 38.58 -15.39 -12.22
N TYR A 293 37.30 -15.64 -12.51
CA TYR A 293 36.68 -15.08 -13.70
C TYR A 293 36.53 -13.56 -13.58
N TRP A 294 35.95 -13.09 -12.48
CA TRP A 294 35.70 -11.64 -12.30
C TRP A 294 37.00 -10.79 -12.40
N PRO A 295 38.04 -11.13 -11.63
CA PRO A 295 39.26 -10.31 -11.78
C PRO A 295 39.85 -10.35 -13.19
N ALA A 296 39.71 -11.47 -13.90
CA ALA A 296 40.24 -11.56 -15.26
C ALA A 296 39.47 -10.62 -16.16
N PHE A 297 38.13 -10.65 -16.06
CA PHE A 297 37.30 -9.74 -16.83
C PHE A 297 37.65 -8.27 -16.56
N LEU A 298 37.85 -7.94 -15.29
CA LEU A 298 38.24 -6.57 -14.89
C LEU A 298 39.55 -6.13 -15.49
N MET A 299 40.56 -7.00 -15.41
CA MET A 299 41.89 -6.74 -15.99
C MET A 299 41.75 -6.47 -17.48
N SER A 300 40.98 -7.31 -18.15
CA SER A 300 40.74 -7.18 -19.57
C SER A 300 40.15 -5.82 -19.87
N ALA A 301 39.15 -5.43 -19.09
CA ALA A 301 38.38 -4.20 -19.32
C ALA A 301 39.07 -2.96 -18.78
N GLN A 302 40.29 -3.11 -18.26
CA GLN A 302 41.12 -1.99 -17.78
C GLN A 302 40.57 -1.37 -16.50
N LEU A 303 40.02 -2.18 -15.60
CA LEU A 303 39.44 -1.68 -14.36
C LEU A 303 40.20 -2.22 -13.15
N PRO A 304 40.25 -1.44 -12.06
CA PRO A 304 40.87 -1.97 -10.84
C PRO A 304 40.06 -3.10 -10.22
N LEU A 305 40.73 -3.86 -9.36
CA LEU A 305 40.23 -5.08 -8.80
C LEU A 305 39.66 -4.89 -7.40
N PRO A 306 38.66 -5.67 -7.02
CA PRO A 306 38.17 -5.55 -5.66
C PRO A 306 39.26 -5.89 -4.66
N LYS A 307 39.18 -5.33 -3.46
CA LYS A 307 40.22 -5.55 -2.44
C LYS A 307 40.05 -6.91 -1.76
N ARG A 308 38.81 -7.39 -1.63
CA ARG A 308 38.58 -8.68 -1.00
C ARG A 308 37.29 -9.34 -1.46
N VAL A 309 37.37 -10.66 -1.61
CA VAL A 309 36.21 -11.55 -1.80
C VAL A 309 36.20 -12.45 -0.58
N PHE A 310 35.09 -12.43 0.17
CA PHE A 310 34.98 -13.27 1.34
C PHE A 310 33.81 -14.22 1.17
N ALA A 311 34.11 -15.51 1.30
CA ALA A 311 33.14 -16.57 1.13
C ALA A 311 32.69 -17.13 2.48
N HIS A 312 31.39 -17.03 2.75
CA HIS A 312 30.81 -17.62 3.95
C HIS A 312 30.41 -19.05 3.65
N GLY A 313 30.01 -19.75 4.71
CA GLY A 313 29.62 -21.16 4.61
C GLY A 313 28.12 -21.30 4.45
N PHE A 314 27.64 -22.53 4.59
CA PHE A 314 26.22 -22.85 4.44
C PHE A 314 25.61 -23.25 5.78
N LEU A 315 24.31 -23.03 5.90
CA LEU A 315 23.57 -23.36 7.12
C LEU A 315 22.67 -24.59 6.90
N PHE A 316 22.60 -25.46 7.90
CA PHE A 316 21.77 -26.68 7.84
C PHE A 316 20.82 -26.76 9.04
N ASN A 317 19.54 -27.04 8.80
CA ASN A 317 18.55 -27.28 9.87
C ASN A 317 18.84 -28.66 10.52
N ARG A 318 19.44 -28.62 11.71
CA ARG A 318 20.07 -29.79 12.31
C ARG A 318 20.64 -29.41 13.68
N ILE A 330 14.18 -23.36 7.50
CA ILE A 330 13.22 -23.39 6.40
C ILE A 330 13.09 -22.01 5.71
N ASP A 331 12.01 -21.29 6.02
CA ASP A 331 11.62 -20.00 5.38
C ASP A 331 12.01 -18.78 6.25
N PRO A 332 12.86 -17.87 5.72
CA PRO A 332 13.31 -16.75 6.58
C PRO A 332 12.18 -15.90 7.17
N PHE A 333 11.09 -15.70 6.42
CA PHE A 333 9.95 -14.92 6.95
C PHE A 333 9.38 -15.59 8.19
N GLU A 334 9.26 -16.91 8.15
CA GLU A 334 8.72 -17.70 9.28
C GLU A 334 9.66 -17.60 10.47
N LEU A 335 10.97 -17.71 10.20
CA LEU A 335 11.96 -17.64 11.28
C LEU A 335 11.91 -16.29 11.98
N VAL A 336 11.83 -15.20 11.20
CA VAL A 336 11.74 -13.85 11.78
C VAL A 336 10.47 -13.70 12.63
N GLU A 337 9.34 -14.18 12.13
CA GLU A 337 8.07 -14.11 12.85
C GLU A 337 8.17 -14.86 14.19
N ARG A 338 8.72 -16.08 14.14
CA ARG A 338 8.81 -16.93 15.31
C ARG A 338 9.79 -16.40 16.35
N TYR A 339 10.98 -15.97 15.95
CA TYR A 339 12.04 -15.65 16.94
C TYR A 339 12.25 -14.16 17.17
N GLY A 340 11.78 -13.32 16.24
CA GLY A 340 12.12 -11.89 16.22
C GLY A 340 13.36 -11.65 15.36
N LEU A 341 13.36 -10.54 14.61
CA LEU A 341 14.44 -10.24 13.66
C LEU A 341 15.83 -10.22 14.31
N ASP A 342 15.99 -9.39 15.33
CA ASP A 342 17.28 -9.18 15.96
C ASP A 342 17.80 -10.44 16.67
N GLN A 343 16.89 -11.25 17.18
CA GLN A 343 17.25 -12.56 17.75
C GLN A 343 17.87 -13.46 16.67
N LEU A 344 17.26 -13.49 15.50
CA LEU A 344 17.78 -14.31 14.41
C LEU A 344 19.11 -13.75 13.91
N ARG A 345 19.16 -12.44 13.73
CA ARG A 345 20.36 -11.76 13.22
C ARG A 345 21.54 -12.09 14.13
N TYR A 346 21.31 -11.91 15.44
CA TYR A 346 22.34 -12.19 16.42
C TYR A 346 22.70 -13.65 16.41
N PHE A 347 21.71 -14.55 16.41
CA PHE A 347 22.05 -15.97 16.42
C PHE A 347 22.97 -16.33 15.25
N LEU A 348 22.59 -15.95 14.03
CA LEU A 348 23.36 -16.36 12.86
C LEU A 348 24.81 -15.83 12.88
N MET A 349 24.99 -14.60 13.35
CA MET A 349 26.31 -13.98 13.34
C MET A 349 27.18 -14.37 14.54
N ARG A 350 26.57 -14.78 15.64
CA ARG A 350 27.32 -15.13 16.84
C ARG A 350 27.72 -16.61 16.85
N GLU A 351 26.81 -17.48 16.40
CA GLU A 351 26.92 -18.92 16.60
C GLU A 351 27.81 -19.58 15.56
N VAL A 352 27.81 -19.06 14.34
CA VAL A 352 28.59 -19.67 13.25
C VAL A 352 29.79 -18.81 12.94
N PRO A 353 31.01 -19.31 13.14
CA PRO A 353 32.17 -18.51 12.74
C PRO A 353 32.05 -18.16 11.24
N PHE A 354 32.12 -16.86 10.90
CA PHE A 354 31.85 -16.45 9.51
C PHE A 354 32.92 -17.03 8.57
N GLY A 355 32.48 -17.82 7.59
CA GLY A 355 33.39 -18.54 6.71
C GLY A 355 33.19 -20.05 6.80
N GLN A 356 32.69 -20.52 7.94
CA GLN A 356 32.43 -21.94 8.15
C GLN A 356 30.97 -22.28 7.92
N ASP A 357 30.73 -23.56 7.66
CA ASP A 357 29.39 -24.12 7.71
C ASP A 357 28.94 -24.12 9.17
N GLY A 358 27.62 -24.14 9.37
CA GLY A 358 27.07 -24.30 10.69
C GLY A 358 25.65 -24.88 10.66
N SER A 359 25.06 -24.97 11.84
CA SER A 359 23.71 -25.49 12.01
C SER A 359 22.90 -24.62 12.97
N TYR A 360 21.60 -24.56 12.69
CA TYR A 360 20.66 -23.90 13.57
C TYR A 360 19.57 -24.93 13.90
N SER A 361 18.88 -24.67 14.99
CA SER A 361 17.80 -25.52 15.43
C SER A 361 16.97 -24.66 16.35
N HIS A 362 15.72 -25.07 16.55
CA HIS A 362 14.83 -24.40 17.47
C HIS A 362 15.48 -24.19 18.82
N GLU A 363 15.99 -25.29 19.39
CA GLU A 363 16.59 -25.31 20.73
C GLU A 363 17.79 -24.38 20.83
N ALA A 364 18.69 -24.44 19.85
CA ALA A 364 19.90 -23.63 19.87
C ALA A 364 19.55 -22.13 19.80
N ILE A 365 18.65 -21.77 18.90
CA ILE A 365 18.23 -20.37 18.78
C ILE A 365 17.59 -19.83 20.07
N VAL A 366 16.63 -20.58 20.59
CA VAL A 366 15.91 -20.18 21.81
C VAL A 366 16.89 -19.99 22.96
N ASN A 367 17.76 -20.97 23.17
CA ASN A 367 18.66 -20.96 24.32
C ASN A 367 19.74 -19.90 24.21
N ARG A 368 20.35 -19.78 23.04
CA ARG A 368 21.37 -18.76 22.83
C ARG A 368 20.82 -17.36 22.98
N THR A 369 19.67 -17.11 22.35
CA THR A 369 19.10 -15.76 22.40
C THR A 369 18.48 -15.42 23.77
N ASN A 370 17.86 -16.41 24.41
CA ASN A 370 17.43 -16.21 25.82
C ASN A 370 18.62 -15.88 26.72
N ALA A 371 19.73 -16.61 26.60
CA ALA A 371 20.88 -16.39 27.49
C ALA A 371 21.59 -15.04 27.24
N ASP A 372 21.97 -14.76 26.00
CA ASP A 372 22.79 -13.59 25.70
C ASP A 372 21.95 -12.31 25.63
N LEU A 373 20.77 -12.37 24.98
CA LEU A 373 19.99 -11.18 24.71
C LEU A 373 18.99 -10.88 25.82
N ALA A 374 18.06 -11.80 26.09
CA ALA A 374 17.01 -11.51 27.09
C ALA A 374 17.57 -11.46 28.50
N ASN A 375 18.45 -12.39 28.84
CA ASN A 375 19.06 -12.36 30.16
C ASN A 375 20.21 -11.39 30.27
N ASP A 376 21.36 -11.75 29.70
CA ASP A 376 22.59 -10.96 29.90
C ASP A 376 22.43 -9.49 29.56
N LEU A 377 22.07 -9.17 28.33
CA LEU A 377 21.98 -7.78 27.95
C LEU A 377 20.69 -7.14 28.43
N GLY A 378 19.58 -7.71 28.01
CA GLY A 378 18.26 -7.18 28.34
C GLY A 378 17.94 -7.03 29.81
N ASN A 379 18.23 -8.05 30.60
CA ASN A 379 17.94 -7.94 32.02
C ASN A 379 18.97 -7.10 32.78
N LEU A 380 20.19 -6.94 32.24
CA LEU A 380 21.14 -6.03 32.89
C LEU A 380 20.56 -4.62 32.77
N ALA A 381 20.10 -4.25 31.57
CA ALA A 381 19.51 -2.93 31.35
C ALA A 381 18.27 -2.76 32.22
N GLN A 382 17.37 -3.74 32.23
CA GLN A 382 16.13 -3.62 33.03
C GLN A 382 16.41 -3.47 34.54
N ARG A 383 17.31 -4.28 35.10
CA ARG A 383 17.59 -4.16 36.54
C ARG A 383 18.21 -2.80 36.87
N SER A 384 19.22 -2.37 36.09
CA SER A 384 19.97 -1.17 36.45
C SER A 384 19.08 0.03 36.23
N LEU A 385 18.40 0.08 35.08
CA LEU A 385 17.62 1.26 34.76
C LEU A 385 16.34 1.39 35.60
N SER A 386 15.78 0.28 36.07
CA SER A 386 14.64 0.39 36.98
C SER A 386 15.09 0.91 38.37
N MET A 387 16.30 0.51 38.80
CA MET A 387 16.89 1.09 40.01
C MET A 387 17.14 2.59 39.89
N ILE A 388 17.54 3.03 38.71
CA ILE A 388 17.68 4.48 38.49
C ILE A 388 16.29 5.16 38.58
N ALA A 389 15.29 4.57 37.94
CA ALA A 389 13.92 5.06 37.99
C ALA A 389 13.42 5.15 39.42
N LYS A 390 13.57 4.05 40.16
CA LYS A 390 13.00 3.94 41.51
C LYS A 390 13.77 4.71 42.54
N ASN A 391 15.09 4.71 42.44
CA ASN A 391 15.94 5.24 43.52
C ASN A 391 16.68 6.52 43.21
N CYS A 392 16.77 6.88 41.94
CA CYS A 392 17.54 8.05 41.57
C CYS A 392 16.65 9.06 40.83
N GLU A 393 15.34 9.03 41.10
CA GLU A 393 14.39 10.00 40.54
C GLU A 393 14.34 9.98 39.00
N GLY A 394 14.66 8.85 38.39
CA GLY A 394 14.66 8.73 36.94
C GLY A 394 15.74 9.54 36.25
N LYS A 395 16.82 9.85 36.96
CA LYS A 395 17.92 10.65 36.42
C LYS A 395 19.22 9.88 36.52
N VAL A 396 20.04 9.97 35.49
CA VAL A 396 21.40 9.40 35.57
C VAL A 396 22.10 9.94 36.81
N PRO A 397 22.60 9.06 37.69
CA PRO A 397 23.24 9.57 38.92
C PRO A 397 24.56 10.21 38.63
N GLN A 398 24.99 11.05 39.55
CA GLN A 398 26.23 11.79 39.47
C GLN A 398 27.35 10.91 40.01
N PRO A 399 28.27 10.43 39.14
CA PRO A 399 29.32 9.52 39.61
C PRO A 399 30.38 10.19 40.46
N GLY A 400 30.76 9.56 41.56
CA GLY A 400 31.95 9.94 42.31
C GLY A 400 33.24 9.32 41.74
N ALA A 401 34.24 9.11 42.60
CA ALA A 401 35.47 8.43 42.24
C ALA A 401 35.21 7.01 41.77
N PHE A 402 35.94 6.60 40.75
CA PHE A 402 35.84 5.24 40.27
C PHE A 402 36.81 4.33 41.05
N SER A 403 36.29 3.21 41.54
CA SER A 403 37.12 2.17 42.16
C SER A 403 37.90 1.43 41.05
N GLU A 404 38.72 0.47 41.46
CA GLU A 404 39.43 -0.38 40.52
C GLU A 404 38.47 -1.22 39.67
N ALA A 405 37.44 -1.79 40.30
CA ALA A 405 36.43 -2.54 39.58
C ALA A 405 35.67 -1.68 38.59
N ASP A 406 35.32 -0.45 38.97
CA ASP A 406 34.66 0.48 38.07
C ASP A 406 35.54 0.71 36.82
N LYS A 407 36.80 1.02 37.02
CA LYS A 407 37.73 1.30 35.90
C LYS A 407 37.89 0.11 34.95
N ALA A 408 38.05 -1.08 35.52
CA ALA A 408 38.26 -2.28 34.76
C ALA A 408 37.12 -2.50 33.77
N ILE A 409 35.87 -2.37 34.23
CA ILE A 409 34.75 -2.62 33.31
C ILE A 409 34.61 -1.53 32.26
N LEU A 410 34.82 -0.29 32.65
CA LEU A 410 34.83 0.82 31.69
C LEU A 410 35.88 0.59 30.60
N ASP A 411 37.09 0.29 31.02
CA ASP A 411 38.20 0.03 30.07
C ASP A 411 37.96 -1.22 29.23
N GLN A 412 37.35 -2.25 29.80
CA GLN A 412 37.00 -3.42 28.99
C GLN A 412 36.05 -3.04 27.86
N ALA A 413 35.08 -2.18 28.15
CA ALA A 413 34.12 -1.73 27.12
C ALA A 413 34.80 -0.98 25.98
N ASP A 414 35.74 -0.11 26.33
CA ASP A 414 36.50 0.64 25.34
C ASP A 414 37.31 -0.28 24.47
N ALA A 415 37.99 -1.24 25.08
CA ALA A 415 38.85 -2.13 24.35
C ALA A 415 38.05 -3.03 23.41
N ALA A 416 36.79 -3.33 23.74
CA ALA A 416 35.96 -4.14 22.83
C ALA A 416 35.70 -3.47 21.47
N LEU A 417 35.65 -2.13 21.47
CA LEU A 417 35.48 -1.38 20.25
C LEU A 417 36.65 -1.62 19.32
N GLU A 418 37.88 -1.58 19.87
CA GLU A 418 39.08 -1.83 19.06
C GLU A 418 39.15 -3.26 18.55
N THR A 419 38.87 -4.22 19.43
CA THR A 419 38.80 -5.63 19.03
C THR A 419 37.74 -5.83 17.94
N ALA A 420 36.58 -5.19 18.11
CA ALA A 420 35.54 -5.29 17.09
C ALA A 420 36.00 -4.75 15.73
N ARG A 421 36.67 -3.60 15.72
CA ARG A 421 37.20 -3.03 14.48
C ARG A 421 38.15 -3.96 13.72
N LYS A 422 39.11 -4.52 14.45
CA LYS A 422 40.09 -5.46 13.87
C LYS A 422 39.41 -6.70 13.35
N ALA A 423 38.48 -7.25 14.13
CA ALA A 423 37.75 -8.41 13.71
C ALA A 423 36.96 -8.14 12.44
N MET A 424 36.27 -6.99 12.38
CA MET A 424 35.47 -6.67 11.21
C MET A 424 36.31 -6.44 9.96
N ASP A 425 37.56 -6.02 10.10
CA ASP A 425 38.47 -5.88 8.93
C ASP A 425 38.70 -7.24 8.26
N ASP A 426 38.58 -8.31 9.05
CA ASP A 426 38.74 -9.71 8.57
C ASP A 426 37.41 -10.44 8.43
N GLN A 427 36.30 -9.70 8.39
CA GLN A 427 34.97 -10.29 8.30
C GLN A 427 34.66 -11.33 9.41
N ALA A 428 35.32 -11.19 10.56
CA ALA A 428 35.10 -12.10 11.70
C ALA A 428 34.00 -11.58 12.64
N LEU A 429 32.77 -11.63 12.15
CA LEU A 429 31.57 -11.14 12.84
C LEU A 429 31.39 -11.75 14.24
N HIS A 430 31.54 -13.07 14.32
CA HIS A 430 31.46 -13.79 15.59
C HIS A 430 32.46 -13.26 16.62
N LEU A 431 33.64 -12.84 16.19
CA LEU A 431 34.65 -12.36 17.11
C LEU A 431 34.31 -10.93 17.57
N ALA A 432 33.74 -10.11 16.68
CA ALA A 432 33.28 -8.79 17.07
C ALA A 432 32.18 -8.91 18.10
N LEU A 433 31.17 -9.73 17.81
CA LEU A 433 30.08 -9.96 18.75
C LEU A 433 30.57 -10.61 20.03
N GLY A 434 31.47 -11.57 19.92
CA GLY A 434 32.01 -12.22 21.12
C GLY A 434 32.70 -11.23 22.05
N ALA A 435 33.46 -10.31 21.48
CA ALA A 435 34.15 -9.31 22.30
C ALA A 435 33.12 -8.43 23.03
N ILE A 436 32.09 -8.02 22.30
CA ILE A 436 31.11 -7.12 22.85
C ILE A 436 30.31 -7.82 23.94
N PHE A 437 29.88 -9.05 23.67
CA PHE A 437 29.09 -9.77 24.67
C PHE A 437 29.90 -10.28 25.87
N ALA A 438 31.22 -10.43 25.71
CA ALA A 438 32.08 -10.67 26.91
C ALA A 438 32.03 -9.45 27.85
N VAL A 439 31.87 -8.22 27.31
CA VAL A 439 31.73 -7.02 28.15
C VAL A 439 30.42 -7.09 28.94
N VAL A 440 29.36 -7.49 28.24
CA VAL A 440 28.06 -7.65 28.87
C VAL A 440 28.13 -8.70 29.98
N ALA A 441 28.68 -9.85 29.70
CA ALA A 441 28.81 -10.90 30.74
C ALA A 441 29.57 -10.35 31.96
N GLU A 442 30.70 -9.70 31.71
CA GLU A 442 31.50 -9.14 32.81
C GLU A 442 30.75 -8.01 33.55
N ALA A 443 29.96 -7.21 32.84
CA ALA A 443 29.19 -6.16 33.48
C ALA A 443 28.13 -6.72 34.40
N ASN A 444 27.52 -7.86 34.04
CA ASN A 444 26.63 -8.58 34.98
C ASN A 444 27.34 -9.01 36.25
N ARG A 445 28.53 -9.60 36.12
CA ARG A 445 29.33 -9.96 37.29
C ARG A 445 29.63 -8.73 38.12
N TYR A 446 30.05 -7.65 37.46
CA TYR A 446 30.34 -6.40 38.13
C TYR A 446 29.11 -5.92 38.93
N PHE A 447 27.97 -5.80 38.26
CA PHE A 447 26.73 -5.32 38.91
C PHE A 447 26.32 -6.20 40.13
N ALA A 448 26.24 -7.51 39.93
CA ALA A 448 25.93 -8.41 41.03
C ALA A 448 26.95 -8.30 42.19
N GLY A 449 28.24 -8.20 41.87
CA GLY A 449 29.26 -8.10 42.91
C GLY A 449 29.17 -6.81 43.71
N GLN A 450 28.77 -5.70 43.07
CA GLN A 450 28.66 -4.43 43.77
C GLN A 450 27.41 -4.34 44.68
N GLU A 451 26.37 -5.13 44.40
CA GLU A 451 25.19 -5.14 45.25
C GLU A 451 24.63 -3.75 45.52
N PRO A 452 24.32 -3.00 44.48
CA PRO A 452 23.97 -1.59 44.73
C PRO A 452 22.67 -1.40 45.55
N TRP A 453 21.77 -2.38 45.48
CA TRP A 453 20.57 -2.40 46.34
C TRP A 453 20.95 -2.27 47.84
N ALA A 454 21.99 -2.98 48.25
CA ALA A 454 22.45 -2.93 49.64
C ALA A 454 23.07 -1.59 50.01
N LEU A 455 23.59 -0.87 49.03
CA LEU A 455 24.23 0.43 49.26
C LEU A 455 23.21 1.54 49.38
N ARG A 456 21.99 1.29 48.89
N ARG A 456 21.99 1.29 48.89
CA ARG A 456 20.93 2.29 48.95
CA ARG A 456 20.93 2.29 48.95
C ARG A 456 20.77 2.88 50.34
C ARG A 456 20.77 2.88 50.34
N LYS A 457 20.89 2.03 51.35
CA LYS A 457 20.79 2.44 52.75
C LYS A 457 22.11 3.01 53.26
N THR A 458 23.15 2.20 53.19
CA THR A 458 24.46 2.54 53.77
C THR A 458 25.21 3.67 53.04
N ASP A 459 25.21 3.68 51.70
CA ASP A 459 26.03 4.63 50.94
C ASP A 459 25.39 4.96 49.59
N PRO A 460 24.37 5.84 49.62
CA PRO A 460 23.60 6.16 48.43
C PRO A 460 24.43 6.75 47.28
N ALA A 461 25.39 7.60 47.60
CA ALA A 461 26.30 8.17 46.62
C ALA A 461 27.12 7.06 45.89
N ARG A 462 27.59 6.05 46.63
CA ARG A 462 28.27 4.92 46.01
C ARG A 462 27.32 4.08 45.15
N MET A 463 26.10 3.88 45.61
CA MET A 463 25.10 3.24 44.79
C MET A 463 24.94 3.97 43.45
N GLY A 464 24.87 5.30 43.55
CA GLY A 464 24.74 6.16 42.37
C GLY A 464 25.89 5.92 41.41
N THR A 465 27.10 5.81 41.93
CA THR A 465 28.30 5.64 41.06
C THR A 465 28.30 4.28 40.35
N VAL A 466 27.96 3.21 41.07
CA VAL A 466 27.77 1.87 40.46
C VAL A 466 26.70 1.88 39.36
N LEU A 467 25.57 2.53 39.64
CA LEU A 467 24.52 2.62 38.65
C LEU A 467 24.95 3.43 37.42
N TYR A 468 25.69 4.53 37.63
CA TYR A 468 26.26 5.31 36.55
C TYR A 468 27.16 4.44 35.69
N VAL A 469 28.07 3.70 36.32
CA VAL A 469 29.00 2.81 35.61
C VAL A 469 28.29 1.78 34.78
N THR A 470 27.28 1.14 35.38
CA THR A 470 26.48 0.12 34.65
C THR A 470 25.78 0.75 33.42
N ALA A 471 25.16 1.91 33.59
CA ALA A 471 24.49 2.57 32.49
C ALA A 471 25.44 3.00 31.39
N GLU A 472 26.61 3.47 31.80
CA GLU A 472 27.61 3.98 30.85
C GLU A 472 28.21 2.83 30.06
N VAL A 473 28.47 1.71 30.74
CA VAL A 473 28.88 0.50 30.02
C VAL A 473 27.79 0.10 28.98
N LEU A 474 26.53 0.20 29.39
CA LEU A 474 25.39 -0.14 28.52
C LEU A 474 25.32 0.78 27.34
N ARG A 475 25.65 2.06 27.53
CA ARG A 475 25.68 3.01 26.43
C ARG A 475 26.74 2.61 25.40
N ARG A 476 27.92 2.26 25.90
CA ARG A 476 29.01 1.87 25.01
C ARG A 476 28.65 0.58 24.24
N VAL A 477 28.09 -0.40 24.97
CA VAL A 477 27.68 -1.65 24.35
C VAL A 477 26.56 -1.39 23.32
N GLY A 478 25.60 -0.56 23.70
CA GLY A 478 24.50 -0.20 22.83
C GLY A 478 24.97 0.36 21.50
N ILE A 479 25.90 1.30 21.56
CA ILE A 479 26.48 1.85 20.33
C ILE A 479 27.15 0.78 19.48
N MET A 480 27.91 -0.09 20.13
CA MET A 480 28.70 -1.12 19.46
C MET A 480 27.87 -2.22 18.82
N VAL A 481 26.70 -2.54 19.36
CA VAL A 481 25.84 -3.56 18.77
C VAL A 481 24.85 -3.06 17.71
N GLN A 482 24.75 -1.74 17.50
CA GLN A 482 23.86 -1.22 16.49
C GLN A 482 23.91 -1.97 15.13
N PRO A 483 25.11 -2.27 14.61
CA PRO A 483 25.12 -2.88 13.27
C PRO A 483 24.57 -4.28 13.23
N PHE A 484 24.62 -4.98 14.36
CA PHE A 484 24.25 -6.39 14.44
C PHE A 484 22.77 -6.57 14.74
N ILE A 485 22.24 -5.71 15.64
CA ILE A 485 20.84 -5.78 16.07
C ILE A 485 20.21 -4.36 16.11
N PRO A 486 19.95 -3.75 14.94
CA PRO A 486 19.78 -2.29 14.91
C PRO A 486 18.60 -1.75 15.70
N GLN A 487 17.43 -2.36 15.53
CA GLN A 487 16.23 -1.87 16.22
C GLN A 487 16.32 -2.00 17.73
N SER A 488 16.85 -3.13 18.20
CA SER A 488 16.98 -3.36 19.62
C SER A 488 18.04 -2.43 20.22
N ALA A 489 19.17 -2.23 19.53
CA ALA A 489 20.22 -1.30 19.99
C ALA A 489 19.66 0.12 20.10
N GLU A 490 18.88 0.50 19.09
CA GLU A 490 18.26 1.80 19.08
C GLU A 490 17.35 2.01 20.31
N LYS A 491 16.53 1.01 20.65
CA LYS A 491 15.62 1.10 21.79
C LYS A 491 16.43 1.19 23.07
N LEU A 492 17.51 0.42 23.17
CA LEU A 492 18.39 0.48 24.34
C LEU A 492 18.98 1.89 24.51
N LEU A 493 19.50 2.47 23.42
CA LEU A 493 20.03 3.80 23.48
C LEU A 493 18.94 4.86 23.77
N ASP A 494 17.70 4.64 23.26
CA ASP A 494 16.58 5.54 23.57
C ASP A 494 16.30 5.54 25.08
N ILE A 495 16.29 4.36 25.73
CA ILE A 495 16.03 4.37 27.18
C ILE A 495 17.23 4.86 28.01
N LEU A 496 18.37 5.07 27.38
CA LEU A 496 19.51 5.74 28.01
C LEU A 496 19.53 7.23 27.65
N ALA A 497 18.48 7.71 26.97
CA ALA A 497 18.37 9.13 26.52
C ALA A 497 19.58 9.60 25.74
N VAL A 498 20.13 8.76 24.88
CA VAL A 498 21.29 9.15 24.08
C VAL A 498 20.79 9.89 22.86
N PRO A 499 21.26 11.13 22.64
CA PRO A 499 20.76 11.85 21.45
C PRO A 499 21.08 11.10 20.16
N ALA A 500 20.27 11.33 19.14
CA ALA A 500 20.42 10.65 17.87
C ALA A 500 21.74 10.96 17.19
N ASP A 501 22.29 12.14 17.45
CA ASP A 501 23.57 12.53 16.88
C ASP A 501 24.78 12.20 17.74
N LYS A 502 24.60 11.35 18.74
CA LYS A 502 25.71 10.85 19.57
C LYS A 502 25.80 9.32 19.55
N ARG A 503 25.64 8.73 18.38
CA ARG A 503 25.55 7.29 18.26
C ARG A 503 26.57 6.69 17.27
N GLN A 504 27.60 7.45 16.92
CA GLN A 504 28.70 6.96 16.10
C GLN A 504 29.71 6.25 17.02
N PHE A 505 30.59 5.43 16.44
CA PHE A 505 31.60 4.73 17.26
C PHE A 505 32.55 5.75 17.96
N ALA A 506 32.78 6.92 17.33
CA ALA A 506 33.57 7.97 17.97
C ALA A 506 32.93 8.43 19.31
N ASP A 507 31.61 8.29 19.45
CA ASP A 507 30.93 8.67 20.69
C ASP A 507 31.17 7.73 21.87
N VAL A 508 31.59 6.50 21.59
CA VAL A 508 31.91 5.56 22.62
C VAL A 508 32.91 6.20 23.57
N LEU A 509 33.99 6.77 23.03
CA LEU A 509 35.03 7.45 23.84
C LEU A 509 34.72 8.91 24.20
N ALA A 510 34.07 9.64 23.29
CA ALA A 510 33.95 11.08 23.45
C ALA A 510 32.70 11.55 24.20
N SER A 511 31.67 10.71 24.37
CA SER A 511 30.35 11.19 24.76
C SER A 511 29.70 10.41 25.90
N PRO A 512 30.34 10.41 27.06
CA PRO A 512 29.76 9.65 28.14
C PRO A 512 28.45 10.23 28.67
N LEU A 513 27.63 9.39 29.27
CA LEU A 513 26.43 9.85 29.97
C LEU A 513 26.74 10.98 30.98
N ALA A 514 25.85 11.96 31.00
CA ALA A 514 25.97 13.10 31.89
C ALA A 514 25.05 12.90 33.07
N GLY A 515 25.60 13.02 34.28
CA GLY A 515 24.79 12.98 35.48
C GLY A 515 23.68 14.01 35.40
N GLY A 516 22.51 13.68 35.95
CA GLY A 516 21.37 14.60 35.90
C GLY A 516 20.44 14.43 34.70
N THR A 517 20.84 13.66 33.70
CA THR A 517 20.00 13.43 32.55
C THR A 517 18.75 12.60 32.87
N ASP A 518 17.56 13.11 32.48
CA ASP A 518 16.29 12.37 32.66
C ASP A 518 16.24 11.19 31.72
N LEU A 519 15.93 10.04 32.28
CA LEU A 519 15.72 8.83 31.51
C LEU A 519 14.25 8.42 31.49
N PRO A 520 13.76 7.95 30.32
CA PRO A 520 12.39 7.47 30.30
C PRO A 520 12.24 6.18 31.06
N ALA A 521 11.00 5.84 31.40
CA ALA A 521 10.73 4.61 32.15
C ALA A 521 11.21 3.47 31.28
N PRO A 522 11.97 2.55 31.85
CA PRO A 522 12.54 1.50 31.00
C PRO A 522 11.55 0.37 30.65
N GLN A 523 11.73 -0.23 29.47
CA GLN A 523 10.96 -1.44 29.09
C GLN A 523 11.96 -2.47 28.62
N PRO A 524 11.68 -3.78 28.82
CA PRO A 524 12.58 -4.81 28.33
C PRO A 524 12.84 -4.70 26.82
N VAL A 525 14.10 -4.71 26.44
CA VAL A 525 14.46 -4.66 25.03
C VAL A 525 14.33 -6.04 24.35
N PHE A 526 14.60 -7.11 25.09
CA PHE A 526 14.56 -8.47 24.57
C PHE A 526 13.76 -9.36 25.50
N PRO A 527 12.47 -9.58 25.20
CA PRO A 527 11.71 -10.49 26.07
C PRO A 527 12.14 -11.93 25.86
N ARG A 528 12.04 -12.77 26.89
CA ARG A 528 12.31 -14.20 26.74
C ARG A 528 11.36 -14.85 25.76
N TYR A 529 11.82 -15.89 25.07
CA TYR A 529 10.96 -16.69 24.20
C TYR A 529 10.09 -17.58 25.10
N ARG B 24 -15.81 -5.04 -49.00
CA ARG B 24 -17.14 -5.66 -49.26
C ARG B 24 -17.53 -6.70 -48.19
N GLU B 25 -16.62 -7.60 -47.86
CA GLU B 25 -16.88 -8.60 -46.81
C GLU B 25 -17.00 -7.92 -45.41
N LYS B 26 -18.05 -8.29 -44.68
CA LYS B 26 -18.39 -7.65 -43.40
C LYS B 26 -17.66 -8.24 -42.20
N TYR B 27 -17.26 -7.38 -41.26
CA TYR B 27 -16.51 -7.77 -40.09
C TYR B 27 -17.02 -6.98 -38.91
N TYR B 28 -17.56 -7.67 -37.91
CA TYR B 28 -18.12 -7.03 -36.70
C TYR B 28 -17.36 -7.49 -35.46
N ILE B 29 -16.83 -6.52 -34.72
CA ILE B 29 -16.03 -6.78 -33.54
C ILE B 29 -16.47 -5.83 -32.40
N THR B 30 -16.43 -6.35 -31.17
CA THR B 30 -16.99 -5.70 -30.01
C THR B 30 -16.03 -5.85 -28.86
N THR B 31 -16.11 -4.92 -27.92
CA THR B 31 -15.62 -5.10 -26.57
C THR B 31 -16.79 -5.40 -25.65
N ALA B 32 -16.51 -5.99 -24.52
CA ALA B 32 -17.48 -6.03 -23.45
C ALA B 32 -17.77 -4.60 -23.06
N ILE B 33 -18.96 -4.40 -22.51
CA ILE B 33 -19.34 -3.09 -22.03
C ILE B 33 -18.89 -2.91 -20.57
N ALA B 34 -18.41 -1.70 -20.28
CA ALA B 34 -17.81 -1.37 -19.00
C ALA B 34 -18.88 -1.00 -18.00
N TYR B 35 -18.60 -1.25 -16.71
CA TYR B 35 -19.51 -0.86 -15.63
C TYR B 35 -19.04 0.44 -15.02
N PRO B 36 -19.79 1.52 -15.22
CA PRO B 36 -19.29 2.81 -14.83
C PRO B 36 -19.66 3.25 -13.39
N ASN B 37 -19.46 2.38 -12.40
CA ASN B 37 -19.62 2.76 -10.99
C ASN B 37 -18.30 3.23 -10.38
N GLY B 38 -17.44 3.80 -11.19
CA GLY B 38 -16.12 4.28 -10.75
C GLY B 38 -15.45 4.94 -11.94
N LYS B 39 -14.15 5.09 -11.87
CA LYS B 39 -13.37 5.70 -12.91
C LYS B 39 -12.87 4.65 -13.92
N PRO B 40 -12.63 5.06 -15.18
CA PRO B 40 -11.92 4.14 -16.05
C PRO B 40 -10.57 3.74 -15.47
N HIS B 41 -10.23 2.46 -15.59
CA HIS B 41 -8.93 1.94 -15.24
C HIS B 41 -8.21 1.33 -16.46
N ILE B 42 -6.98 0.88 -16.24
CA ILE B 42 -6.06 0.44 -17.28
C ILE B 42 -6.61 -0.80 -17.98
N GLY B 43 -7.38 -1.62 -17.26
CA GLY B 43 -8.07 -2.79 -17.83
C GLY B 43 -9.03 -2.44 -18.95
N HIS B 44 -9.89 -1.48 -18.69
CA HIS B 44 -10.78 -0.92 -19.73
C HIS B 44 -10.00 -0.40 -20.95
N ALA B 45 -8.93 0.35 -20.73
CA ALA B 45 -8.17 0.93 -21.83
C ALA B 45 -7.49 -0.16 -22.66
N TYR B 46 -6.97 -1.18 -21.97
CA TYR B 46 -6.27 -2.26 -22.61
C TYR B 46 -7.20 -2.99 -23.55
N GLU B 47 -8.38 -3.37 -23.05
CA GLU B 47 -9.37 -4.05 -23.89
C GLU B 47 -9.75 -3.22 -25.11
N LEU B 48 -9.97 -1.92 -24.90
CA LEU B 48 -10.40 -1.03 -26.00
C LEU B 48 -9.28 -0.83 -27.05
N ILE B 49 -8.04 -0.63 -26.58
CA ILE B 49 -6.87 -0.48 -27.48
C ILE B 49 -6.71 -1.72 -28.36
N ALA B 50 -6.70 -2.89 -27.72
CA ALA B 50 -6.55 -4.15 -28.45
C ALA B 50 -7.64 -4.32 -29.49
N THR B 51 -8.87 -4.07 -29.11
CA THR B 51 -9.98 -4.28 -30.02
C THR B 51 -9.97 -3.23 -31.12
N ASP B 52 -9.62 -1.98 -30.77
CA ASP B 52 -9.43 -0.93 -31.80
C ASP B 52 -8.39 -1.34 -32.86
N ALA B 53 -7.27 -1.87 -32.42
CA ALA B 53 -6.23 -2.29 -33.36
C ALA B 53 -6.75 -3.40 -34.28
N MET B 54 -7.56 -4.29 -33.72
CA MET B 54 -8.10 -5.38 -34.55
C MET B 54 -9.09 -4.83 -35.58
N ALA B 55 -9.93 -3.88 -35.16
CA ALA B 55 -10.88 -3.24 -36.07
C ALA B 55 -10.14 -2.55 -37.19
N ARG B 56 -9.14 -1.73 -36.82
CA ARG B 56 -8.40 -0.95 -37.84
C ARG B 56 -7.67 -1.87 -38.82
N PHE B 57 -7.12 -2.94 -38.30
CA PHE B 57 -6.41 -3.91 -39.12
C PHE B 57 -7.34 -4.48 -40.23
N GLN B 58 -8.55 -4.87 -39.86
CA GLN B 58 -9.49 -5.36 -40.87
C GLN B 58 -9.99 -4.28 -41.85
N ARG B 59 -10.15 -3.04 -41.41
CA ARG B 59 -10.49 -1.93 -42.37
C ARG B 59 -9.37 -1.79 -43.43
N LEU B 60 -8.13 -1.83 -42.97
CA LEU B 60 -6.99 -1.69 -43.85
C LEU B 60 -6.81 -2.96 -44.71
N ASN B 61 -7.38 -4.07 -44.26
CA ASN B 61 -7.33 -5.33 -44.99
C ASN B 61 -8.51 -5.48 -45.97
N GLY B 62 -9.26 -4.41 -46.19
CA GLY B 62 -10.31 -4.38 -47.19
C GLY B 62 -11.69 -4.81 -46.73
N MET B 63 -11.90 -4.93 -45.42
N MET B 63 -11.90 -4.94 -45.42
CA MET B 63 -13.20 -5.39 -44.89
CA MET B 63 -13.19 -5.40 -44.88
C MET B 63 -14.10 -4.22 -44.57
C MET B 63 -14.11 -4.22 -44.56
N ASP B 64 -15.40 -4.49 -44.57
CA ASP B 64 -16.39 -3.52 -44.15
C ASP B 64 -16.61 -3.80 -42.66
N VAL B 65 -16.08 -2.91 -41.82
CA VAL B 65 -15.97 -3.14 -40.40
C VAL B 65 -17.00 -2.33 -39.62
N TYR B 66 -17.58 -2.95 -38.60
CA TYR B 66 -18.32 -2.24 -37.59
C TYR B 66 -17.70 -2.64 -36.27
N PHE B 67 -17.45 -1.65 -35.42
CA PHE B 67 -16.71 -1.84 -34.17
C PHE B 67 -17.46 -1.13 -33.03
N LEU B 68 -17.83 -1.90 -32.00
CA LEU B 68 -18.66 -1.41 -30.89
C LEU B 68 -17.93 -1.45 -29.57
N THR B 69 -18.25 -0.47 -28.73
CA THR B 69 -17.94 -0.54 -27.29
C THR B 69 -19.05 0.22 -26.54
N GLY B 70 -19.03 0.23 -25.22
CA GLY B 70 -20.06 0.95 -24.46
C GLY B 70 -20.10 0.64 -22.98
N THR B 71 -21.23 0.93 -22.34
CA THR B 71 -21.37 0.80 -20.90
C THR B 71 -22.67 0.09 -20.46
N ASP B 72 -22.52 -0.70 -19.40
CA ASP B 72 -23.55 -1.49 -18.73
C ASP B 72 -23.92 -0.65 -17.50
N GLU B 73 -25.10 -0.03 -17.50
CA GLU B 73 -25.41 1.04 -16.52
C GLU B 73 -26.45 0.71 -15.44
N HIS B 74 -27.17 -0.40 -15.59
CA HIS B 74 -28.18 -0.79 -14.64
C HIS B 74 -27.61 -1.55 -13.45
N GLY B 75 -28.50 -1.86 -12.50
CA GLY B 75 -28.20 -2.78 -11.40
C GLY B 75 -28.16 -2.12 -10.03
N ILE B 76 -28.12 -2.94 -9.00
CA ILE B 76 -28.21 -2.46 -7.63
C ILE B 76 -26.95 -1.68 -7.22
N LYS B 77 -25.78 -2.10 -7.68
CA LYS B 77 -24.53 -1.34 -7.41
C LYS B 77 -24.59 0.09 -7.92
N MET B 78 -25.13 0.30 -9.13
CA MET B 78 -25.31 1.67 -9.62
C MET B 78 -26.33 2.45 -8.79
N LEU B 79 -27.44 1.81 -8.44
CA LEU B 79 -28.45 2.40 -7.57
C LEU B 79 -27.86 2.82 -6.20
N GLN B 80 -27.06 1.96 -5.60
CA GLN B 80 -26.42 2.23 -4.35
C GLN B 80 -25.42 3.42 -4.45
N SER B 81 -24.56 3.44 -5.46
CA SER B 81 -23.65 4.58 -5.64
C SER B 81 -24.45 5.88 -5.81
N ALA B 82 -25.54 5.81 -6.55
CA ALA B 82 -26.35 6.99 -6.83
C ALA B 82 -26.94 7.57 -5.53
N ARG B 83 -27.40 6.69 -4.63
CA ARG B 83 -27.95 7.08 -3.34
C ARG B 83 -26.90 7.73 -2.45
N LYS B 84 -25.72 7.09 -2.33
CA LYS B 84 -24.59 7.65 -1.58
C LYS B 84 -24.28 9.09 -2.04
N GLU B 85 -24.49 9.39 -3.33
CA GLU B 85 -24.25 10.72 -3.86
C GLU B 85 -25.46 11.65 -3.95
N GLY B 86 -26.64 11.18 -3.58
CA GLY B 86 -27.87 12.00 -3.59
C GLY B 86 -28.41 12.40 -4.97
N ILE B 87 -28.20 11.54 -5.98
CA ILE B 87 -28.68 11.79 -7.35
C ILE B 87 -29.35 10.54 -7.91
N THR B 88 -30.08 10.69 -9.01
CA THR B 88 -30.75 9.53 -9.63
C THR B 88 -29.68 8.60 -10.27
N PRO B 89 -30.00 7.30 -10.41
CA PRO B 89 -29.12 6.37 -11.12
C PRO B 89 -28.77 6.81 -12.55
N ARG B 90 -29.76 7.28 -13.30
CA ARG B 90 -29.55 7.79 -14.64
C ARG B 90 -28.57 8.98 -14.65
N ASP B 91 -28.75 9.91 -13.72
CA ASP B 91 -27.83 11.06 -13.55
C ASP B 91 -26.42 10.58 -13.26
N LEU B 92 -26.27 9.65 -12.33
CA LEU B 92 -24.97 9.09 -12.03
C LEU B 92 -24.37 8.41 -13.26
N ALA B 93 -25.17 7.62 -13.97
CA ALA B 93 -24.70 6.99 -15.20
C ALA B 93 -24.20 8.03 -16.24
N ASP B 94 -25.00 9.07 -16.48
CA ASP B 94 -24.62 10.13 -17.42
C ASP B 94 -23.27 10.72 -17.03
N ARG B 95 -23.11 11.04 -15.76
CA ARG B 95 -21.85 11.57 -15.29
C ARG B 95 -20.66 10.62 -15.46
N ASN B 96 -20.79 9.40 -14.97
CA ASN B 96 -19.66 8.47 -14.97
C ASN B 96 -19.32 7.94 -16.37
N THR B 97 -20.34 7.63 -17.16
CA THR B 97 -20.10 7.17 -18.53
C THR B 97 -19.33 8.22 -19.34
N SER B 98 -19.54 9.52 -19.08
CA SER B 98 -18.83 10.52 -19.85
C SER B 98 -17.30 10.39 -19.72
N ALA B 99 -16.79 9.91 -18.59
CA ALA B 99 -15.33 9.70 -18.45
C ALA B 99 -14.85 8.49 -19.27
N PHE B 100 -15.73 7.48 -19.39
CA PHE B 100 -15.46 6.35 -20.30
C PHE B 100 -15.47 6.74 -21.78
N ARG B 101 -16.41 7.59 -22.18
CA ARG B 101 -16.39 8.17 -23.53
C ARG B 101 -15.12 9.00 -23.76
N ARG B 102 -14.74 9.81 -22.77
N ARG B 102 -14.75 9.82 -22.78
CA ARG B 102 -13.49 10.56 -22.85
CA ARG B 102 -13.49 10.60 -22.85
C ARG B 102 -12.30 9.61 -23.00
C ARG B 102 -12.30 9.62 -22.99
N MET B 103 -12.31 8.52 -22.25
CA MET B 103 -11.27 7.51 -22.40
C MET B 103 -11.18 6.98 -23.85
N ALA B 104 -12.30 6.62 -24.45
CA ALA B 104 -12.29 6.16 -25.85
C ALA B 104 -11.66 7.20 -26.78
N GLU B 105 -12.05 8.45 -26.62
CA GLU B 105 -11.47 9.54 -27.43
C GLU B 105 -9.96 9.69 -27.21
N VAL B 106 -9.53 9.74 -25.95
CA VAL B 106 -8.09 9.92 -25.63
C VAL B 106 -7.23 8.76 -26.14
N LEU B 107 -7.86 7.58 -26.26
CA LEU B 107 -7.14 6.39 -26.78
C LEU B 107 -7.18 6.27 -28.32
N ASN B 108 -7.81 7.25 -28.98
CA ASN B 108 -7.96 7.23 -30.44
C ASN B 108 -8.70 5.97 -30.92
N SER B 109 -9.78 5.66 -30.22
CA SER B 109 -10.66 4.57 -30.61
C SER B 109 -11.51 4.89 -31.83
N SER B 110 -11.53 3.96 -32.78
CA SER B 110 -12.28 4.10 -34.03
C SER B 110 -13.66 3.44 -33.96
N ASN B 111 -14.21 3.26 -32.78
CA ASN B 111 -15.54 2.61 -32.69
C ASN B 111 -16.57 3.35 -33.49
N ASP B 112 -17.45 2.60 -34.15
CA ASP B 112 -18.45 3.18 -35.05
C ASP B 112 -19.69 3.60 -34.31
N ASP B 113 -19.90 3.12 -33.07
CA ASP B 113 -21.04 3.53 -32.25
C ASP B 113 -20.62 3.34 -30.78
N TYR B 114 -21.43 3.86 -29.86
CA TYR B 114 -21.17 3.74 -28.43
C TYR B 114 -22.51 3.42 -27.76
N ILE B 115 -22.62 2.22 -27.16
CA ILE B 115 -23.90 1.75 -26.65
C ILE B 115 -23.94 1.97 -25.14
N ARG B 116 -25.04 2.55 -24.65
CA ARG B 116 -25.29 2.71 -23.21
C ARG B 116 -26.59 1.96 -22.95
N THR B 117 -26.58 1.04 -21.98
CA THR B 117 -27.76 0.20 -21.75
C THR B 117 -28.94 1.01 -21.20
N SER B 118 -28.69 2.25 -20.79
CA SER B 118 -29.76 3.17 -20.40
C SER B 118 -30.57 3.75 -21.56
N GLU B 119 -30.14 3.56 -22.81
CA GLU B 119 -30.82 4.11 -23.97
C GLU B 119 -32.07 3.29 -24.33
N GLU B 120 -33.09 4.00 -24.80
CA GLU B 120 -34.34 3.40 -25.21
C GLU B 120 -34.14 2.27 -26.24
N ARG B 121 -33.22 2.45 -27.19
CA ARG B 121 -33.03 1.44 -28.20
C ARG B 121 -32.64 0.11 -27.57
N HIS B 122 -31.93 0.17 -26.43
CA HIS B 122 -31.52 -1.05 -25.72
C HIS B 122 -32.65 -1.65 -24.94
N TYR B 123 -33.51 -0.80 -24.38
CA TYR B 123 -34.71 -1.28 -23.73
C TYR B 123 -35.54 -2.08 -24.70
N LYS B 124 -35.76 -1.54 -25.91
CA LYS B 124 -36.57 -2.23 -26.94
C LYS B 124 -35.92 -3.54 -27.40
N ALA B 125 -34.60 -3.55 -27.61
CA ALA B 125 -33.95 -4.76 -28.06
C ALA B 125 -34.01 -5.87 -26.98
N SER B 126 -33.81 -5.51 -25.72
CA SER B 126 -33.81 -6.47 -24.63
C SER B 126 -35.20 -7.06 -24.42
N GLN B 127 -36.21 -6.21 -24.49
CA GLN B 127 -37.57 -6.71 -24.42
C GLN B 127 -37.89 -7.63 -25.60
N ALA B 128 -37.38 -7.29 -26.78
CA ALA B 128 -37.65 -8.14 -27.95
C ALA B 128 -36.97 -9.51 -27.83
N ILE B 129 -35.69 -9.55 -27.44
CA ILE B 129 -35.04 -10.85 -27.28
C ILE B 129 -35.69 -11.68 -26.16
N TRP B 130 -36.03 -11.03 -25.05
CA TRP B 130 -36.80 -11.68 -23.97
C TRP B 130 -38.08 -12.36 -24.52
N GLN B 131 -38.85 -11.61 -25.32
N GLN B 131 -38.85 -11.60 -25.30
CA GLN B 131 -40.10 -12.13 -25.90
CA GLN B 131 -40.12 -12.09 -25.90
C GLN B 131 -39.86 -13.26 -26.89
C GLN B 131 -39.87 -13.24 -26.89
N ALA B 132 -38.78 -13.16 -27.66
CA ALA B 132 -38.38 -14.25 -28.54
C ALA B 132 -38.05 -15.54 -27.74
N MET B 133 -37.38 -15.40 -26.60
CA MET B 133 -37.09 -16.56 -25.77
C MET B 133 -38.37 -17.12 -25.10
N VAL B 134 -39.29 -16.23 -24.71
CA VAL B 134 -40.61 -16.65 -24.21
C VAL B 134 -41.32 -17.48 -25.28
N ALA B 135 -41.35 -17.00 -26.52
CA ALA B 135 -42.03 -17.72 -27.60
C ALA B 135 -41.36 -19.06 -27.92
N ASN B 136 -40.07 -19.21 -27.65
CA ASN B 136 -39.45 -20.50 -27.85
C ASN B 136 -39.71 -21.49 -26.69
N GLY B 137 -40.43 -21.07 -25.65
CA GLY B 137 -40.71 -21.88 -24.46
C GLY B 137 -39.60 -21.88 -23.41
N ASP B 138 -38.67 -20.92 -23.47
CA ASP B 138 -37.45 -20.98 -22.65
C ASP B 138 -37.42 -20.12 -21.39
N ILE B 139 -38.52 -19.44 -21.08
CA ILE B 139 -38.56 -18.59 -19.90
C ILE B 139 -39.80 -18.90 -19.05
N TYR B 140 -39.62 -19.03 -17.74
CA TYR B 140 -40.74 -19.24 -16.85
C TYR B 140 -40.55 -18.48 -15.57
N LYS B 141 -41.63 -18.37 -14.82
CA LYS B 141 -41.62 -17.72 -13.53
C LYS B 141 -41.46 -18.76 -12.44
N GLY B 142 -40.54 -18.50 -11.50
CA GLY B 142 -40.32 -19.36 -10.35
C GLY B 142 -39.70 -18.54 -9.22
N GLY B 143 -38.76 -19.12 -8.51
CA GLY B 143 -38.09 -18.44 -7.40
C GLY B 143 -36.73 -19.04 -7.15
N TYR B 144 -35.83 -18.24 -6.59
CA TYR B 144 -34.57 -18.81 -6.07
C TYR B 144 -34.58 -18.71 -4.55
N ALA B 145 -33.88 -19.66 -3.94
CA ALA B 145 -33.66 -19.65 -2.50
C ALA B 145 -32.32 -20.31 -2.25
N GLY B 146 -31.50 -19.69 -1.42
CA GLY B 146 -30.16 -20.18 -1.28
C GLY B 146 -29.27 -19.33 -0.43
N TRP B 147 -28.08 -19.82 -0.21
CA TRP B 147 -27.11 -19.15 0.62
C TRP B 147 -26.34 -18.11 -0.20
N TYR B 148 -26.30 -16.88 0.27
CA TYR B 148 -25.68 -15.77 -0.48
C TYR B 148 -24.58 -15.15 0.36
N SER B 149 -23.42 -14.87 -0.26
CA SER B 149 -22.33 -14.16 0.39
C SER B 149 -22.26 -12.73 -0.13
N VAL B 150 -22.53 -11.77 0.75
CA VAL B 150 -22.46 -10.35 0.38
C VAL B 150 -21.01 -9.98 -0.01
N ARG B 151 -20.03 -10.57 0.68
CA ARG B 151 -18.62 -10.26 0.43
C ARG B 151 -18.10 -10.87 -0.89
N ASP B 152 -18.54 -12.09 -1.22
CA ASP B 152 -18.17 -12.76 -2.49
C ASP B 152 -19.11 -12.33 -3.65
N GLU B 153 -20.30 -11.81 -3.32
CA GLU B 153 -21.36 -11.49 -4.30
C GLU B 153 -21.74 -12.73 -5.14
N ALA B 154 -21.96 -13.86 -4.44
CA ALA B 154 -22.29 -15.13 -5.08
C ALA B 154 -23.21 -15.97 -4.22
N TYR B 155 -24.00 -16.81 -4.89
CA TYR B 155 -24.91 -17.75 -4.28
C TYR B 155 -24.23 -19.10 -4.23
N TYR B 156 -24.53 -19.89 -3.22
CA TYR B 156 -23.96 -21.21 -3.09
C TYR B 156 -25.03 -22.21 -2.70
N GLY B 157 -24.89 -23.44 -3.20
CA GLY B 157 -25.61 -24.60 -2.66
C GLY B 157 -25.22 -24.87 -1.22
N GLU B 158 -26.13 -25.42 -0.41
CA GLU B 158 -25.84 -25.69 1.02
C GLU B 158 -24.71 -26.71 1.20
N GLU B 159 -24.46 -27.55 0.20
CA GLU B 159 -23.28 -28.46 0.25
C GLU B 159 -21.88 -27.76 0.13
N GLU B 160 -21.87 -26.48 -0.29
CA GLU B 160 -20.64 -25.67 -0.43
C GLU B 160 -20.39 -24.75 0.80
N ARG B 169 -22.46 -19.52 9.40
CA ARG B 169 -22.40 -20.18 8.10
C ARG B 169 -21.43 -19.45 7.17
N TYR B 170 -20.41 -20.16 6.69
CA TYR B 170 -19.50 -19.65 5.67
C TYR B 170 -19.58 -20.48 4.38
N GLY B 171 -19.35 -19.79 3.27
CA GLY B 171 -19.29 -20.41 1.95
C GLY B 171 -17.88 -20.83 1.60
N PRO B 172 -17.69 -21.43 0.41
CA PRO B 172 -16.41 -22.03 0.05
C PRO B 172 -15.27 -21.03 -0.22
N GLN B 173 -15.54 -19.72 -0.30
CA GLN B 173 -14.47 -18.71 -0.42
C GLN B 173 -14.08 -18.12 0.94
N GLY B 174 -14.56 -18.75 2.03
CA GLY B 174 -14.18 -18.38 3.39
C GLY B 174 -14.84 -17.12 3.93
N THR B 175 -15.94 -16.70 3.30
CA THR B 175 -16.73 -15.54 3.77
C THR B 175 -18.13 -15.97 4.19
N PRO B 176 -18.78 -15.20 5.09
CA PRO B 176 -20.13 -15.54 5.55
C PRO B 176 -21.22 -15.60 4.45
N VAL B 177 -22.20 -16.48 4.67
CA VAL B 177 -23.39 -16.56 3.81
C VAL B 177 -24.66 -16.40 4.64
N GLU B 178 -25.72 -15.91 4.00
CA GLU B 178 -27.03 -15.63 4.59
C GLU B 178 -28.10 -16.17 3.63
N TRP B 179 -29.22 -16.63 4.18
CA TRP B 179 -30.32 -17.13 3.33
C TRP B 179 -31.07 -15.97 2.65
N VAL B 180 -31.28 -16.13 1.35
CA VAL B 180 -31.98 -15.19 0.49
C VAL B 180 -33.05 -15.96 -0.27
N GLU B 181 -34.20 -15.35 -0.49
CA GLU B 181 -35.34 -16.01 -1.14
C GLU B 181 -36.14 -14.93 -1.87
N GLU B 182 -36.30 -15.07 -3.19
CA GLU B 182 -37.02 -14.09 -4.01
C GLU B 182 -37.66 -14.77 -5.22
N GLU B 183 -38.71 -14.16 -5.74
CA GLU B 183 -39.31 -14.56 -6.99
C GLU B 183 -38.34 -14.15 -8.11
N SER B 184 -38.33 -14.94 -9.19
CA SER B 184 -37.44 -14.68 -10.33
C SER B 184 -37.94 -15.38 -11.55
N TYR B 185 -37.78 -14.73 -12.70
CA TYR B 185 -37.86 -15.45 -14.00
C TYR B 185 -36.58 -16.24 -14.23
N PHE B 186 -36.70 -17.34 -14.95
CA PHE B 186 -35.59 -18.22 -15.28
C PHE B 186 -35.57 -18.49 -16.77
N PHE B 187 -34.36 -18.55 -17.31
CA PHE B 187 -34.09 -19.09 -18.64
C PHE B 187 -33.76 -20.60 -18.50
N ARG B 188 -34.33 -21.41 -19.38
CA ARG B 188 -34.12 -22.87 -19.38
C ARG B 188 -32.74 -23.29 -19.93
N LEU B 189 -31.69 -22.85 -19.24
CA LEU B 189 -30.33 -23.15 -19.68
C LEU B 189 -30.08 -24.65 -19.68
N SER B 190 -30.74 -25.37 -18.77
CA SER B 190 -30.61 -26.84 -18.70
C SER B 190 -30.98 -27.52 -20.00
N ALA B 191 -31.79 -26.87 -20.84
CA ALA B 191 -32.15 -27.44 -22.15
C ALA B 191 -31.04 -27.29 -23.20
N TYR B 192 -29.95 -26.55 -22.90
CA TYR B 192 -28.93 -26.23 -23.89
C TYR B 192 -27.57 -26.91 -23.68
N GLN B 193 -27.47 -27.85 -22.74
CA GLN B 193 -26.21 -28.51 -22.48
C GLN B 193 -25.66 -29.20 -23.75
N ASP B 194 -26.48 -30.05 -24.37
CA ASP B 194 -26.02 -30.83 -25.54
C ASP B 194 -25.75 -29.96 -26.73
N LYS B 195 -26.62 -28.96 -26.96
CA LYS B 195 -26.43 -28.06 -28.08
C LYS B 195 -25.11 -27.30 -27.93
N LEU B 196 -24.80 -26.90 -26.70
CA LEU B 196 -23.56 -26.14 -26.46
C LEU B 196 -22.36 -27.04 -26.65
N LEU B 197 -22.40 -28.25 -26.14
CA LEU B 197 -21.28 -29.18 -26.39
C LEU B 197 -21.08 -29.44 -27.88
N ASP B 198 -22.18 -29.63 -28.61
CA ASP B 198 -22.12 -29.74 -30.08
C ASP B 198 -21.47 -28.51 -30.70
N LEU B 199 -21.85 -27.32 -30.23
CA LEU B 199 -21.21 -26.07 -30.74
C LEU B 199 -19.70 -26.07 -30.54
N TYR B 200 -19.22 -26.40 -29.35
CA TYR B 200 -17.78 -26.38 -29.07
C TYR B 200 -17.05 -27.44 -29.92
N GLU B 201 -17.68 -28.61 -30.09
CA GLU B 201 -17.09 -29.69 -30.91
C GLU B 201 -17.01 -29.29 -32.38
N ASN B 202 -18.05 -28.69 -32.93
CA ASN B 202 -18.05 -28.29 -34.34
C ASN B 202 -17.35 -26.98 -34.68
N ASN B 203 -17.13 -26.13 -33.67
CA ASN B 203 -16.41 -24.89 -33.86
CA ASN B 203 -16.39 -24.85 -33.88
C ASN B 203 -15.32 -24.77 -32.82
N PRO B 204 -14.15 -25.39 -33.08
CA PRO B 204 -13.04 -25.42 -32.15
C PRO B 204 -12.55 -24.02 -31.80
N GLY B 205 -12.74 -23.04 -32.68
CA GLY B 205 -12.30 -21.66 -32.39
C GLY B 205 -13.35 -20.80 -31.70
N PHE B 206 -14.45 -21.38 -31.25
CA PHE B 206 -15.57 -20.59 -30.76
C PHE B 206 -15.18 -19.78 -29.52
N ILE B 207 -14.38 -20.38 -28.63
CA ILE B 207 -13.97 -19.71 -27.40
C ILE B 207 -12.46 -19.93 -27.25
N MET B 208 -11.69 -18.82 -27.26
CA MET B 208 -10.21 -18.87 -27.21
C MET B 208 -9.68 -17.89 -26.17
N PRO B 209 -8.44 -18.06 -25.70
CA PRO B 209 -7.50 -19.15 -26.03
C PRO B 209 -7.88 -20.53 -25.51
N ALA B 210 -7.08 -21.53 -25.87
CA ALA B 210 -7.33 -22.93 -25.58
C ALA B 210 -7.69 -23.22 -24.12
N GLU B 211 -6.99 -22.63 -23.17
CA GLU B 211 -7.32 -22.85 -21.75
C GLU B 211 -8.73 -22.37 -21.38
N ARG B 212 -9.22 -21.30 -22.00
CA ARG B 212 -10.61 -20.85 -21.76
C ARG B 212 -11.60 -21.90 -22.25
N ARG B 213 -11.33 -22.46 -23.43
CA ARG B 213 -12.14 -23.53 -24.00
C ARG B 213 -12.27 -24.72 -23.07
N ASN B 214 -11.14 -25.17 -22.52
CA ASN B 214 -11.16 -26.33 -21.61
C ASN B 214 -12.01 -26.05 -20.39
N GLU B 215 -11.93 -24.84 -19.85
CA GLU B 215 -12.73 -24.44 -18.69
C GLU B 215 -14.21 -24.44 -19.04
N ILE B 216 -14.53 -23.93 -20.23
CA ILE B 216 -15.93 -23.85 -20.66
C ILE B 216 -16.51 -25.26 -20.91
N VAL B 217 -15.78 -26.09 -21.66
CA VAL B 217 -16.29 -27.43 -21.96
C VAL B 217 -16.53 -28.23 -20.67
N SER B 218 -15.59 -28.15 -19.73
CA SER B 218 -15.70 -28.86 -18.47
C SER B 218 -16.89 -28.36 -17.65
N PHE B 219 -17.07 -27.04 -17.64
CA PHE B 219 -18.23 -26.46 -17.00
C PHE B 219 -19.54 -27.00 -17.57
N VAL B 220 -19.69 -26.98 -18.88
CA VAL B 220 -20.94 -27.44 -19.49
C VAL B 220 -21.13 -28.95 -19.29
N LYS B 221 -20.06 -29.72 -19.44
CA LYS B 221 -20.14 -31.18 -19.19
C LYS B 221 -20.64 -31.51 -17.80
N SER B 222 -20.29 -30.71 -16.81
CA SER B 222 -20.67 -31.02 -15.45
C SER B 222 -22.16 -30.71 -15.17
N GLY B 223 -22.88 -30.14 -16.15
CA GLY B 223 -24.32 -30.05 -16.09
C GLY B 223 -24.73 -28.60 -15.86
N LEU B 224 -25.73 -28.13 -16.61
CA LEU B 224 -26.19 -26.76 -16.49
C LEU B 224 -27.54 -26.67 -15.80
N LYS B 225 -27.70 -25.72 -14.89
CA LYS B 225 -28.98 -25.49 -14.20
C LYS B 225 -29.64 -24.28 -14.85
N ASP B 226 -30.95 -24.15 -14.66
CA ASP B 226 -31.68 -23.02 -15.17
C ASP B 226 -31.17 -21.74 -14.49
N LEU B 227 -31.26 -20.63 -15.22
CA LEU B 227 -30.57 -19.39 -14.92
C LEU B 227 -31.52 -18.26 -14.52
N SER B 228 -31.32 -17.69 -13.33
CA SER B 228 -32.12 -16.59 -12.85
C SER B 228 -31.83 -15.36 -13.72
N ILE B 229 -32.87 -14.76 -14.29
CA ILE B 229 -32.71 -13.64 -15.21
C ILE B 229 -33.49 -12.40 -14.88
N SER B 230 -34.12 -12.33 -13.72
CA SER B 230 -34.82 -11.11 -13.30
C SER B 230 -34.61 -10.82 -11.83
N ARG B 231 -34.96 -9.58 -11.43
CA ARG B 231 -34.91 -9.17 -10.02
C ARG B 231 -36.15 -8.34 -9.69
N THR B 232 -36.62 -8.48 -8.46
CA THR B 232 -37.75 -7.70 -7.93
C THR B 232 -37.27 -6.67 -6.90
N THR B 233 -35.96 -6.65 -6.62
CA THR B 233 -35.38 -5.93 -5.49
C THR B 233 -34.94 -4.48 -5.77
N PHE B 234 -35.04 -4.04 -7.02
CA PHE B 234 -34.71 -2.68 -7.37
C PHE B 234 -35.39 -2.43 -8.72
N ASP B 235 -35.59 -1.16 -9.04
CA ASP B 235 -36.28 -0.78 -10.29
C ASP B 235 -35.36 -0.12 -11.33
N TRP B 236 -34.07 -0.03 -11.03
CA TRP B 236 -33.08 0.49 -11.96
C TRP B 236 -32.62 -0.63 -12.93
N GLY B 237 -33.46 -0.84 -13.95
CA GLY B 237 -33.28 -1.89 -14.94
C GLY B 237 -34.41 -1.85 -15.95
N ILE B 238 -34.40 -2.76 -16.90
CA ILE B 238 -35.39 -2.84 -17.95
C ILE B 238 -36.52 -3.70 -17.46
N PRO B 239 -37.76 -3.20 -17.53
CA PRO B 239 -38.87 -4.00 -17.05
C PRO B 239 -39.03 -5.28 -17.87
N VAL B 240 -39.40 -6.36 -17.19
CA VAL B 240 -39.83 -7.58 -17.84
C VAL B 240 -41.18 -7.33 -18.54
N PRO B 241 -41.27 -7.64 -19.84
CA PRO B 241 -42.53 -7.47 -20.53
C PRO B 241 -43.63 -8.31 -19.89
N GLY B 242 -44.74 -7.68 -19.54
CA GLY B 242 -45.87 -8.37 -18.93
C GLY B 242 -45.82 -8.44 -17.42
N ASP B 243 -44.74 -7.96 -16.80
CA ASP B 243 -44.56 -8.14 -15.36
C ASP B 243 -43.54 -7.14 -14.88
N GLU B 244 -43.95 -5.88 -14.80
CA GLU B 244 -42.96 -4.83 -14.62
C GLU B 244 -42.53 -4.62 -13.16
N LYS B 245 -43.12 -5.37 -12.24
CA LYS B 245 -42.53 -5.62 -10.91
C LYS B 245 -41.15 -6.31 -10.98
N HIS B 246 -40.85 -6.95 -12.10
CA HIS B 246 -39.51 -7.48 -12.33
C HIS B 246 -38.74 -6.59 -13.28
N VAL B 247 -37.46 -6.42 -12.99
CA VAL B 247 -36.51 -5.93 -14.02
C VAL B 247 -35.51 -7.03 -14.43
N MET B 248 -34.95 -6.87 -15.61
CA MET B 248 -33.97 -7.81 -16.11
C MET B 248 -32.69 -7.72 -15.33
N TYR B 249 -32.16 -8.88 -15.00
CA TYR B 249 -30.87 -8.98 -14.33
C TYR B 249 -29.80 -8.86 -15.41
N VAL B 250 -28.54 -8.86 -14.99
CA VAL B 250 -27.41 -8.52 -15.88
C VAL B 250 -27.30 -9.38 -17.16
N TRP B 251 -27.71 -10.64 -17.12
CA TRP B 251 -27.39 -11.57 -18.24
C TRP B 251 -28.02 -11.11 -19.56
N VAL B 252 -29.34 -10.98 -19.60
CA VAL B 252 -30.02 -10.59 -20.82
C VAL B 252 -29.74 -9.12 -21.15
N ASP B 253 -29.73 -8.27 -20.13
CA ASP B 253 -29.54 -6.83 -20.33
C ASP B 253 -28.16 -6.54 -20.97
N ALA B 254 -27.09 -6.91 -20.30
CA ALA B 254 -25.77 -6.55 -20.79
C ALA B 254 -25.41 -7.27 -22.10
N LEU B 255 -25.69 -8.57 -22.24
CA LEU B 255 -25.29 -9.31 -23.45
C LEU B 255 -25.98 -8.81 -24.71
N THR B 256 -27.22 -8.37 -24.57
CA THR B 256 -27.99 -7.90 -25.68
C THR B 256 -27.41 -6.62 -26.36
N ASN B 257 -26.51 -5.90 -25.70
CA ASN B 257 -25.93 -4.69 -26.31
C ASN B 257 -25.39 -4.93 -27.72
N TYR B 258 -24.77 -6.10 -27.90
CA TYR B 258 -24.16 -6.46 -29.17
C TYR B 258 -25.12 -6.49 -30.33
N ILE B 259 -26.40 -6.82 -30.08
CA ILE B 259 -27.41 -6.77 -31.15
C ILE B 259 -28.24 -5.46 -31.16
N THR B 260 -28.43 -4.82 -30.01
CA THR B 260 -29.03 -3.49 -29.96
C THR B 260 -28.35 -2.54 -30.95
N ALA B 261 -27.03 -2.57 -30.99
CA ALA B 261 -26.27 -1.65 -31.80
C ALA B 261 -26.47 -1.87 -33.30
N LEU B 262 -27.02 -3.00 -33.69
CA LEU B 262 -27.28 -3.26 -35.09
C LEU B 262 -28.74 -3.04 -35.46
N GLY B 263 -29.53 -2.53 -34.53
CA GLY B 263 -30.92 -2.19 -34.79
C GLY B 263 -31.93 -3.25 -34.43
N TYR B 264 -31.49 -4.35 -33.80
CA TYR B 264 -32.40 -5.40 -33.33
C TYR B 264 -33.49 -4.76 -32.50
N PRO B 265 -34.75 -5.17 -32.69
CA PRO B 265 -35.30 -6.30 -33.45
C PRO B 265 -35.59 -6.05 -34.92
N ASP B 266 -35.27 -4.88 -35.45
CA ASP B 266 -35.57 -4.58 -36.84
C ASP B 266 -34.53 -5.21 -37.77
N THR B 267 -34.83 -6.40 -38.26
CA THR B 267 -33.88 -7.15 -39.05
C THR B 267 -33.74 -6.61 -40.48
N THR B 268 -34.50 -5.56 -40.83
CA THR B 268 -34.30 -4.87 -42.12
C THR B 268 -33.31 -3.72 -42.03
N ASP B 269 -32.87 -3.38 -40.82
CA ASP B 269 -31.88 -2.32 -40.64
C ASP B 269 -30.61 -2.69 -41.45
N GLU B 270 -30.00 -1.69 -42.08
CA GLU B 270 -28.78 -1.87 -42.90
C GLU B 270 -27.63 -2.44 -42.04
N ARG B 271 -27.60 -2.07 -40.76
CA ARG B 271 -26.60 -2.60 -39.86
C ARG B 271 -26.78 -4.09 -39.54
N TRP B 272 -27.99 -4.61 -39.69
CA TRP B 272 -28.27 -5.97 -39.20
C TRP B 272 -27.46 -7.05 -39.94
N ALA B 273 -27.02 -6.75 -41.17
CA ALA B 273 -26.12 -7.67 -41.92
C ALA B 273 -24.75 -7.90 -41.26
N TYR B 274 -24.35 -7.06 -40.31
CA TYR B 274 -23.15 -7.34 -39.49
C TYR B 274 -23.27 -8.51 -38.51
N TRP B 275 -24.49 -8.93 -38.19
CA TRP B 275 -24.68 -10.04 -37.26
C TRP B 275 -24.55 -11.32 -38.07
N PRO B 276 -23.85 -12.35 -37.54
CA PRO B 276 -23.24 -12.50 -36.24
C PRO B 276 -21.84 -11.90 -36.10
N ALA B 277 -21.50 -11.41 -34.91
CA ALA B 277 -20.18 -10.87 -34.68
C ALA B 277 -19.11 -11.86 -35.09
N ASN B 278 -18.04 -11.30 -35.66
CA ASN B 278 -16.83 -12.07 -35.98
C ASN B 278 -15.98 -12.31 -34.73
N ALA B 279 -15.97 -11.35 -33.81
CA ALA B 279 -15.26 -11.57 -32.57
C ALA B 279 -15.81 -10.71 -31.46
N HIS B 280 -16.10 -11.33 -30.31
CA HIS B 280 -16.33 -10.62 -29.08
C HIS B 280 -15.02 -10.69 -28.28
N ILE B 281 -14.44 -9.53 -28.02
CA ILE B 281 -13.26 -9.42 -27.17
C ILE B 281 -13.67 -9.11 -25.72
N ILE B 282 -13.20 -9.97 -24.80
CA ILE B 282 -13.66 -9.92 -23.41
C ILE B 282 -12.50 -10.22 -22.49
N GLY B 283 -12.72 -9.98 -21.19
CA GLY B 283 -11.82 -10.43 -20.16
C GLY B 283 -12.17 -11.85 -19.72
N LYS B 284 -11.18 -12.57 -19.24
CA LYS B 284 -11.34 -13.97 -18.92
C LYS B 284 -12.31 -14.22 -17.78
N ASP B 285 -12.56 -13.23 -16.92
CA ASP B 285 -13.56 -13.34 -15.86
C ASP B 285 -15.00 -13.44 -16.36
N ILE B 286 -15.28 -13.05 -17.61
CA ILE B 286 -16.65 -13.10 -18.10
C ILE B 286 -16.84 -14.12 -19.21
N SER B 287 -15.89 -15.06 -19.32
CA SER B 287 -15.89 -16.01 -20.42
C SER B 287 -17.11 -16.92 -20.41
N ARG B 288 -17.52 -17.35 -19.22
CA ARG B 288 -18.70 -18.20 -19.12
C ARG B 288 -19.96 -17.52 -19.65
N PHE B 289 -20.07 -16.22 -19.44
CA PHE B 289 -21.26 -15.49 -19.80
C PHE B 289 -21.38 -15.40 -21.32
N HIS B 290 -20.24 -15.22 -22.00
CA HIS B 290 -20.22 -15.06 -23.45
C HIS B 290 -20.23 -16.39 -24.20
N ALA B 291 -19.72 -17.45 -23.59
CA ALA B 291 -19.53 -18.71 -24.28
C ALA B 291 -20.55 -19.80 -23.88
N VAL B 292 -21.35 -19.52 -22.86
CA VAL B 292 -22.41 -20.43 -22.40
C VAL B 292 -23.76 -19.74 -22.48
N TYR B 293 -23.93 -18.67 -21.72
CA TYR B 293 -25.25 -18.03 -21.63
C TYR B 293 -25.64 -17.35 -22.94
N TRP B 294 -24.75 -16.52 -23.49
CA TRP B 294 -25.05 -15.78 -24.71
C TRP B 294 -25.44 -16.71 -25.88
N PRO B 295 -24.62 -17.73 -26.19
CA PRO B 295 -25.03 -18.61 -27.30
C PRO B 295 -26.35 -19.37 -27.05
N ALA B 296 -26.64 -19.70 -25.80
CA ALA B 296 -27.93 -20.33 -25.47
C ALA B 296 -29.09 -19.38 -25.72
N PHE B 297 -28.96 -18.12 -25.25
CA PHE B 297 -29.97 -17.10 -25.51
C PHE B 297 -30.21 -16.95 -27.02
N LEU B 298 -29.10 -16.86 -27.78
CA LEU B 298 -29.18 -16.66 -29.22
C LEU B 298 -29.91 -17.81 -29.89
N MET B 299 -29.55 -19.06 -29.51
CA MET B 299 -30.20 -20.26 -30.03
C MET B 299 -31.70 -20.20 -29.77
N SER B 300 -32.06 -19.85 -28.54
CA SER B 300 -33.46 -19.73 -28.13
C SER B 300 -34.19 -18.73 -28.99
N ALA B 301 -33.55 -17.59 -29.23
CA ALA B 301 -34.15 -16.47 -29.98
C ALA B 301 -34.04 -16.62 -31.49
N GLN B 302 -33.48 -17.74 -31.96
CA GLN B 302 -33.41 -18.08 -33.39
C GLN B 302 -32.43 -17.20 -34.14
N LEU B 303 -31.32 -16.89 -33.52
CA LEU B 303 -30.29 -16.02 -34.13
C LEU B 303 -29.00 -16.78 -34.30
N PRO B 304 -28.24 -16.47 -35.35
CA PRO B 304 -26.94 -17.11 -35.49
C PRO B 304 -25.99 -16.69 -34.36
N LEU B 305 -24.94 -17.48 -34.20
CA LEU B 305 -23.96 -17.36 -33.14
C LEU B 305 -22.70 -16.59 -33.56
N PRO B 306 -22.09 -15.85 -32.62
CA PRO B 306 -20.83 -15.24 -32.97
C PRO B 306 -19.80 -16.30 -33.40
N LYS B 307 -18.87 -15.90 -34.26
CA LYS B 307 -17.85 -16.83 -34.74
C LYS B 307 -16.74 -17.08 -33.71
N ARG B 308 -16.43 -16.08 -32.88
CA ARG B 308 -15.38 -16.25 -31.86
C ARG B 308 -15.57 -15.33 -30.68
N VAL B 309 -15.28 -15.88 -29.49
CA VAL B 309 -15.15 -15.13 -28.27
C VAL B 309 -13.69 -15.27 -27.87
N PHE B 310 -12.97 -14.14 -27.71
CA PHE B 310 -11.58 -14.19 -27.31
C PHE B 310 -11.38 -13.45 -26.02
N ALA B 311 -10.79 -14.16 -25.05
CA ALA B 311 -10.60 -13.66 -23.72
C ALA B 311 -9.15 -13.29 -23.49
N HIS B 312 -8.91 -12.01 -23.24
CA HIS B 312 -7.57 -11.53 -22.87
C HIS B 312 -7.36 -11.69 -21.38
N GLY B 313 -6.12 -11.45 -20.96
CA GLY B 313 -5.76 -11.58 -19.57
C GLY B 313 -5.83 -10.27 -18.83
N PHE B 314 -5.32 -10.25 -17.61
CA PHE B 314 -5.32 -9.04 -16.77
C PHE B 314 -3.92 -8.43 -16.62
N LEU B 315 -3.86 -7.12 -16.38
CA LEU B 315 -2.63 -6.39 -16.18
C LEU B 315 -2.40 -6.08 -14.70
N PHE B 316 -1.16 -6.20 -14.24
CA PHE B 316 -0.79 -5.87 -12.84
C PHE B 316 0.33 -4.81 -12.76
N ILE B 330 -2.05 3.38 -12.48
CA ILE B 330 -3.28 2.76 -12.97
C ILE B 330 -4.26 3.66 -13.68
N ASP B 331 -4.10 4.98 -13.70
CA ASP B 331 -5.11 5.81 -14.40
C ASP B 331 -4.72 5.97 -15.87
N PRO B 332 -5.53 5.44 -16.82
CA PRO B 332 -5.12 5.45 -18.22
C PRO B 332 -4.86 6.87 -18.76
N PHE B 333 -5.58 7.88 -18.29
CA PHE B 333 -5.33 9.26 -18.73
C PHE B 333 -3.92 9.73 -18.32
N GLU B 334 -3.51 9.38 -17.12
CA GLU B 334 -2.17 9.76 -16.61
C GLU B 334 -1.10 9.03 -17.42
N LEU B 335 -1.34 7.75 -17.71
CA LEU B 335 -0.37 6.98 -18.49
C LEU B 335 -0.16 7.56 -19.88
N VAL B 336 -1.25 7.90 -20.56
CA VAL B 336 -1.16 8.49 -21.90
C VAL B 336 -0.39 9.83 -21.83
N GLU B 337 -0.72 10.69 -20.85
CA GLU B 337 -0.06 11.99 -20.69
C GLU B 337 1.44 11.81 -20.46
N ARG B 338 1.81 10.87 -19.59
CA ARG B 338 3.21 10.63 -19.28
C ARG B 338 4.02 9.99 -20.44
N TYR B 339 3.49 8.96 -21.10
CA TYR B 339 4.28 8.18 -22.10
C TYR B 339 3.99 8.50 -23.55
N GLY B 340 2.86 9.14 -23.82
CA GLY B 340 2.33 9.28 -25.18
C GLY B 340 1.41 8.11 -25.49
N LEU B 341 0.33 8.39 -26.23
CA LEU B 341 -0.67 7.40 -26.56
C LEU B 341 -0.08 6.19 -27.31
N ASP B 342 0.57 6.45 -28.43
CA ASP B 342 1.09 5.36 -29.27
C ASP B 342 2.14 4.52 -28.59
N GLN B 343 2.92 5.15 -27.72
CA GLN B 343 3.88 4.43 -26.91
C GLN B 343 3.17 3.41 -26.00
N LEU B 344 2.09 3.85 -25.37
CA LEU B 344 1.35 2.96 -24.49
C LEU B 344 0.66 1.85 -25.26
N ARG B 345 0.03 2.23 -26.38
CA ARG B 345 -0.64 1.30 -27.23
C ARG B 345 0.30 0.21 -27.64
N TYR B 346 1.47 0.62 -28.14
CA TYR B 346 2.47 -0.33 -28.62
C TYR B 346 2.98 -1.19 -27.46
N PHE B 347 3.30 -0.57 -26.34
CA PHE B 347 3.77 -1.37 -25.22
C PHE B 347 2.75 -2.50 -24.83
N LEU B 348 1.50 -2.14 -24.63
CA LEU B 348 0.52 -3.12 -24.16
C LEU B 348 0.34 -4.27 -25.16
N MET B 349 0.34 -3.96 -26.46
CA MET B 349 0.11 -5.00 -27.47
C MET B 349 1.36 -5.83 -27.85
N ARG B 350 2.54 -5.28 -27.62
CA ARG B 350 3.78 -5.98 -27.94
C ARG B 350 4.28 -6.86 -26.79
N GLU B 351 4.14 -6.37 -25.58
CA GLU B 351 4.80 -6.97 -24.45
C GLU B 351 4.01 -8.01 -23.71
N VAL B 352 2.68 -7.98 -23.84
CA VAL B 352 1.84 -9.00 -23.25
C VAL B 352 1.27 -9.86 -24.36
N PRO B 353 1.68 -11.13 -24.43
CA PRO B 353 1.01 -11.99 -25.38
C PRO B 353 -0.52 -11.97 -25.17
N PHE B 354 -1.28 -11.66 -26.21
CA PHE B 354 -2.74 -11.45 -26.04
C PHE B 354 -3.43 -12.76 -25.63
N GLY B 355 -4.08 -12.74 -24.47
CA GLY B 355 -4.66 -13.97 -23.88
C GLY B 355 -4.02 -14.30 -22.53
N GLN B 356 -2.80 -13.83 -22.31
CA GLN B 356 -2.08 -14.02 -21.06
C GLN B 356 -2.15 -12.80 -20.16
N ASP B 357 -2.00 -13.06 -18.86
CA ASP B 357 -1.82 -12.00 -17.89
C ASP B 357 -0.45 -11.38 -18.17
N GLY B 358 -0.28 -10.13 -17.77
CA GLY B 358 1.00 -9.47 -17.86
C GLY B 358 1.13 -8.32 -16.86
N SER B 359 2.22 -7.59 -16.96
CA SER B 359 2.49 -6.44 -16.10
C SER B 359 3.05 -5.32 -16.94
N TYR B 360 2.90 -4.12 -16.40
CA TYR B 360 3.63 -2.99 -16.88
C TYR B 360 4.32 -2.32 -15.71
N SER B 361 5.27 -1.46 -16.02
CA SER B 361 5.98 -0.68 -15.02
C SER B 361 6.58 0.49 -15.76
N HIS B 362 6.92 1.53 -15.03
CA HIS B 362 7.57 2.69 -15.59
C HIS B 362 8.77 2.28 -16.42
N GLU B 363 9.66 1.53 -15.79
CA GLU B 363 10.95 1.11 -16.41
C GLU B 363 10.69 0.32 -17.71
N ALA B 364 9.78 -0.66 -17.67
CA ALA B 364 9.54 -1.53 -18.82
C ALA B 364 8.98 -0.73 -20.01
N ILE B 365 8.04 0.16 -19.73
CA ILE B 365 7.47 1.03 -20.78
C ILE B 365 8.50 1.97 -21.42
N VAL B 366 9.26 2.67 -20.57
CA VAL B 366 10.28 3.59 -21.04
C VAL B 366 11.28 2.86 -21.93
N ASN B 367 11.80 1.74 -21.43
CA ASN B 367 12.87 1.02 -22.12
C ASN B 367 12.41 0.35 -23.41
N ARG B 368 11.26 -0.30 -23.35
CA ARG B 368 10.72 -0.96 -24.53
CA ARG B 368 10.80 -1.02 -24.51
C ARG B 368 10.38 0.00 -25.62
N THR B 369 9.75 1.10 -25.25
CA THR B 369 9.36 2.09 -26.28
C THR B 369 10.55 2.91 -26.80
N ASN B 370 11.48 3.24 -25.92
CA ASN B 370 12.71 3.89 -26.37
C ASN B 370 13.44 2.98 -27.36
N ALA B 371 13.52 1.68 -27.07
CA ALA B 371 14.29 0.77 -27.95
C ALA B 371 13.62 0.54 -29.31
N ASP B 372 12.36 0.12 -29.30
CA ASP B 372 11.69 -0.28 -30.53
C ASP B 372 11.18 0.91 -31.32
N LEU B 373 10.64 1.93 -30.63
CA LEU B 373 10.02 3.05 -31.33
C LEU B 373 11.00 4.21 -31.61
N ALA B 374 11.57 4.81 -30.57
CA ALA B 374 12.40 6.00 -30.77
C ALA B 374 13.74 5.64 -31.44
N ASN B 375 14.36 4.53 -31.01
CA ASN B 375 15.64 4.07 -31.62
C ASN B 375 15.41 3.29 -32.94
N ASP B 376 14.92 2.08 -32.88
CA ASP B 376 14.80 1.24 -34.10
C ASP B 376 13.99 1.84 -35.26
N LEU B 377 12.71 2.13 -35.03
CA LEU B 377 11.87 2.65 -36.09
C LEU B 377 12.16 4.12 -36.34
N GLY B 378 12.03 4.93 -35.31
CA GLY B 378 12.21 6.39 -35.42
C GLY B 378 13.57 6.79 -35.99
N ASN B 379 14.67 6.20 -35.50
CA ASN B 379 15.99 6.54 -36.08
C ASN B 379 16.23 5.91 -37.46
N LEU B 380 15.59 4.81 -37.76
CA LEU B 380 15.81 4.35 -39.13
C LEU B 380 15.17 5.31 -40.16
N ALA B 381 14.01 5.84 -39.80
CA ALA B 381 13.41 6.86 -40.65
C ALA B 381 14.29 8.11 -40.69
N GLN B 382 14.73 8.58 -39.52
CA GLN B 382 15.50 9.82 -39.45
C GLN B 382 16.81 9.72 -40.25
N ARG B 383 17.53 8.61 -40.13
CA ARG B 383 18.83 8.42 -40.77
C ARG B 383 18.74 8.24 -42.28
N SER B 384 17.68 7.59 -42.77
CA SER B 384 17.55 7.47 -44.20
C SER B 384 16.96 8.73 -44.80
N LEU B 385 15.92 9.28 -44.18
CA LEU B 385 15.23 10.44 -44.79
C LEU B 385 16.03 11.74 -44.72
N SER B 386 16.91 11.88 -43.73
CA SER B 386 17.73 13.09 -43.71
C SER B 386 18.83 13.02 -44.78
N MET B 387 19.34 11.82 -45.03
CA MET B 387 20.26 11.60 -46.15
C MET B 387 19.60 11.90 -47.50
N ILE B 388 18.32 11.58 -47.63
CA ILE B 388 17.59 11.91 -48.86
C ILE B 388 17.45 13.43 -48.99
N ALA B 389 17.11 14.08 -47.90
CA ALA B 389 17.04 15.54 -47.84
C ALA B 389 18.37 16.20 -48.21
N LYS B 390 19.44 15.77 -47.54
CA LYS B 390 20.76 16.42 -47.63
C LYS B 390 21.50 16.03 -48.96
N ASN B 391 21.35 14.79 -49.41
CA ASN B 391 22.15 14.30 -50.54
C ASN B 391 21.38 13.98 -51.81
N CYS B 392 20.06 13.90 -51.76
CA CYS B 392 19.28 13.57 -52.95
C CYS B 392 18.27 14.67 -53.29
N GLU B 393 18.58 15.90 -52.88
CA GLU B 393 17.72 17.08 -53.19
C GLU B 393 16.27 16.94 -52.67
N GLY B 394 16.08 16.17 -51.59
CA GLY B 394 14.76 16.01 -51.01
C GLY B 394 13.80 15.23 -51.89
N LYS B 395 14.33 14.40 -52.79
CA LYS B 395 13.53 13.56 -53.68
C LYS B 395 13.86 12.09 -53.48
N VAL B 396 12.85 11.24 -53.51
CA VAL B 396 13.06 9.81 -53.52
C VAL B 396 14.04 9.48 -54.64
N PRO B 397 15.16 8.82 -54.33
CA PRO B 397 16.11 8.52 -55.43
C PRO B 397 15.56 7.45 -56.35
N GLN B 398 16.12 7.39 -57.55
CA GLN B 398 15.76 6.41 -58.56
C GLN B 398 16.54 5.15 -58.31
N PRO B 399 15.88 4.05 -57.98
CA PRO B 399 16.60 2.82 -57.70
C PRO B 399 17.14 2.14 -58.95
N GLY B 400 18.40 1.70 -58.91
CA GLY B 400 18.94 0.79 -59.91
C GLY B 400 18.57 -0.68 -59.61
N ALA B 401 19.41 -1.59 -60.06
CA ALA B 401 19.28 -3.03 -59.77
C ALA B 401 19.34 -3.31 -58.28
N PHE B 402 18.53 -4.27 -57.82
CA PHE B 402 18.57 -4.68 -56.43
C PHE B 402 19.59 -5.81 -56.22
N SER B 403 20.45 -5.65 -55.22
CA SER B 403 21.38 -6.68 -54.81
C SER B 403 20.63 -7.76 -54.05
N GLU B 404 21.34 -8.82 -53.67
CA GLU B 404 20.78 -9.89 -52.87
C GLU B 404 20.30 -9.38 -51.51
N ALA B 405 21.10 -8.52 -50.87
CA ALA B 405 20.71 -7.91 -49.61
C ALA B 405 19.47 -7.00 -49.77
N ASP B 406 19.41 -6.21 -50.85
CA ASP B 406 18.24 -5.36 -51.12
C ASP B 406 16.98 -6.25 -51.18
N LYS B 407 17.03 -7.31 -51.96
CA LYS B 407 15.88 -8.20 -52.15
C LYS B 407 15.43 -8.84 -50.85
N ALA B 408 16.38 -9.32 -50.06
CA ALA B 408 16.07 -10.01 -48.83
C ALA B 408 15.24 -9.10 -47.95
N ILE B 409 15.65 -7.84 -47.79
CA ILE B 409 14.91 -6.97 -46.87
C ILE B 409 13.51 -6.58 -47.42
N LEU B 410 13.43 -6.34 -48.72
CA LEU B 410 12.14 -6.06 -49.38
C LEU B 410 11.17 -7.26 -49.22
N ASP B 411 11.65 -8.46 -49.51
CA ASP B 411 10.86 -9.67 -49.31
C ASP B 411 10.49 -9.91 -47.86
N GLN B 412 11.39 -9.63 -46.93
CA GLN B 412 11.06 -9.80 -45.52
C GLN B 412 9.88 -8.88 -45.13
N ALA B 413 9.89 -7.64 -45.64
CA ALA B 413 8.77 -6.71 -45.41
C ALA B 413 7.43 -7.23 -45.91
N ASP B 414 7.41 -7.77 -47.13
CA ASP B 414 6.18 -8.34 -47.74
C ASP B 414 5.68 -9.50 -46.93
N ALA B 415 6.58 -10.41 -46.56
CA ALA B 415 6.20 -11.59 -45.83
C ALA B 415 5.64 -11.24 -44.43
N ALA B 416 6.07 -10.11 -43.84
CA ALA B 416 5.53 -9.69 -42.54
C ALA B 416 4.03 -9.37 -42.62
N LEU B 417 3.60 -8.84 -43.76
CA LEU B 417 2.19 -8.55 -43.97
C LEU B 417 1.38 -9.85 -43.86
N GLU B 418 1.85 -10.91 -44.50
CA GLU B 418 1.14 -12.19 -44.43
C GLU B 418 1.14 -12.79 -43.04
N THR B 419 2.30 -12.76 -42.38
CA THR B 419 2.42 -13.24 -41.01
C THR B 419 1.48 -12.43 -40.12
N ALA B 420 1.43 -11.12 -40.32
CA ALA B 420 0.55 -10.29 -39.52
C ALA B 420 -0.90 -10.69 -39.73
N ARG B 421 -1.31 -10.95 -40.98
CA ARG B 421 -2.70 -11.33 -41.26
C ARG B 421 -3.09 -12.62 -40.54
N LYS B 422 -2.22 -13.63 -40.62
CA LYS B 422 -2.49 -14.95 -39.98
C LYS B 422 -2.54 -14.78 -38.47
N ALA B 423 -1.61 -13.99 -37.92
CA ALA B 423 -1.60 -13.74 -36.50
C ALA B 423 -2.87 -13.05 -36.04
N MET B 424 -3.29 -12.02 -36.76
CA MET B 424 -4.50 -11.28 -36.41
C MET B 424 -5.78 -12.14 -36.52
N ASP B 425 -5.80 -13.16 -37.38
CA ASP B 425 -6.95 -14.11 -37.44
C ASP B 425 -7.11 -14.87 -36.13
N ASP B 426 -6.01 -15.02 -35.37
CA ASP B 426 -6.02 -15.70 -34.07
C ASP B 426 -5.87 -14.71 -32.90
N GLN B 427 -6.13 -13.44 -33.14
CA GLN B 427 -6.00 -12.39 -32.13
C GLN B 427 -4.58 -12.29 -31.49
N ALA B 428 -3.55 -12.71 -32.21
CA ALA B 428 -2.18 -12.74 -31.68
C ALA B 428 -1.44 -11.45 -32.05
N LEU B 429 -1.86 -10.37 -31.39
CA LEU B 429 -1.37 -9.01 -31.62
C LEU B 429 0.16 -8.87 -31.46
N HIS B 430 0.68 -9.45 -30.38
CA HIS B 430 2.12 -9.51 -30.16
C HIS B 430 2.91 -10.18 -31.28
N LEU B 431 2.34 -11.19 -31.92
CA LEU B 431 3.02 -11.87 -33.03
C LEU B 431 2.98 -11.01 -34.30
N ALA B 432 1.89 -10.28 -34.52
CA ALA B 432 1.80 -9.36 -35.66
C ALA B 432 2.83 -8.30 -35.50
N LEU B 433 2.84 -7.65 -34.34
CA LEU B 433 3.83 -6.59 -34.07
C LEU B 433 5.25 -7.13 -34.11
N GLY B 434 5.44 -8.31 -33.55
CA GLY B 434 6.79 -8.89 -33.54
C GLY B 434 7.30 -9.09 -34.94
N ALA B 435 6.45 -9.59 -35.83
CA ALA B 435 6.86 -9.79 -37.22
C ALA B 435 7.25 -8.48 -37.86
N ILE B 436 6.43 -7.46 -37.63
CA ILE B 436 6.67 -6.15 -38.25
C ILE B 436 7.95 -5.52 -37.71
N PHE B 437 8.13 -5.54 -36.39
CA PHE B 437 9.34 -4.94 -35.81
C PHE B 437 10.61 -5.74 -36.07
N ALA B 438 10.50 -7.05 -36.34
CA ALA B 438 11.67 -7.81 -36.83
C ALA B 438 12.15 -7.26 -38.16
N VAL B 439 11.23 -6.75 -38.98
CA VAL B 439 11.61 -6.14 -40.26
C VAL B 439 12.41 -4.89 -39.98
N VAL B 440 11.93 -4.11 -39.02
CA VAL B 440 12.62 -2.86 -38.63
C VAL B 440 14.02 -3.14 -38.12
N ALA B 441 14.17 -4.11 -37.23
CA ALA B 441 15.48 -4.45 -36.71
C ALA B 441 16.43 -4.86 -37.85
N GLU B 442 15.95 -5.70 -38.77
CA GLU B 442 16.77 -6.18 -39.87
C GLU B 442 17.10 -5.04 -40.83
N ALA B 443 16.16 -4.12 -41.03
CA ALA B 443 16.40 -2.99 -41.92
C ALA B 443 17.50 -2.08 -41.37
N ASN B 444 17.56 -1.89 -40.05
CA ASN B 444 18.71 -1.19 -39.45
C ASN B 444 20.06 -1.89 -39.72
N ARG B 445 20.10 -3.21 -39.54
CA ARG B 445 21.30 -3.96 -39.90
C ARG B 445 21.65 -3.77 -41.38
N TYR B 446 20.65 -3.90 -42.24
CA TYR B 446 20.84 -3.67 -43.70
C TYR B 446 21.43 -2.31 -43.99
N PHE B 447 20.79 -1.27 -43.46
CA PHE B 447 21.29 0.09 -43.68
C PHE B 447 22.76 0.23 -43.24
N ALA B 448 23.05 -0.18 -42.00
CA ALA B 448 24.44 -0.08 -41.50
C ALA B 448 25.43 -0.87 -42.36
N GLY B 449 25.04 -2.05 -42.79
CA GLY B 449 25.92 -2.88 -43.64
C GLY B 449 26.21 -2.27 -45.00
N GLN B 450 25.24 -1.56 -45.56
CA GLN B 450 25.44 -0.88 -46.83
C GLN B 450 26.32 0.38 -46.75
N GLU B 451 26.40 1.03 -45.59
CA GLU B 451 27.23 2.22 -45.44
C GLU B 451 26.99 3.26 -46.53
N PRO B 452 25.75 3.73 -46.68
CA PRO B 452 25.49 4.59 -47.84
C PRO B 452 26.25 5.94 -47.82
N TRP B 453 26.59 6.43 -46.63
CA TRP B 453 27.44 7.62 -46.47
C TRP B 453 28.77 7.47 -47.24
N ALA B 454 29.36 6.28 -47.17
CA ALA B 454 30.61 6.00 -47.89
C ALA B 454 30.41 5.94 -49.40
N LEU B 455 29.20 5.59 -49.85
CA LEU B 455 28.92 5.46 -51.27
C LEU B 455 28.64 6.82 -51.91
N ARG B 456 28.33 7.82 -51.07
CA ARG B 456 28.10 9.18 -51.56
C ARG B 456 29.21 9.67 -52.47
N LYS B 457 30.45 9.36 -52.11
CA LYS B 457 31.61 9.74 -52.90
C LYS B 457 31.83 8.77 -54.07
N THR B 458 32.02 7.50 -53.74
CA THR B 458 32.40 6.46 -54.72
C THR B 458 31.30 6.09 -55.72
N ASP B 459 30.06 5.95 -55.27
CA ASP B 459 28.99 5.42 -56.14
C ASP B 459 27.65 6.02 -55.74
N PRO B 460 27.40 7.27 -56.14
CA PRO B 460 26.19 8.01 -55.72
C PRO B 460 24.90 7.30 -56.12
N ALA B 461 24.90 6.70 -57.30
CA ALA B 461 23.73 5.99 -57.79
C ALA B 461 23.39 4.80 -56.88
N ARG B 462 24.42 4.06 -56.44
CA ARG B 462 24.22 2.96 -55.54
C ARG B 462 23.71 3.47 -54.18
N MET B 463 24.25 4.60 -53.72
CA MET B 463 23.76 5.23 -52.49
C MET B 463 22.28 5.49 -52.62
N GLY B 464 21.90 6.04 -53.76
CA GLY B 464 20.49 6.29 -54.07
C GLY B 464 19.63 5.03 -53.95
N THR B 465 20.13 3.92 -54.50
CA THR B 465 19.36 2.68 -54.46
C THR B 465 19.15 2.16 -53.01
N VAL B 466 20.20 2.19 -52.20
CA VAL B 466 20.12 1.80 -50.80
C VAL B 466 19.12 2.69 -50.04
N LEU B 467 19.15 3.99 -50.33
CA LEU B 467 18.22 4.92 -49.70
C LEU B 467 16.77 4.66 -50.14
N TYR B 468 16.59 4.34 -51.42
CA TYR B 468 15.28 3.97 -51.92
C TYR B 468 14.74 2.74 -51.19
N VAL B 469 15.57 1.70 -51.10
CA VAL B 469 15.19 0.44 -50.43
C VAL B 469 14.80 0.70 -48.99
N THR B 470 15.60 1.48 -48.28
CA THR B 470 15.30 1.81 -46.89
C THR B 470 13.94 2.54 -46.78
N ALA B 471 13.71 3.53 -47.65
CA ALA B 471 12.47 4.31 -47.59
C ALA B 471 11.27 3.45 -47.94
N GLU B 472 11.47 2.56 -48.90
CA GLU B 472 10.38 1.69 -49.37
C GLU B 472 10.02 0.67 -48.29
N VAL B 473 11.03 0.10 -47.63
CA VAL B 473 10.77 -0.75 -46.48
C VAL B 473 9.99 0.03 -45.39
N LEU B 474 10.35 1.29 -45.19
CA LEU B 474 9.67 2.17 -44.21
C LEU B 474 8.23 2.45 -44.59
N ARG B 475 7.96 2.62 -45.89
CA ARG B 475 6.59 2.76 -46.36
C ARG B 475 5.78 1.52 -46.02
N ARG B 476 6.35 0.35 -46.30
CA ARG B 476 5.63 -0.91 -46.05
C ARG B 476 5.35 -1.10 -44.55
N VAL B 477 6.37 -0.84 -43.75
CA VAL B 477 6.22 -0.93 -42.31
C VAL B 477 5.19 0.09 -41.83
N GLY B 478 5.26 1.31 -42.34
CA GLY B 478 4.34 2.39 -41.93
C GLY B 478 2.90 2.03 -42.16
N ILE B 479 2.60 1.47 -43.32
CA ILE B 479 1.27 0.99 -43.61
C ILE B 479 0.84 -0.13 -42.64
N MET B 480 1.75 -1.07 -42.36
CA MET B 480 1.46 -2.21 -41.51
C MET B 480 1.23 -1.85 -40.04
N VAL B 481 1.87 -0.80 -39.53
CA VAL B 481 1.68 -0.41 -38.14
C VAL B 481 0.54 0.58 -37.89
N GLN B 482 -0.09 1.09 -38.93
CA GLN B 482 -1.24 1.99 -38.76
C GLN B 482 -2.28 1.54 -37.70
N PRO B 483 -2.69 0.26 -37.69
CA PRO B 483 -3.71 -0.12 -36.73
C PRO B 483 -3.26 -0.06 -35.27
N PHE B 484 -1.95 -0.26 -35.05
CA PHE B 484 -1.38 -0.37 -33.72
C PHE B 484 -1.03 1.01 -33.15
N ILE B 485 -0.47 1.88 -34.00
CA ILE B 485 0.00 3.21 -33.57
C ILE B 485 -0.43 4.25 -34.58
N PRO B 486 -1.75 4.51 -34.68
CA PRO B 486 -2.26 5.23 -35.87
C PRO B 486 -1.67 6.61 -36.14
N GLN B 487 -1.63 7.49 -35.13
CA GLN B 487 -1.11 8.84 -35.38
C GLN B 487 0.36 8.89 -35.79
N SER B 488 1.19 8.07 -35.14
CA SER B 488 2.59 8.00 -35.47
C SER B 488 2.82 7.39 -36.83
N ALA B 489 2.08 6.34 -37.18
CA ALA B 489 2.18 5.72 -38.52
C ALA B 489 1.82 6.75 -39.58
N GLU B 490 0.78 7.51 -39.30
CA GLU B 490 0.31 8.53 -40.22
C GLU B 490 1.39 9.59 -40.49
N LYS B 491 2.06 10.06 -39.42
CA LYS B 491 3.16 11.02 -39.57
C LYS B 491 4.28 10.43 -40.40
N LEU B 492 4.62 9.15 -40.15
CA LEU B 492 5.68 8.50 -40.90
C LEU B 492 5.35 8.45 -42.37
N LEU B 493 4.11 8.09 -42.69
CA LEU B 493 3.69 8.02 -44.07
C LEU B 493 3.63 9.42 -44.70
N ASP B 494 3.29 10.45 -43.91
CA ASP B 494 3.29 11.84 -44.38
C ASP B 494 4.71 12.27 -44.78
N ILE B 495 5.72 11.93 -43.97
CA ILE B 495 7.09 12.31 -44.37
C ILE B 495 7.68 11.43 -45.49
N LEU B 496 6.99 10.34 -45.85
CA LEU B 496 7.28 9.60 -47.08
C LEU B 496 6.41 10.04 -48.29
N ALA B 497 5.63 11.12 -48.10
CA ALA B 497 4.73 11.67 -49.11
C ALA B 497 3.79 10.63 -49.70
N VAL B 498 3.27 9.73 -48.87
CA VAL B 498 2.37 8.70 -49.37
C VAL B 498 0.98 9.33 -49.44
N PRO B 499 0.35 9.31 -50.64
CA PRO B 499 -1.01 9.86 -50.72
C PRO B 499 -1.99 9.17 -49.75
N ALA B 500 -3.01 9.91 -49.34
CA ALA B 500 -3.95 9.42 -48.35
C ALA B 500 -4.73 8.20 -48.88
N ASP B 501 -4.93 8.12 -50.20
CA ASP B 501 -5.63 6.98 -50.81
C ASP B 501 -4.70 5.81 -51.21
N LYS B 502 -3.46 5.80 -50.72
CA LYS B 502 -2.53 4.70 -50.95
C LYS B 502 -2.03 4.11 -49.64
N ARG B 503 -2.93 3.96 -48.68
CA ARG B 503 -2.52 3.49 -47.35
C ARG B 503 -3.25 2.22 -46.87
N GLN B 504 -3.82 1.46 -47.80
CA GLN B 504 -4.46 0.19 -47.49
C GLN B 504 -3.37 -0.91 -47.52
N PHE B 505 -3.67 -2.07 -46.97
CA PHE B 505 -2.69 -3.16 -46.99
C PHE B 505 -2.40 -3.59 -48.43
N ALA B 506 -3.39 -3.50 -49.30
CA ALA B 506 -3.19 -3.78 -50.73
C ALA B 506 -2.10 -2.91 -51.35
N ASP B 507 -1.89 -1.71 -50.79
CA ASP B 507 -0.81 -0.83 -51.28
C ASP B 507 0.60 -1.24 -50.94
N VAL B 508 0.76 -2.11 -49.92
CA VAL B 508 2.06 -2.62 -49.53
C VAL B 508 2.71 -3.26 -50.75
N LEU B 509 1.99 -4.12 -51.44
CA LEU B 509 2.48 -4.77 -52.67
C LEU B 509 2.30 -3.95 -53.97
N ALA B 510 1.21 -3.20 -54.08
CA ALA B 510 0.84 -2.59 -55.33
C ALA B 510 1.39 -1.17 -55.56
N SER B 511 1.84 -0.46 -54.51
CA SER B 511 2.09 0.99 -54.63
C SER B 511 3.45 1.44 -54.09
N PRO B 512 4.51 0.95 -54.69
CA PRO B 512 5.80 1.31 -54.14
C PRO B 512 6.12 2.77 -54.38
N LEU B 513 7.01 3.35 -53.55
CA LEU B 513 7.50 4.70 -53.78
C LEU B 513 8.03 4.87 -55.23
N ALA B 514 7.76 6.03 -55.79
CA ALA B 514 8.20 6.37 -57.13
C ALA B 514 9.40 7.30 -57.04
N GLY B 515 10.48 6.93 -57.73
CA GLY B 515 11.65 7.81 -57.83
C GLY B 515 11.25 9.20 -58.32
N GLY B 516 11.89 10.23 -57.80
CA GLY B 516 11.56 11.62 -58.17
C GLY B 516 10.55 12.29 -57.26
N THR B 517 9.84 11.54 -56.42
CA THR B 517 8.84 12.14 -55.56
C THR B 517 9.47 13.07 -54.49
N ASP B 518 8.96 14.30 -54.39
CA ASP B 518 9.41 15.25 -53.36
C ASP B 518 8.95 14.80 -51.99
N LEU B 519 9.88 14.74 -51.04
CA LEU B 519 9.57 14.49 -49.66
C LEU B 519 9.74 15.74 -48.80
N PRO B 520 8.86 15.93 -47.80
CA PRO B 520 9.06 17.05 -46.88
C PRO B 520 10.24 16.82 -45.96
N ALA B 521 10.70 17.89 -45.33
CA ALA B 521 11.82 17.79 -44.40
C ALA B 521 11.37 16.84 -43.28
N PRO B 522 12.20 15.85 -42.93
CA PRO B 522 11.77 14.91 -41.89
C PRO B 522 11.81 15.48 -40.47
N GLN B 523 10.87 15.03 -39.64
CA GLN B 523 10.80 15.35 -38.22
C GLN B 523 10.75 14.01 -37.46
N PRO B 524 11.27 13.97 -36.22
CA PRO B 524 11.27 12.70 -35.51
C PRO B 524 9.85 12.24 -35.24
N VAL B 525 9.55 10.99 -35.50
CA VAL B 525 8.21 10.50 -35.22
C VAL B 525 8.04 10.11 -33.74
N PHE B 526 9.08 9.56 -33.13
CA PHE B 526 9.02 9.06 -31.76
C PHE B 526 10.21 9.61 -30.98
N PRO B 527 10.03 10.75 -30.29
CA PRO B 527 11.16 11.23 -29.49
C PRO B 527 11.41 10.32 -28.28
N ARG B 528 12.66 10.23 -27.83
CA ARG B 528 12.97 9.46 -26.63
C ARG B 528 12.23 10.01 -25.43
N TYR B 529 11.93 9.15 -24.49
CA TYR B 529 11.44 9.60 -23.21
C TYR B 529 12.63 10.19 -22.42
N VAL B 530 12.55 11.44 -21.97
CA VAL B 530 13.60 12.02 -21.11
C VAL B 530 13.08 12.40 -19.71
N GLU B 531 13.98 12.73 -18.79
CA GLU B 531 13.63 13.21 -17.43
C GLU B 531 13.34 12.05 -16.49
N ARG C 24 -36.92 18.14 33.22
CA ARG C 24 -36.97 19.16 34.34
C ARG C 24 -35.59 19.30 35.07
N GLU C 25 -34.97 18.18 35.42
CA GLU C 25 -33.66 18.19 36.07
C GLU C 25 -32.55 18.68 35.08
N LYS C 26 -31.73 19.62 35.53
CA LYS C 26 -30.73 20.30 34.68
C LYS C 26 -29.39 19.53 34.57
N TYR C 27 -28.81 19.55 33.39
CA TYR C 27 -27.58 18.81 33.10
C TYR C 27 -26.71 19.66 32.19
N TYR C 28 -25.53 20.05 32.68
CA TYR C 28 -24.62 20.94 31.95
C TYR C 28 -23.32 20.21 31.69
N ILE C 29 -22.96 20.09 30.41
CA ILE C 29 -21.77 19.37 29.99
C ILE C 29 -21.00 20.25 28.96
N THR C 30 -19.67 20.15 29.01
CA THR C 30 -18.78 21.00 28.24
C THR C 30 -17.66 20.16 27.64
N THR C 31 -17.10 20.63 26.53
CA THR C 31 -15.77 20.23 26.08
C THR C 31 -14.79 21.30 26.49
N ALA C 32 -13.51 20.93 26.57
CA ALA C 32 -12.47 21.93 26.63
C ALA C 32 -12.56 22.72 25.33
N ILE C 33 -12.13 23.97 25.40
CA ILE C 33 -12.10 24.81 24.25
C ILE C 33 -10.80 24.59 23.48
N ALA C 34 -10.92 24.56 22.16
CA ALA C 34 -9.84 24.22 21.25
C ALA C 34 -8.99 25.47 20.96
N TYR C 35 -7.69 25.25 20.72
CA TYR C 35 -6.77 26.33 20.35
C TYR C 35 -6.65 26.39 18.84
N PRO C 36 -7.20 27.44 18.22
CA PRO C 36 -7.27 27.45 16.76
C PRO C 36 -6.05 28.09 16.04
N ASN C 37 -4.84 27.70 16.44
CA ASN C 37 -3.62 28.08 15.70
C ASN C 37 -3.22 26.98 14.70
N GLY C 38 -4.20 26.30 14.13
CA GLY C 38 -3.96 25.30 13.12
C GLY C 38 -5.31 24.82 12.67
N LYS C 39 -5.31 23.66 12.01
CA LYS C 39 -6.53 23.05 11.52
C LYS C 39 -7.11 22.15 12.60
N PRO C 40 -8.42 21.91 12.54
CA PRO C 40 -8.96 20.87 13.39
C PRO C 40 -8.30 19.53 13.11
N HIS C 41 -8.01 18.78 14.15
CA HIS C 41 -7.48 17.45 14.05
C HIS C 41 -8.44 16.43 14.68
N ILE C 42 -8.07 15.16 14.58
CA ILE C 42 -8.93 14.05 15.01
C ILE C 42 -9.21 14.10 16.54
N GLY C 43 -8.24 14.59 17.31
CA GLY C 43 -8.40 14.79 18.75
C GLY C 43 -9.59 15.70 19.11
N HIS C 44 -9.67 16.84 18.46
CA HIS C 44 -10.80 17.75 18.61
C HIS C 44 -12.13 17.11 18.25
N ALA C 45 -12.16 16.38 17.14
CA ALA C 45 -13.39 15.71 16.71
C ALA C 45 -13.82 14.64 17.72
N TYR C 46 -12.84 13.89 18.22
CA TYR C 46 -13.12 12.79 19.12
C TYR C 46 -13.77 13.34 20.39
N GLU C 47 -13.16 14.38 20.96
CA GLU C 47 -13.71 14.99 22.15
C GLU C 47 -15.12 15.49 21.95
N LEU C 48 -15.36 16.15 20.82
CA LEU C 48 -16.66 16.73 20.55
C LEU C 48 -17.73 15.66 20.32
N ILE C 49 -17.39 14.62 19.55
CA ILE C 49 -18.30 13.48 19.29
C ILE C 49 -18.73 12.84 20.60
N ALA C 50 -17.75 12.45 21.41
CA ALA C 50 -18.00 11.82 22.68
C ALA C 50 -18.90 12.70 23.57
N THR C 51 -18.58 14.00 23.68
CA THR C 51 -19.37 14.90 24.51
C THR C 51 -20.77 15.14 23.93
N ASP C 52 -20.86 15.23 22.60
CA ASP C 52 -22.17 15.26 21.92
C ASP C 52 -23.05 14.05 22.26
N ALA C 53 -22.46 12.86 22.24
CA ALA C 53 -23.22 11.67 22.53
C ALA C 53 -23.74 11.71 23.97
N MET C 54 -22.91 12.21 24.88
CA MET C 54 -23.32 12.29 26.28
C MET C 54 -24.46 13.30 26.46
N ALA C 55 -24.38 14.44 25.77
CA ALA C 55 -25.43 15.46 25.82
C ALA C 55 -26.73 14.93 25.31
N ARG C 56 -26.68 14.31 24.13
CA ARG C 56 -27.90 13.74 23.53
C ARG C 56 -28.51 12.64 24.42
N PHE C 57 -27.67 11.80 25.00
CA PHE C 57 -28.14 10.73 25.84
C PHE C 57 -28.99 11.29 27.02
N GLN C 58 -28.52 12.34 27.67
CA GLN C 58 -29.27 12.95 28.75
C GLN C 58 -30.55 13.66 28.28
N ARG C 59 -30.55 14.27 27.09
CA ARG C 59 -31.79 14.86 26.55
C ARG C 59 -32.85 13.75 26.39
N LEU C 60 -32.43 12.64 25.83
CA LEU C 60 -33.33 11.51 25.58
C LEU C 60 -33.72 10.84 26.90
N ASN C 61 -32.94 11.06 27.93
CA ASN C 61 -33.21 10.51 29.25
C ASN C 61 -34.02 11.47 30.11
N GLY C 62 -34.54 12.53 29.52
CA GLY C 62 -35.51 13.41 30.18
C GLY C 62 -34.90 14.59 30.92
N MET C 63 -33.63 14.88 30.67
CA MET C 63 -32.95 16.01 31.34
CA MET C 63 -32.95 16.00 31.35
C MET C 63 -33.02 17.28 30.51
N ASP C 64 -32.92 18.41 31.20
CA ASP C 64 -32.85 19.73 30.57
C ASP C 64 -31.35 19.98 30.41
N VAL C 65 -30.85 19.81 29.18
CA VAL C 65 -29.44 19.80 28.90
C VAL C 65 -28.97 21.14 28.33
N TYR C 66 -27.79 21.57 28.78
CA TYR C 66 -27.04 22.62 28.10
C TYR C 66 -25.65 22.05 27.80
N PHE C 67 -25.19 22.21 26.56
CA PHE C 67 -23.97 21.58 26.06
C PHE C 67 -23.13 22.64 25.33
N LEU C 68 -21.89 22.85 25.83
CA LEU C 68 -20.99 23.89 25.33
C LEU C 68 -19.75 23.33 24.69
N THR C 69 -19.29 24.05 23.68
CA THR C 69 -17.94 23.88 23.16
C THR C 69 -17.45 25.24 22.66
N GLY C 70 -16.20 25.33 22.22
CA GLY C 70 -15.71 26.60 21.73
C GLY C 70 -14.23 26.69 21.50
N THR C 71 -13.71 27.93 21.45
CA THR C 71 -12.28 28.15 21.21
C THR C 71 -11.60 29.17 22.13
N ASP C 72 -10.34 28.84 22.43
CA ASP C 72 -9.40 29.59 23.26
C ASP C 72 -8.52 30.33 22.25
N GLU C 73 -8.69 31.65 22.13
CA GLU C 73 -8.12 32.39 21.01
C GLU C 73 -6.97 33.35 21.33
N HIS C 74 -6.71 33.63 22.60
CA HIS C 74 -5.65 34.56 22.99
C HIS C 74 -4.28 33.87 23.08
N GLY C 75 -3.25 34.67 23.34
CA GLY C 75 -1.92 34.15 23.67
C GLY C 75 -0.85 34.45 22.63
N ILE C 76 0.40 34.25 23.03
CA ILE C 76 1.53 34.61 22.19
C ILE C 76 1.60 33.73 20.93
N LYS C 77 1.27 32.45 21.04
CA LYS C 77 1.20 31.59 19.85
C LYS C 77 0.23 32.10 18.77
N MET C 78 -0.95 32.57 19.15
CA MET C 78 -1.88 33.15 18.18
C MET C 78 -1.37 34.46 17.59
N LEU C 79 -0.78 35.32 18.43
CA LEU C 79 -0.12 36.54 17.98
C LEU C 79 0.99 36.21 16.95
N GLN C 80 1.82 35.20 17.24
CA GLN C 80 2.91 34.78 16.35
C GLN C 80 2.39 34.26 15.01
N SER C 81 1.40 33.37 15.02
CA SER C 81 0.78 32.91 13.76
C SER C 81 0.20 34.07 12.97
N ALA C 82 -0.43 35.02 13.66
CA ALA C 82 -1.05 36.18 12.99
C ALA C 82 -0.03 37.04 12.27
N ARG C 83 1.12 37.25 12.90
CA ARG C 83 2.23 38.01 12.33
C ARG C 83 2.78 37.33 11.09
N LYS C 84 3.04 36.03 11.20
CA LYS C 84 3.53 35.22 10.07
C LYS C 84 2.63 35.38 8.84
N GLU C 85 1.35 35.59 9.08
CA GLU C 85 0.37 35.77 8.00
C GLU C 85 0.00 37.21 7.64
N GLY C 86 0.55 38.19 8.35
CA GLY C 86 0.30 39.61 8.04
C GLY C 86 -1.12 40.11 8.32
N ILE C 87 -1.78 39.53 9.32
CA ILE C 87 -3.14 39.95 9.73
C ILE C 87 -3.22 40.08 11.27
N THR C 88 -4.29 40.73 11.76
CA THR C 88 -4.45 40.95 13.21
C THR C 88 -4.79 39.60 13.89
N PRO C 89 -4.44 39.46 15.18
CA PRO C 89 -4.78 38.21 15.90
C PRO C 89 -6.28 37.90 15.85
N ARG C 90 -7.12 38.93 16.03
CA ARG C 90 -8.56 38.76 15.96
CA ARG C 90 -8.58 38.75 15.96
C ARG C 90 -9.00 38.24 14.59
N ASP C 91 -8.42 38.81 13.53
CA ASP C 91 -8.69 38.36 12.15
C ASP C 91 -8.31 36.91 11.97
N LEU C 92 -7.11 36.56 12.42
CA LEU C 92 -6.67 35.15 12.35
C LEU C 92 -7.61 34.23 13.14
N ALA C 93 -7.97 34.63 14.35
CA ALA C 93 -8.93 33.87 15.15
C ALA C 93 -10.26 33.67 14.41
N ASP C 94 -10.83 34.75 13.86
CA ASP C 94 -12.08 34.64 13.11
C ASP C 94 -11.91 33.60 12.04
N ARG C 95 -10.81 33.68 11.28
CA ARG C 95 -10.60 32.77 10.16
C ARG C 95 -10.46 31.31 10.59
N ASN C 96 -9.59 31.05 11.56
CA ASN C 96 -9.31 29.67 11.95
C ASN C 96 -10.41 29.03 12.74
N THR C 97 -11.03 29.80 13.63
CA THR C 97 -12.17 29.29 14.39
C THR C 97 -13.28 28.84 13.45
N SER C 98 -13.48 29.50 12.31
CA SER C 98 -14.58 29.12 11.40
C SER C 98 -14.45 27.67 10.91
N ALA C 99 -13.23 27.14 10.80
CA ALA C 99 -13.07 25.72 10.45
C ALA C 99 -13.46 24.79 11.62
N PHE C 100 -13.21 25.24 12.85
CA PHE C 100 -13.67 24.52 14.05
C PHE C 100 -15.21 24.51 14.17
N ARG C 101 -15.85 25.63 13.85
CA ARG C 101 -17.32 25.69 13.77
C ARG C 101 -17.84 24.77 12.67
N ARG C 102 -17.18 24.80 11.50
CA ARG C 102 -17.53 23.88 10.40
C ARG C 102 -17.33 22.41 10.88
N MET C 103 -16.27 22.13 11.63
CA MET C 103 -16.09 20.78 12.20
C MET C 103 -17.29 20.39 13.06
N ALA C 104 -17.73 21.25 13.96
CA ALA C 104 -18.89 20.94 14.81
C ALA C 104 -20.13 20.61 13.96
N GLU C 105 -20.40 21.40 12.94
CA GLU C 105 -21.51 21.14 12.02
C GLU C 105 -21.35 19.80 11.29
N VAL C 106 -20.18 19.53 10.72
CA VAL C 106 -19.95 18.29 9.96
C VAL C 106 -20.08 17.03 10.85
N LEU C 107 -19.76 17.19 12.14
CA LEU C 107 -19.88 16.08 13.10
C LEU C 107 -21.27 15.94 13.71
N ASN C 108 -22.23 16.79 13.29
CA ASN C 108 -23.60 16.77 13.80
C ASN C 108 -23.64 17.02 15.34
N SER C 109 -22.88 18.01 15.77
CA SER C 109 -22.84 18.42 17.16
C SER C 109 -24.11 19.21 17.56
N SER C 110 -24.70 18.82 18.69
CA SER C 110 -25.90 19.46 19.24
C SER C 110 -25.61 20.54 20.27
N ASN C 111 -24.41 21.13 20.24
CA ASN C 111 -24.11 22.13 21.25
C ASN C 111 -25.07 23.28 21.23
N ASP C 112 -25.44 23.79 22.40
CA ASP C 112 -26.43 24.84 22.53
C ASP C 112 -25.84 26.22 22.37
N ASP C 113 -24.53 26.37 22.46
CA ASP C 113 -23.87 27.67 22.28
C ASP C 113 -22.45 27.37 21.84
N TYR C 114 -21.74 28.39 21.38
CA TYR C 114 -20.35 28.25 20.95
C TYR C 114 -19.60 29.45 21.51
N ILE C 115 -18.63 29.20 22.40
CA ILE C 115 -17.95 30.28 23.09
C ILE C 115 -16.60 30.53 22.44
N ARG C 116 -16.30 31.80 22.20
CA ARG C 116 -14.99 32.23 21.67
C ARG C 116 -14.46 33.23 22.70
N THR C 117 -13.24 32.99 23.20
CA THR C 117 -12.68 33.82 24.26
C THR C 117 -12.40 35.24 23.79
N SER C 118 -12.45 35.47 22.48
CA SER C 118 -12.34 36.80 21.93
C SER C 118 -13.60 37.64 22.07
N GLU C 119 -14.72 37.04 22.47
CA GLU C 119 -15.98 37.78 22.59
C GLU C 119 -16.00 38.66 23.85
N GLU C 120 -16.66 39.81 23.73
CA GLU C 120 -16.81 40.74 24.83
C GLU C 120 -17.42 40.08 26.09
N ARG C 121 -18.39 39.20 25.91
CA ARG C 121 -19.03 38.57 27.08
C ARG C 121 -17.99 37.81 27.90
N HIS C 122 -16.96 37.28 27.24
CA HIS C 122 -15.89 36.56 27.93
C HIS C 122 -14.92 37.50 28.64
N TYR C 123 -14.66 38.66 28.02
CA TYR C 123 -13.82 39.69 28.61
C TYR C 123 -14.44 40.13 29.93
N LYS C 124 -15.74 40.42 29.92
CA LYS C 124 -16.45 40.83 31.12
C LYS C 124 -16.44 39.70 32.18
N ALA C 125 -16.67 38.45 31.78
CA ALA C 125 -16.74 37.34 32.75
C ALA C 125 -15.37 37.10 33.41
N SER C 126 -14.31 37.17 32.61
CA SER C 126 -12.95 36.97 33.12
C SER C 126 -12.56 38.10 34.07
N GLN C 127 -12.88 39.33 33.72
CA GLN C 127 -12.56 40.44 34.61
C GLN C 127 -13.38 40.34 35.91
N ALA C 128 -14.62 39.87 35.82
CA ALA C 128 -15.45 39.73 37.04
C ALA C 128 -14.93 38.61 37.96
N ILE C 129 -14.58 37.45 37.41
CA ILE C 129 -14.00 36.41 38.26
C ILE C 129 -12.66 36.84 38.84
N TRP C 130 -11.83 37.49 38.04
CA TRP C 130 -10.57 38.05 38.54
C TRP C 130 -10.80 38.96 39.77
N GLN C 131 -11.76 39.87 39.65
CA GLN C 131 -12.09 40.82 40.73
C GLN C 131 -12.67 40.12 41.97
N ALA C 132 -13.46 39.08 41.75
CA ALA C 132 -13.94 38.24 42.84
C ALA C 132 -12.75 37.56 43.59
N MET C 133 -11.74 37.08 42.86
CA MET C 133 -10.59 36.47 43.52
C MET C 133 -9.76 37.55 44.25
N VAL C 134 -9.66 38.75 43.67
CA VAL C 134 -8.99 39.86 44.33
C VAL C 134 -9.71 40.16 45.66
N ALA C 135 -11.02 40.24 45.64
CA ALA C 135 -11.79 40.54 46.87
C ALA C 135 -11.64 39.44 47.91
N ASN C 136 -11.38 38.19 47.49
CA ASN C 136 -11.12 37.14 48.46
C ASN C 136 -9.69 37.14 49.00
N GLY C 137 -8.84 38.07 48.56
CA GLY C 137 -7.45 38.17 49.01
C GLY C 137 -6.51 37.21 48.31
N ASP C 138 -6.93 36.65 47.16
CA ASP C 138 -6.17 35.56 46.54
C ASP C 138 -5.27 35.95 45.36
N ILE C 139 -5.15 37.25 45.08
CA ILE C 139 -4.33 37.69 43.94
C ILE C 139 -3.35 38.80 44.38
N TYR C 140 -2.08 38.69 44.00
CA TYR C 140 -1.11 39.72 44.29
C TYR C 140 -0.11 39.90 43.14
N LYS C 141 0.61 41.02 43.18
CA LYS C 141 1.62 41.33 42.19
C LYS C 141 2.99 40.90 42.70
N GLY C 142 3.73 40.22 41.84
CA GLY C 142 5.09 39.78 42.16
C GLY C 142 5.88 39.56 40.88
N GLY C 143 6.70 38.51 40.86
CA GLY C 143 7.51 38.18 39.69
C GLY C 143 7.87 36.71 39.67
N TYR C 144 8.08 36.19 38.47
CA TYR C 144 8.68 34.85 38.34
C TYR C 144 10.10 34.95 37.77
N ALA C 145 10.95 34.00 38.13
CA ALA C 145 12.32 33.94 37.63
C ALA C 145 12.84 32.49 37.67
N GLY C 146 13.55 32.06 36.62
CA GLY C 146 14.08 30.70 36.60
C GLY C 146 14.72 30.31 35.30
N TRP C 147 15.33 29.13 35.30
CA TRP C 147 15.92 28.55 34.09
C TRP C 147 14.82 27.95 33.26
N TYR C 148 14.71 28.40 32.01
CA TYR C 148 13.63 28.00 31.12
C TYR C 148 14.19 27.41 29.83
N SER C 149 13.63 26.28 29.38
CA SER C 149 14.01 25.69 28.09
C SER C 149 12.91 25.96 27.08
N VAL C 150 13.22 26.77 26.08
CA VAL C 150 12.27 27.08 25.03
C VAL C 150 11.87 25.81 24.27
N ARG C 151 12.83 24.90 24.09
CA ARG C 151 12.59 23.66 23.34
C ARG C 151 11.70 22.68 24.13
N ASP C 152 11.90 22.60 25.45
CA ASP C 152 11.07 21.74 26.32
C ASP C 152 9.77 22.40 26.72
N GLU C 153 9.76 23.73 26.70
CA GLU C 153 8.69 24.53 27.29
C GLU C 153 8.48 24.22 28.79
N ALA C 154 9.59 24.22 29.53
CA ALA C 154 9.59 23.90 30.96
C ALA C 154 10.65 24.69 31.71
N TYR C 155 10.36 24.93 32.99
CA TYR C 155 11.28 25.57 33.92
C TYR C 155 11.98 24.47 34.69
N TYR C 156 13.20 24.77 35.12
CA TYR C 156 13.99 23.80 35.90
C TYR C 156 14.69 24.52 37.03
N GLY C 157 14.81 23.84 38.18
CA GLY C 157 15.71 24.27 39.24
C GLY C 157 17.14 24.29 38.74
N GLU C 158 17.95 25.20 39.27
CA GLU C 158 19.36 25.26 38.94
C GLU C 158 20.09 23.92 39.13
N GLU C 159 19.68 23.17 40.16
CA GLU C 159 20.31 21.87 40.48
C GLU C 159 20.03 20.82 39.39
N GLU C 160 19.00 21.01 38.57
CA GLU C 160 18.75 20.18 37.39
C GLU C 160 19.50 20.63 36.11
N THR C 161 20.41 21.58 36.22
CA THR C 161 21.05 22.12 35.02
C THR C 161 22.56 21.96 35.11
N GLU C 162 23.21 22.03 33.95
CA GLU C 162 24.68 21.84 33.85
C GLU C 162 25.22 22.62 32.65
N VAL C 163 26.27 23.40 32.89
CA VAL C 163 26.97 24.09 31.79
C VAL C 163 27.78 23.07 30.97
N ARG C 164 27.63 23.12 29.65
CA ARG C 164 28.28 22.16 28.76
C ARG C 164 29.47 22.80 28.03
N ALA C 165 30.15 22.02 27.18
CA ALA C 165 31.47 22.38 26.65
C ALA C 165 31.49 23.74 25.94
N ASP C 166 30.41 24.03 25.22
CA ASP C 166 30.28 25.28 24.46
C ASP C 166 30.00 26.50 25.35
N GLY C 167 29.89 26.31 26.67
CA GLY C 167 29.52 27.39 27.59
C GLY C 167 28.02 27.57 27.81
N VAL C 168 27.20 26.84 27.05
CA VAL C 168 25.72 26.91 27.12
C VAL C 168 25.22 26.02 28.26
N ARG C 169 24.26 26.53 29.03
CA ARG C 169 23.69 25.78 30.14
C ARG C 169 22.55 24.91 29.59
N TYR C 170 22.53 23.64 29.99
CA TYR C 170 21.48 22.69 29.57
C TYR C 170 20.66 22.18 30.76
N GLY C 171 19.39 21.91 30.50
CA GLY C 171 18.50 21.27 31.44
C GLY C 171 18.51 19.75 31.29
N PRO C 172 17.73 19.05 32.14
CA PRO C 172 17.84 17.60 32.21
C PRO C 172 17.28 16.83 30.99
N GLN C 173 16.58 17.50 30.07
CA GLN C 173 16.15 16.84 28.82
C GLN C 173 17.16 17.07 27.67
N GLY C 174 18.34 17.60 27.99
CA GLY C 174 19.43 17.76 27.02
C GLY C 174 19.25 18.92 26.05
N THR C 175 18.39 19.87 26.41
CA THR C 175 18.22 21.11 25.64
C THR C 175 18.64 22.33 26.45
N PRO C 176 19.04 23.42 25.77
CA PRO C 176 19.46 24.63 26.47
C PRO C 176 18.40 25.25 27.38
N VAL C 177 18.88 25.88 28.44
CA VAL C 177 18.03 26.71 29.28
C VAL C 177 18.61 28.13 29.32
N GLU C 178 17.71 29.09 29.55
CA GLU C 178 18.03 30.51 29.59
C GLU C 178 17.29 31.09 30.79
N TRP C 179 17.87 32.09 31.42
CA TRP C 179 17.23 32.74 32.54
C TRP C 179 16.10 33.65 32.03
N VAL C 180 14.92 33.50 32.63
CA VAL C 180 13.78 34.30 32.29
C VAL C 180 13.32 34.96 33.59
N GLU C 181 12.87 36.21 33.50
CA GLU C 181 12.47 36.99 34.68
C GLU C 181 11.45 38.02 34.24
N GLU C 182 10.26 38.00 34.81
CA GLU C 182 9.21 38.95 34.42
C GLU C 182 8.33 39.20 35.62
N GLU C 183 7.69 40.36 35.62
CA GLU C 183 6.65 40.67 36.54
C GLU C 183 5.44 39.83 36.19
N SER C 184 4.63 39.50 37.20
CA SER C 184 3.44 38.68 37.02
C SER C 184 2.52 38.81 38.23
N TYR C 185 1.21 38.81 37.98
CA TYR C 185 0.21 38.57 39.03
C TYR C 185 0.19 37.08 39.35
N PHE C 186 -0.12 36.77 40.59
CA PHE C 186 -0.19 35.40 41.06
C PHE C 186 -1.52 35.16 41.75
N PHE C 187 -2.04 33.95 41.58
CA PHE C 187 -3.12 33.43 42.38
C PHE C 187 -2.51 32.62 43.54
N ARG C 188 -3.03 32.82 44.76
CA ARG C 188 -2.54 32.11 45.98
C ARG C 188 -2.95 30.62 46.03
N LEU C 189 -2.48 29.84 45.06
CA LEU C 189 -2.86 28.43 44.99
C LEU C 189 -2.36 27.67 46.21
N SER C 190 -1.24 28.12 46.77
CA SER C 190 -0.70 27.53 48.00
C SER C 190 -1.70 27.54 49.15
N ALA C 191 -2.68 28.44 49.14
CA ALA C 191 -3.69 28.47 50.20
C ALA C 191 -4.76 27.40 50.03
N TYR C 192 -4.74 26.65 48.92
CA TYR C 192 -5.83 25.73 48.59
C TYR C 192 -5.49 24.25 48.68
N GLN C 193 -4.29 23.92 49.15
CA GLN C 193 -3.84 22.52 49.19
C GLN C 193 -4.81 21.66 50.02
N ASP C 194 -5.11 22.09 51.23
CA ASP C 194 -5.99 21.32 52.11
C ASP C 194 -7.42 21.28 51.63
N LYS C 195 -7.92 22.41 51.12
CA LYS C 195 -9.29 22.45 50.61
C LYS C 195 -9.45 21.51 49.41
N LEU C 196 -8.43 21.44 48.57
CA LEU C 196 -8.49 20.53 47.42
C LEU C 196 -8.43 19.08 47.87
N LEU C 197 -7.55 18.74 48.80
CA LEU C 197 -7.48 17.36 49.30
C LEU C 197 -8.81 16.96 49.93
N ASP C 198 -9.41 17.88 50.71
CA ASP C 198 -10.77 17.66 51.23
C ASP C 198 -11.77 17.40 50.10
N LEU C 199 -11.71 18.19 49.04
CA LEU C 199 -12.60 17.98 47.89
C LEU C 199 -12.47 16.58 47.29
N TYR C 200 -11.24 16.12 47.05
CA TYR C 200 -11.04 14.80 46.45
C TYR C 200 -11.53 13.71 47.39
N GLU C 201 -11.31 13.89 48.69
CA GLU C 201 -11.74 12.91 49.71
C GLU C 201 -13.25 12.84 49.81
N ASN C 202 -13.93 13.99 49.80
CA ASN C 202 -15.41 14.00 49.86
C ASN C 202 -16.16 13.78 48.54
N ASN C 203 -15.48 13.94 47.40
CA ASN C 203 -16.11 13.63 46.08
CA ASN C 203 -16.07 13.66 46.11
C ASN C 203 -15.15 12.75 45.30
N PRO C 204 -15.23 11.42 45.55
CA PRO C 204 -14.35 10.44 44.89
C PRO C 204 -14.47 10.46 43.37
N GLY C 205 -15.61 10.86 42.83
CA GLY C 205 -15.77 10.95 41.40
C GLY C 205 -15.39 12.30 40.79
N PHE C 206 -14.73 13.17 41.55
CA PHE C 206 -14.51 14.53 41.09
C PHE C 206 -13.63 14.59 39.84
N ILE C 207 -12.63 13.72 39.80
CA ILE C 207 -11.70 13.66 38.66
C ILE C 207 -11.53 12.18 38.26
N MET C 208 -11.93 11.85 37.03
CA MET C 208 -11.89 10.48 36.54
C MET C 208 -11.25 10.43 35.16
N PRO C 209 -10.77 9.26 34.71
CA PRO C 209 -10.76 7.96 35.41
C PRO C 209 -9.77 7.90 36.58
N ALA C 210 -9.80 6.76 37.28
CA ALA C 210 -9.03 6.56 38.51
C ALA C 210 -7.58 6.97 38.43
N GLU C 211 -6.90 6.65 37.33
CA GLU C 211 -5.49 7.02 37.19
C GLU C 211 -5.23 8.52 37.24
N ARG C 212 -6.15 9.30 36.65
CA ARG C 212 -6.04 10.75 36.67
C ARG C 212 -6.15 11.23 38.11
N ARG C 213 -7.08 10.65 38.86
CA ARG C 213 -7.27 10.99 40.28
C ARG C 213 -5.98 10.79 41.07
N ASN C 214 -5.34 9.65 40.89
CA ASN C 214 -4.12 9.36 41.64
C ASN C 214 -3.02 10.36 41.32
N GLU C 215 -2.90 10.74 40.06
CA GLU C 215 -1.93 11.74 39.64
C GLU C 215 -2.24 13.10 40.28
N ILE C 216 -3.53 13.46 40.33
CA ILE C 216 -3.93 14.73 40.90
C ILE C 216 -3.72 14.76 42.41
N VAL C 217 -4.17 13.72 43.11
CA VAL C 217 -4.00 13.70 44.56
C VAL C 217 -2.52 13.77 44.96
N SER C 218 -1.66 13.00 44.29
CA SER C 218 -0.24 12.99 44.59
C SER C 218 0.38 14.33 44.30
N PHE C 219 -0.04 14.95 43.20
CA PHE C 219 0.44 16.27 42.88
C PHE C 219 0.11 17.24 44.01
N VAL C 220 -1.14 17.28 44.44
CA VAL C 220 -1.54 18.24 45.45
C VAL C 220 -0.86 17.93 46.79
N LYS C 221 -0.79 16.64 47.16
CA LYS C 221 -0.08 16.22 48.38
C LYS C 221 1.38 16.67 48.42
N SER C 222 2.05 16.70 47.28
CA SER C 222 3.45 17.08 47.29
C SER C 222 3.64 18.62 47.46
N GLY C 223 2.56 19.40 47.48
CA GLY C 223 2.65 20.81 47.84
C GLY C 223 2.41 21.70 46.64
N LEU C 224 1.62 22.75 46.82
CA LEU C 224 1.27 23.64 45.71
C LEU C 224 1.94 24.97 45.87
N LYS C 225 2.47 25.51 44.77
CA LYS C 225 3.05 26.84 44.76
C LYS C 225 2.06 27.81 44.15
N ASP C 226 2.22 29.09 44.45
CA ASP C 226 1.38 30.12 43.87
C ASP C 226 1.59 30.14 42.35
N LEU C 227 0.53 30.55 41.64
CA LEU C 227 0.38 30.32 40.21
C LEU C 227 0.40 31.64 39.43
N SER C 228 1.33 31.73 38.48
CA SER C 228 1.44 32.90 37.62
C SER C 228 0.21 32.98 36.74
N ILE C 229 -0.49 34.12 36.76
CA ILE C 229 -1.73 34.26 36.02
C ILE C 229 -1.81 35.44 35.06
N SER C 230 -0.71 36.17 34.88
CA SER C 230 -0.67 37.29 33.93
C SER C 230 0.65 37.31 33.13
N ARG C 231 0.63 38.08 32.05
CA ARG C 231 1.80 38.27 31.21
C ARG C 231 1.89 39.74 30.82
N THR C 232 3.12 40.23 30.74
CA THR C 232 3.42 41.59 30.29
C THR C 232 4.04 41.60 28.89
N THR C 233 4.26 40.41 28.32
CA THR C 233 5.04 40.20 27.11
C THR C 233 4.26 40.25 25.77
N PHE C 234 2.95 40.41 25.83
CA PHE C 234 2.13 40.55 24.64
C PHE C 234 0.82 41.16 25.07
N ASP C 235 0.10 41.77 24.14
CA ASP C 235 -1.16 42.44 24.48
C ASP C 235 -2.43 41.73 23.92
N TRP C 236 -2.24 40.60 23.24
CA TRP C 236 -3.37 39.79 22.72
C TRP C 236 -3.91 38.90 23.84
N GLY C 237 -4.78 39.52 24.64
CA GLY C 237 -5.34 38.89 25.83
C GLY C 237 -6.26 39.88 26.53
N ILE C 238 -6.88 39.46 27.63
CA ILE C 238 -7.80 40.27 28.38
C ILE C 238 -7.00 41.07 29.40
N PRO C 239 -7.13 42.40 29.38
CA PRO C 239 -6.38 43.19 30.36
C PRO C 239 -6.72 42.85 31.80
N VAL C 240 -5.70 42.89 32.65
CA VAL C 240 -5.89 42.80 34.09
C VAL C 240 -6.56 44.07 34.58
N PRO C 241 -7.68 43.94 35.32
CA PRO C 241 -8.34 45.13 35.82
C PRO C 241 -7.41 45.90 36.74
N GLY C 242 -7.23 47.18 36.48
CA GLY C 242 -6.38 48.02 37.34
C GLY C 242 -4.92 48.04 36.93
N ASP C 243 -4.52 47.29 35.90
CA ASP C 243 -3.12 47.20 35.49
C ASP C 243 -3.03 46.64 34.09
N GLU C 244 -3.38 47.44 33.11
CA GLU C 244 -3.58 46.91 31.77
C GLU C 244 -2.28 46.64 30.99
N LYS C 245 -1.12 47.02 31.55
CA LYS C 245 0.18 46.52 31.13
C LYS C 245 0.29 44.99 31.26
N HIS C 246 -0.58 44.40 32.08
CA HIS C 246 -0.70 42.94 32.13
C HIS C 246 -1.97 42.45 31.40
N VAL C 247 -1.83 41.33 30.71
CA VAL C 247 -2.99 40.57 30.27
C VAL C 247 -3.04 39.23 31.00
N MET C 248 -4.24 38.67 31.07
CA MET C 248 -4.45 37.37 31.67
C MET C 248 -3.78 36.28 30.86
N TYR C 249 -3.11 35.41 31.56
CA TYR C 249 -2.51 34.25 30.99
C TYR C 249 -3.62 33.20 30.83
N VAL C 250 -3.27 32.07 30.23
CA VAL C 250 -4.26 31.07 29.85
C VAL C 250 -5.19 30.59 31.00
N TRP C 251 -4.72 30.54 32.24
CA TRP C 251 -5.46 29.81 33.29
C TRP C 251 -6.84 30.41 33.56
N VAL C 252 -6.88 31.69 33.90
CA VAL C 252 -8.13 32.35 34.21
C VAL C 252 -8.95 32.56 32.94
N ASP C 253 -8.27 32.97 31.87
CA ASP C 253 -8.92 33.26 30.59
C ASP C 253 -9.67 32.00 30.04
N ALA C 254 -8.96 30.92 29.78
CA ALA C 254 -9.59 29.78 29.16
C ALA C 254 -10.61 29.11 30.09
N LEU C 255 -10.30 28.90 31.36
CA LEU C 255 -11.19 28.13 32.24
C LEU C 255 -12.53 28.84 32.44
N THR C 256 -12.49 30.18 32.44
CA THR C 256 -13.68 30.96 32.67
C THR C 256 -14.76 30.76 31.59
N ASN C 257 -14.41 30.21 30.42
CA ASN C 257 -15.40 30.04 29.35
C ASN C 257 -16.68 29.34 29.84
N TYR C 258 -16.49 28.34 30.70
CA TYR C 258 -17.56 27.49 31.17
C TYR C 258 -18.62 28.28 31.92
N ILE C 259 -18.23 29.37 32.60
CA ILE C 259 -19.22 30.23 33.25
C ILE C 259 -19.63 31.44 32.39
N THR C 260 -18.76 31.90 31.48
CA THR C 260 -19.15 32.96 30.53
C THR C 260 -20.43 32.58 29.79
N ALA C 261 -20.49 31.33 29.34
CA ALA C 261 -21.60 30.86 28.52
C ALA C 261 -22.92 30.83 29.29
N LEU C 262 -22.89 30.94 30.62
CA LEU C 262 -24.11 30.95 31.40
C LEU C 262 -24.49 32.36 31.85
N GLY C 263 -23.77 33.38 31.38
CA GLY C 263 -24.10 34.77 31.64
C GLY C 263 -23.38 35.37 32.83
N TYR C 264 -22.41 34.65 33.39
CA TYR C 264 -21.58 35.20 34.46
C TYR C 264 -20.98 36.53 34.02
N PRO C 265 -20.99 37.57 34.87
CA PRO C 265 -21.28 37.63 36.31
C PRO C 265 -22.74 37.88 36.70
N ASP C 266 -23.64 37.91 35.73
CA ASP C 266 -25.05 38.12 36.04
C ASP C 266 -25.72 36.82 36.52
N THR C 267 -25.76 36.63 37.83
CA THR C 267 -26.30 35.41 38.42
C THR C 267 -27.83 35.32 38.34
N THR C 268 -28.49 36.36 37.83
CA THR C 268 -29.94 36.30 37.58
C THR C 268 -30.27 35.80 36.18
N ASP C 269 -29.27 35.63 35.31
CA ASP C 269 -29.49 35.08 33.99
C ASP C 269 -30.13 33.68 34.10
N GLU C 270 -31.09 33.41 33.23
CA GLU C 270 -31.82 32.14 33.24
C GLU C 270 -30.85 30.98 33.08
N ARG C 271 -29.81 31.16 32.27
CA ARG C 271 -28.83 30.10 32.08
C ARG C 271 -28.01 29.80 33.34
N TRP C 272 -27.94 30.72 34.27
CA TRP C 272 -27.06 30.55 35.42
C TRP C 272 -27.43 29.33 36.30
N ALA C 273 -28.69 28.89 36.24
CA ALA C 273 -29.14 27.66 36.96
C ALA C 273 -28.47 26.37 36.50
N TYR C 274 -27.85 26.38 35.32
CA TYR C 274 -27.02 25.27 34.88
C TYR C 274 -25.70 25.09 35.65
N TRP C 275 -25.22 26.13 36.33
CA TRP C 275 -23.98 26.01 37.10
C TRP C 275 -24.34 25.37 38.44
N PRO C 276 -23.54 24.37 38.90
CA PRO C 276 -22.24 23.90 38.41
C PRO C 276 -22.34 22.82 37.36
N ALA C 277 -21.40 22.79 36.43
CA ALA C 277 -21.37 21.76 35.42
C ALA C 277 -21.43 20.38 36.04
N ASN C 278 -22.19 19.53 35.38
CA ASN C 278 -22.26 18.12 35.70
C ASN C 278 -21.03 17.35 35.22
N ALA C 279 -20.50 17.75 34.08
CA ALA C 279 -19.28 17.14 33.59
C ALA C 279 -18.50 18.08 32.66
N HIS C 280 -17.21 18.26 32.97
CA HIS C 280 -16.26 18.82 32.02
C HIS C 280 -15.51 17.65 31.37
N ILE C 281 -15.67 17.52 30.06
CA ILE C 281 -14.95 16.54 29.29
C ILE C 281 -13.67 17.16 28.73
N ILE C 282 -12.54 16.54 29.02
CA ILE C 282 -11.23 17.09 28.67
C ILE C 282 -10.27 16.00 28.20
N GLY C 283 -9.15 16.42 27.65
CA GLY C 283 -8.02 15.52 27.40
C GLY C 283 -7.14 15.41 28.62
N LYS C 284 -6.48 14.27 28.74
CA LYS C 284 -5.69 13.97 29.94
C LYS C 284 -4.50 14.91 30.13
N ASP C 285 -4.01 15.52 29.05
CA ASP C 285 -2.95 16.53 29.18
C ASP C 285 -3.36 17.79 29.94
N ILE C 286 -4.65 18.07 30.09
CA ILE C 286 -5.06 19.32 30.80
C ILE C 286 -5.80 19.02 32.09
N SER C 287 -5.63 17.82 32.58
CA SER C 287 -6.28 17.38 33.79
C SER C 287 -5.99 18.19 35.05
N ARG C 288 -4.72 18.52 35.24
CA ARG C 288 -4.29 19.33 36.38
C ARG C 288 -4.99 20.70 36.40
N PHE C 289 -5.22 21.26 35.22
CA PHE C 289 -5.76 22.61 35.11
C PHE C 289 -7.22 22.61 35.52
N HIS C 290 -7.95 21.55 35.17
CA HIS C 290 -9.37 21.44 35.49
C HIS C 290 -9.66 20.90 36.90
N ALA C 291 -8.75 20.12 37.47
CA ALA C 291 -8.98 19.46 38.77
C ALA C 291 -8.21 20.07 39.95
N VAL C 292 -7.29 20.98 39.66
CA VAL C 292 -6.54 21.71 40.70
C VAL C 292 -6.82 23.22 40.58
N TYR C 293 -6.47 23.80 39.42
CA TYR C 293 -6.56 25.27 39.29
C TYR C 293 -8.00 25.74 39.27
N TRP C 294 -8.82 25.14 38.41
CA TRP C 294 -10.21 25.58 38.25
C TRP C 294 -10.99 25.53 39.57
N PRO C 295 -10.97 24.38 40.28
CA PRO C 295 -11.70 24.39 41.56
C PRO C 295 -11.20 25.40 42.57
N ALA C 296 -9.89 25.68 42.58
CA ALA C 296 -9.34 26.68 43.50
C ALA C 296 -9.84 28.07 43.15
N PHE C 297 -9.84 28.39 41.86
CA PHE C 297 -10.41 29.67 41.40
C PHE C 297 -11.88 29.82 41.81
N LEU C 298 -12.66 28.75 41.60
CA LEU C 298 -14.08 28.75 41.93
C LEU C 298 -14.33 28.93 43.43
N MET C 299 -13.55 28.22 44.25
CA MET C 299 -13.60 28.41 45.70
C MET C 299 -13.35 29.86 46.08
N SER C 300 -12.30 30.43 45.50
CA SER C 300 -11.89 31.81 45.78
C SER C 300 -13.02 32.75 45.45
N ALA C 301 -13.63 32.52 44.30
CA ALA C 301 -14.69 33.38 43.76
C ALA C 301 -16.08 33.10 44.35
N GLN C 302 -16.16 32.16 45.29
CA GLN C 302 -17.40 31.85 46.03
C GLN C 302 -18.44 31.15 45.16
N LEU C 303 -17.98 30.28 44.26
CA LEU C 303 -18.87 29.56 43.33
C LEU C 303 -18.81 28.06 43.60
N PRO C 304 -19.91 27.36 43.37
CA PRO C 304 -19.88 25.92 43.52
C PRO C 304 -19.01 25.24 42.43
N LEU C 305 -18.64 24.00 42.70
CA LEU C 305 -17.68 23.27 41.93
C LEU C 305 -18.37 22.32 40.96
N PRO C 306 -17.76 22.08 39.80
CA PRO C 306 -18.32 21.06 38.94
C PRO C 306 -18.39 19.70 39.65
N LYS C 307 -19.33 18.87 39.25
CA LYS C 307 -19.50 17.56 39.85
C LYS C 307 -18.47 16.55 39.34
N ARG C 308 -18.04 16.68 38.08
CA ARG C 308 -17.08 15.75 37.53
C ARG C 308 -16.26 16.34 36.39
N VAL C 309 -14.97 16.02 36.40
CA VAL C 309 -14.06 16.27 35.30
C VAL C 309 -13.66 14.88 34.80
N PHE C 310 -13.90 14.61 33.50
CA PHE C 310 -13.53 13.32 32.92
C PHE C 310 -12.56 13.50 31.76
N ALA C 311 -11.42 12.82 31.88
CA ALA C 311 -10.32 12.95 30.93
C ALA C 311 -10.23 11.73 30.03
N HIS C 312 -10.40 11.96 28.75
CA HIS C 312 -10.23 10.92 27.76
C HIS C 312 -8.79 10.83 27.34
N GLY C 313 -8.49 9.82 26.55
CA GLY C 313 -7.13 9.55 26.08
C GLY C 313 -6.92 10.09 24.69
N PHE C 314 -5.78 9.73 24.10
CA PHE C 314 -5.39 10.23 22.78
C PHE C 314 -5.47 9.11 21.74
N LEU C 315 -5.67 9.50 20.50
CA LEU C 315 -5.78 8.55 19.38
C LEU C 315 -4.54 8.59 18.50
N PHE C 316 -4.10 7.43 18.02
CA PHE C 316 -2.92 7.34 17.16
C PHE C 316 -3.24 6.58 15.87
N ASN C 317 -2.84 7.14 14.73
CA ASN C 317 -2.97 6.45 13.43
C ASN C 317 -1.96 5.31 13.32
N ARG C 318 -2.46 4.07 13.43
CA ARG C 318 -1.62 2.89 13.49
C ARG C 318 -1.96 1.92 12.37
N ILE C 330 -5.69 11.27 10.37
CA ILE C 330 -5.21 12.57 9.90
C ILE C 330 -6.23 13.73 10.14
N ASP C 331 -6.98 14.06 9.08
CA ASP C 331 -7.95 15.18 9.04
C ASP C 331 -9.42 14.71 9.25
N PRO C 332 -10.10 15.19 10.31
CA PRO C 332 -11.46 14.70 10.54
C PRO C 332 -12.43 14.86 9.37
N PHE C 333 -12.33 15.95 8.60
CA PHE C 333 -13.21 16.14 7.43
C PHE C 333 -13.03 15.00 6.41
N GLU C 334 -11.76 14.63 6.17
CA GLU C 334 -11.45 13.56 5.21
C GLU C 334 -11.98 12.23 5.72
N LEU C 335 -11.83 11.99 7.03
CA LEU C 335 -12.30 10.74 7.62
C LEU C 335 -13.81 10.62 7.48
N VAL C 336 -14.54 11.71 7.77
CA VAL C 336 -16.00 11.69 7.62
C VAL C 336 -16.40 11.40 6.17
N GLU C 337 -15.76 12.08 5.22
CA GLU C 337 -16.05 11.90 3.78
C GLU C 337 -15.81 10.47 3.35
N ARG C 338 -14.68 9.89 3.75
CA ARG C 338 -14.33 8.52 3.37
C ARG C 338 -15.23 7.46 4.02
N TYR C 339 -15.49 7.55 5.33
CA TYR C 339 -16.18 6.46 6.06
C TYR C 339 -17.66 6.69 6.34
N GLY C 340 -18.09 7.95 6.27
CA GLY C 340 -19.42 8.35 6.75
C GLY C 340 -19.35 8.78 8.22
N LEU C 341 -20.11 9.81 8.57
CA LEU C 341 -20.07 10.40 9.92
C LEU C 341 -20.38 9.35 11.02
N ASP C 342 -21.52 8.70 10.91
CA ASP C 342 -21.99 7.78 11.94
C ASP C 342 -21.09 6.55 12.07
N GLN C 343 -20.50 6.12 10.97
CA GLN C 343 -19.50 5.08 11.01
C GLN C 343 -18.27 5.49 11.87
N LEU C 344 -17.79 6.70 11.67
CA LEU C 344 -16.66 7.19 12.42
C LEU C 344 -17.04 7.38 13.90
N ARG C 345 -18.20 8.00 14.15
CA ARG C 345 -18.68 8.26 15.50
C ARG C 345 -18.73 6.96 16.26
N TYR C 346 -19.33 5.95 15.64
CA TYR C 346 -19.48 4.63 16.25
C TYR C 346 -18.12 4.01 16.48
N PHE C 347 -17.26 4.05 15.47
CA PHE C 347 -15.95 3.44 15.64
C PHE C 347 -15.24 4.02 16.87
N LEU C 348 -15.15 5.34 16.93
CA LEU C 348 -14.37 5.97 18.00
C LEU C 348 -14.94 5.65 19.39
N MET C 349 -16.25 5.62 19.54
CA MET C 349 -16.87 5.39 20.84
C MET C 349 -16.95 3.91 21.24
N ARG C 350 -16.93 3.00 20.27
CA ARG C 350 -17.04 1.57 20.56
C ARG C 350 -15.69 0.92 20.79
N GLU C 351 -14.71 1.29 20.00
CA GLU C 351 -13.44 0.56 19.97
C GLU C 351 -12.40 1.03 21.00
N VAL C 352 -12.46 2.28 21.43
CA VAL C 352 -11.57 2.80 22.45
C VAL C 352 -12.31 2.96 23.78
N PRO C 353 -11.89 2.26 24.84
CA PRO C 353 -12.55 2.49 26.12
C PRO C 353 -12.37 3.96 26.52
N PHE C 354 -13.44 4.68 26.82
CA PHE C 354 -13.36 6.13 27.05
C PHE C 354 -12.54 6.42 28.32
N GLY C 355 -11.44 7.14 28.15
CA GLY C 355 -10.44 7.34 29.22
C GLY C 355 -9.04 6.81 28.84
N GLN C 356 -8.99 5.83 27.93
CA GLN C 356 -7.74 5.24 27.48
C GLN C 356 -7.31 5.78 26.14
N ASP C 357 -6.02 5.66 25.89
CA ASP C 357 -5.48 5.88 24.57
C ASP C 357 -5.96 4.74 23.69
N GLY C 358 -6.01 5.02 22.40
CA GLY C 358 -6.33 4.00 21.41
C GLY C 358 -5.80 4.32 20.05
N SER C 359 -6.15 3.44 19.11
CA SER C 359 -5.71 3.51 17.74
C SER C 359 -6.86 3.36 16.78
N TYR C 360 -6.70 3.96 15.61
CA TYR C 360 -7.56 3.70 14.48
C TYR C 360 -6.69 3.42 13.25
N SER C 361 -7.30 2.79 12.27
CA SER C 361 -6.63 2.46 11.03
C SER C 361 -7.72 2.21 10.00
N HIS C 362 -7.36 2.31 8.73
CA HIS C 362 -8.29 2.07 7.65
C HIS C 362 -8.98 0.72 7.84
N GLU C 363 -8.16 -0.32 8.02
CA GLU C 363 -8.65 -1.70 8.14
C GLU C 363 -9.59 -1.88 9.34
N ALA C 364 -9.21 -1.35 10.50
CA ALA C 364 -10.03 -1.50 11.72
C ALA C 364 -11.38 -0.81 11.56
N ILE C 365 -11.39 0.41 11.02
CA ILE C 365 -12.64 1.15 10.80
C ILE C 365 -13.57 0.44 9.82
N VAL C 366 -13.04 0.05 8.67
CA VAL C 366 -13.81 -0.64 7.64
C VAL C 366 -14.42 -1.93 8.21
N ASN C 367 -13.61 -2.75 8.85
CA ASN C 367 -14.05 -4.06 9.32
C ASN C 367 -15.03 -3.97 10.47
N ARG C 368 -14.73 -3.12 11.45
CA ARG C 368 -15.59 -2.99 12.60
C ARG C 368 -16.94 -2.34 12.24
N THR C 369 -16.96 -1.34 11.35
CA THR C 369 -18.23 -0.73 10.93
C THR C 369 -19.02 -1.60 9.92
N ASN C 370 -18.32 -2.30 9.01
CA ASN C 370 -18.98 -3.30 8.17
C ASN C 370 -19.65 -4.37 9.03
N ALA C 371 -18.96 -4.89 10.04
CA ALA C 371 -19.49 -6.00 10.84
C ALA C 371 -20.67 -5.57 11.72
N ASP C 372 -20.48 -4.54 12.53
CA ASP C 372 -21.48 -4.14 13.51
C ASP C 372 -22.62 -3.34 12.87
N LEU C 373 -22.30 -2.41 11.95
CA LEU C 373 -23.30 -1.49 11.42
C LEU C 373 -23.97 -2.00 10.15
N ALA C 374 -23.21 -2.24 9.09
CA ALA C 374 -23.81 -2.65 7.81
C ALA C 374 -24.37 -4.06 7.88
N ASN C 375 -23.63 -4.98 8.50
CA ASN C 375 -24.14 -6.33 8.64
C ASN C 375 -25.13 -6.50 9.80
N ASP C 376 -24.63 -6.51 11.03
CA ASP C 376 -25.44 -6.83 12.19
C ASP C 376 -26.66 -5.98 12.33
N LEU C 377 -26.51 -4.68 12.42
CA LEU C 377 -27.69 -3.83 12.59
C LEU C 377 -28.41 -3.63 11.28
N GLY C 378 -27.69 -3.07 10.31
CA GLY C 378 -28.29 -2.71 9.01
C GLY C 378 -28.97 -3.84 8.27
N ASN C 379 -28.33 -4.99 8.19
CA ASN C 379 -28.91 -6.10 7.44
C ASN C 379 -29.98 -6.84 8.24
N LEU C 380 -29.96 -6.76 9.58
CA LEU C 380 -31.06 -7.32 10.36
C LEU C 380 -32.31 -6.50 9.98
N ALA C 381 -32.21 -5.18 9.94
CA ALA C 381 -33.35 -4.32 9.60
C ALA C 381 -33.80 -4.59 8.17
N GLN C 382 -32.86 -4.61 7.22
CA GLN C 382 -33.22 -4.84 5.83
C GLN C 382 -33.91 -6.21 5.62
N ARG C 383 -33.39 -7.28 6.21
CA ARG C 383 -33.99 -8.60 6.00
C ARG C 383 -35.40 -8.64 6.62
N SER C 384 -35.56 -8.17 7.88
CA SER C 384 -36.83 -8.29 8.59
C SER C 384 -37.85 -7.39 7.92
N LEU C 385 -37.46 -6.15 7.62
CA LEU C 385 -38.43 -5.18 7.11
C LEU C 385 -38.85 -5.44 5.66
N SER C 386 -37.97 -6.04 4.87
CA SER C 386 -38.37 -6.41 3.49
C SER C 386 -39.32 -7.60 3.50
N MET C 387 -39.13 -8.54 4.45
CA MET C 387 -40.12 -9.59 4.67
C MET C 387 -41.50 -9.05 5.06
N ILE C 388 -41.52 -7.99 5.88
CA ILE C 388 -42.78 -7.37 6.25
C ILE C 388 -43.42 -6.72 5.03
N ALA C 389 -42.60 -6.04 4.23
CA ALA C 389 -43.07 -5.42 3.00
C ALA C 389 -43.66 -6.47 2.06
N LYS C 390 -42.91 -7.53 1.83
CA LYS C 390 -43.32 -8.44 0.81
C LYS C 390 -44.35 -9.48 1.30
N ASN C 391 -44.33 -9.86 2.58
CA ASN C 391 -45.22 -10.93 3.07
C ASN C 391 -46.32 -10.50 4.02
N CYS C 392 -46.22 -9.30 4.56
CA CYS C 392 -47.22 -8.83 5.50
C CYS C 392 -47.87 -7.54 5.02
N GLU C 393 -47.91 -7.34 3.70
CA GLU C 393 -48.58 -6.18 3.07
C GLU C 393 -48.04 -4.82 3.50
N GLY C 394 -46.77 -4.77 3.93
CA GLY C 394 -46.17 -3.53 4.38
C GLY C 394 -46.71 -3.02 5.71
N LYS C 395 -47.28 -3.91 6.52
CA LYS C 395 -47.86 -3.54 7.82
C LYS C 395 -47.19 -4.35 8.94
N VAL C 396 -46.91 -3.69 10.05
CA VAL C 396 -46.42 -4.39 11.23
C VAL C 396 -47.38 -5.55 11.50
N PRO C 397 -46.87 -6.79 11.59
CA PRO C 397 -47.80 -7.89 11.85
C PRO C 397 -48.35 -7.85 13.25
N GLN C 398 -49.47 -8.53 13.44
CA GLN C 398 -50.09 -8.66 14.75
C GLN C 398 -49.45 -9.81 15.53
N PRO C 399 -48.75 -9.50 16.62
CA PRO C 399 -48.10 -10.59 17.39
C PRO C 399 -49.07 -11.47 18.17
N GLY C 400 -48.86 -12.79 18.10
CA GLY C 400 -49.54 -13.73 19.02
C GLY C 400 -48.79 -13.83 20.36
N ALA C 401 -48.92 -15.01 21.00
CA ALA C 401 -48.18 -15.35 22.21
C ALA C 401 -46.68 -15.34 21.97
N PHE C 402 -45.94 -14.82 22.95
CA PHE C 402 -44.48 -14.82 22.86
C PHE C 402 -43.93 -16.13 23.42
N SER C 403 -43.04 -16.77 22.65
CA SER C 403 -42.31 -17.95 23.10
C SER C 403 -41.23 -17.53 24.10
N GLU C 404 -40.53 -18.51 24.65
CA GLU C 404 -39.45 -18.26 25.58
C GLU C 404 -38.31 -17.47 24.90
N ALA C 405 -37.98 -17.86 23.66
CA ALA C 405 -36.99 -17.13 22.88
C ALA C 405 -37.41 -15.67 22.60
N ASP C 406 -38.70 -15.47 22.27
CA ASP C 406 -39.22 -14.13 22.02
C ASP C 406 -39.01 -13.25 23.27
N LYS C 407 -39.40 -13.76 24.43
CA LYS C 407 -39.30 -13.01 25.68
C LYS C 407 -37.88 -12.68 26.06
N ALA C 408 -36.99 -13.64 25.90
CA ALA C 408 -35.59 -13.43 26.20
C ALA C 408 -35.02 -12.24 25.43
N ILE C 409 -35.26 -12.16 24.12
CA ILE C 409 -34.67 -11.06 23.36
C ILE C 409 -35.32 -9.69 23.70
N LEU C 410 -36.64 -9.68 23.88
CA LEU C 410 -37.33 -8.47 24.29
C LEU C 410 -36.78 -7.95 25.65
N ASP C 411 -36.69 -8.83 26.63
CA ASP C 411 -36.12 -8.48 27.93
C ASP C 411 -34.66 -8.06 27.83
N GLN C 412 -33.89 -8.70 26.96
CA GLN C 412 -32.48 -8.31 26.82
C GLN C 412 -32.40 -6.85 26.33
N ALA C 413 -33.27 -6.47 25.39
CA ALA C 413 -33.33 -5.10 24.87
C ALA C 413 -33.66 -4.07 25.96
N ASP C 414 -34.64 -4.39 26.80
CA ASP C 414 -35.01 -3.51 27.92
C ASP C 414 -33.88 -3.35 28.89
N ALA C 415 -33.21 -4.44 29.22
CA ALA C 415 -32.13 -4.38 30.19
C ALA C 415 -30.96 -3.56 29.67
N ALA C 416 -30.74 -3.54 28.35
CA ALA C 416 -29.62 -2.77 27.79
C ALA C 416 -29.80 -1.27 28.07
N LEU C 417 -31.05 -0.82 28.17
CA LEU C 417 -31.31 0.58 28.45
C LEU C 417 -30.79 0.93 29.83
N GLU C 418 -31.06 0.07 30.81
CA GLU C 418 -30.58 0.29 32.18
C GLU C 418 -29.06 0.23 32.25
N THR C 419 -28.46 -0.75 31.60
CA THR C 419 -26.99 -0.87 31.56
C THR C 419 -26.40 0.37 30.91
N ALA C 420 -27.02 0.82 29.82
CA ALA C 420 -26.53 2.02 29.15
C ALA C 420 -26.56 3.23 30.06
N ARG C 421 -27.65 3.39 30.81
CA ARG C 421 -27.77 4.52 31.75
C ARG C 421 -26.67 4.55 32.80
N LYS C 422 -26.44 3.41 33.44
CA LYS C 422 -25.40 3.30 34.49
C LYS C 422 -24.02 3.53 33.89
N ALA C 423 -23.75 2.96 32.71
CA ALA C 423 -22.48 3.20 32.03
C ALA C 423 -22.26 4.67 31.70
N MET C 424 -23.28 5.33 31.16
CA MET C 424 -23.17 6.73 30.83
C MET C 424 -22.96 7.62 32.05
N ASP C 425 -23.46 7.22 33.22
CA ASP C 425 -23.21 8.00 34.48
C ASP C 425 -21.72 8.04 34.82
N ASP C 426 -20.98 7.03 34.36
CA ASP C 426 -19.52 6.94 34.52
C ASP C 426 -18.76 7.25 33.22
N GLN C 427 -19.40 7.92 32.26
CA GLN C 427 -18.77 8.25 30.96
C GLN C 427 -18.17 7.03 30.22
N ALA C 428 -18.71 5.84 30.49
CA ALA C 428 -18.24 4.62 29.85
C ALA C 428 -19.06 4.33 28.55
N LEU C 429 -18.81 5.16 27.54
CA LEU C 429 -19.47 5.10 26.24
C LEU C 429 -19.37 3.73 25.55
N HIS C 430 -18.18 3.16 25.55
CA HIS C 430 -17.94 1.80 25.00
C HIS C 430 -18.80 0.73 25.67
N LEU C 431 -19.09 0.89 26.97
CA LEU C 431 -19.91 -0.09 27.68
C LEU C 431 -21.37 0.11 27.35
N ALA C 432 -21.80 1.36 27.14
CA ALA C 432 -23.17 1.61 26.68
C ALA C 432 -23.39 1.00 25.30
N LEU C 433 -22.52 1.31 24.37
CA LEU C 433 -22.61 0.76 23.02
C LEU C 433 -22.46 -0.76 23.01
N GLY C 434 -21.54 -1.29 23.82
CA GLY C 434 -21.36 -2.73 23.89
C GLY C 434 -22.64 -3.42 24.31
N ALA C 435 -23.34 -2.86 25.31
CA ALA C 435 -24.60 -3.44 25.79
C ALA C 435 -25.66 -3.44 24.68
N ILE C 436 -25.76 -2.31 23.99
CA ILE C 436 -26.75 -2.18 22.93
C ILE C 436 -26.46 -3.09 21.73
N PHE C 437 -25.20 -3.14 21.29
CA PHE C 437 -24.88 -3.99 20.16
C PHE C 437 -24.86 -5.48 20.50
N ALA C 438 -24.69 -5.85 21.77
CA ALA C 438 -24.88 -7.27 22.15
C ALA C 438 -26.35 -7.65 21.92
N VAL C 439 -27.28 -6.70 22.05
CA VAL C 439 -28.70 -7.00 21.77
C VAL C 439 -28.85 -7.29 20.29
N VAL C 440 -28.19 -6.47 19.47
CA VAL C 440 -28.24 -6.64 18.03
C VAL C 440 -27.68 -7.98 17.61
N ALA C 441 -26.51 -8.33 18.14
CA ALA C 441 -25.89 -9.64 17.83
C ALA C 441 -26.84 -10.80 18.20
N GLU C 442 -27.42 -10.73 19.39
CA GLU C 442 -28.33 -11.76 19.84
C GLU C 442 -29.62 -11.79 19.01
N ALA C 443 -30.09 -10.62 18.60
CA ALA C 443 -31.29 -10.55 17.75
C ALA C 443 -31.05 -11.23 16.39
N ASN C 444 -29.85 -11.09 15.82
CA ASN C 444 -29.49 -11.84 14.59
C ASN C 444 -29.53 -13.36 14.81
N ARG C 445 -28.97 -13.85 15.92
CA ARG C 445 -29.03 -15.28 16.27
C ARG C 445 -30.51 -15.69 16.42
N TYR C 446 -31.30 -14.87 17.13
CA TYR C 446 -32.76 -15.10 17.27
C TYR C 446 -33.47 -15.23 15.91
N PHE C 447 -33.31 -14.22 15.05
CA PHE C 447 -33.95 -14.19 13.73
C PHE C 447 -33.56 -15.42 12.88
N ALA C 448 -32.27 -15.69 12.77
CA ALA C 448 -31.79 -16.89 12.03
C ALA C 448 -32.34 -18.21 12.62
N GLY C 449 -32.35 -18.34 13.94
CA GLY C 449 -32.88 -19.55 14.58
C GLY C 449 -34.36 -19.76 14.37
N GLN C 450 -35.14 -18.68 14.30
CA GLN C 450 -36.58 -18.78 14.06
C GLN C 450 -36.92 -19.14 12.60
N GLU C 451 -36.05 -18.83 11.63
CA GLU C 451 -36.30 -19.16 10.22
C GLU C 451 -37.69 -18.72 9.73
N PRO C 452 -38.02 -17.44 9.87
CA PRO C 452 -39.41 -17.05 9.56
C PRO C 452 -39.83 -17.27 8.10
N TRP C 453 -38.88 -17.23 7.17
CA TRP C 453 -39.13 -17.60 5.77
C TRP C 453 -39.78 -18.98 5.64
N ALA C 454 -39.30 -19.95 6.43
CA ALA C 454 -39.87 -21.30 6.44
C ALA C 454 -41.27 -21.38 7.04
N LEU C 455 -41.59 -20.44 7.92
CA LEU C 455 -42.89 -20.42 8.56
C LEU C 455 -43.95 -19.81 7.66
N ARG C 456 -43.52 -19.07 6.63
CA ARG C 456 -44.46 -18.41 5.71
C ARG C 456 -45.48 -19.37 5.17
N LYS C 457 -45.04 -20.59 4.87
CA LYS C 457 -45.91 -21.65 4.36
C LYS C 457 -46.68 -22.33 5.50
N THR C 458 -45.93 -22.89 6.44
CA THR C 458 -46.50 -23.72 7.51
C THR C 458 -47.34 -22.94 8.55
N ASP C 459 -46.87 -21.77 8.98
CA ASP C 459 -47.48 -21.08 10.11
C ASP C 459 -47.30 -19.56 9.96
N PRO C 460 -48.10 -18.95 9.07
CA PRO C 460 -47.96 -17.53 8.76
C PRO C 460 -48.13 -16.61 9.98
N ALA C 461 -49.04 -16.96 10.87
CA ALA C 461 -49.25 -16.20 12.09
C ALA C 461 -48.01 -16.18 12.98
N ARG C 462 -47.33 -17.33 13.09
CA ARG C 462 -46.08 -17.40 13.83
C ARG C 462 -44.97 -16.61 13.15
N MET C 463 -44.89 -16.66 11.82
CA MET C 463 -43.96 -15.83 11.08
C MET C 463 -44.18 -14.36 11.44
N GLY C 464 -45.45 -13.97 11.47
CA GLY C 464 -45.83 -12.62 11.81
C GLY C 464 -45.29 -12.24 13.18
N THR C 465 -45.42 -13.15 14.14
CA THR C 465 -44.99 -12.84 15.51
C THR C 465 -43.46 -12.65 15.61
N VAL C 466 -42.70 -13.52 14.96
CA VAL C 466 -41.24 -13.40 14.88
C VAL C 466 -40.84 -12.06 14.23
N LEU C 467 -41.54 -11.68 13.15
CA LEU C 467 -41.24 -10.44 12.46
C LEU C 467 -41.57 -9.23 13.35
N TYR C 468 -42.68 -9.32 14.07
CA TYR C 468 -43.02 -8.30 15.06
C TYR C 468 -41.88 -8.13 16.07
N VAL C 469 -41.47 -9.25 16.67
CA VAL C 469 -40.44 -9.23 17.74
C VAL C 469 -39.16 -8.61 17.22
N THR C 470 -38.74 -9.04 16.02
CA THR C 470 -37.54 -8.47 15.40
C THR C 470 -37.67 -6.94 15.19
N ALA C 471 -38.80 -6.49 14.68
CA ALA C 471 -39.03 -5.07 14.46
C ALA C 471 -39.07 -4.29 15.76
N GLU C 472 -39.69 -4.86 16.77
CA GLU C 472 -39.85 -4.21 18.06
C GLU C 472 -38.49 -4.11 18.77
N VAL C 473 -37.68 -5.17 18.68
CA VAL C 473 -36.32 -5.08 19.19
C VAL C 473 -35.55 -3.95 18.47
N LEU C 474 -35.72 -3.87 17.14
CA LEU C 474 -35.09 -2.85 16.33
C LEU C 474 -35.54 -1.45 16.74
N ARG C 475 -36.82 -1.30 17.08
CA ARG C 475 -37.31 -0.01 17.59
C ARG C 475 -36.58 0.37 18.87
N ARG C 476 -36.46 -0.57 19.79
CA ARG C 476 -35.83 -0.30 21.07
C ARG C 476 -34.36 0.05 20.87
N VAL C 477 -33.68 -0.72 20.02
CA VAL C 477 -32.28 -0.46 19.71
C VAL C 477 -32.17 0.92 19.04
N GLY C 478 -33.04 1.21 18.09
CA GLY C 478 -33.01 2.46 17.35
C GLY C 478 -33.10 3.65 18.25
N ILE C 479 -34.01 3.61 19.20
CA ILE C 479 -34.10 4.68 20.21
C ILE C 479 -32.82 4.82 21.05
N MET C 480 -32.26 3.68 21.46
CA MET C 480 -31.08 3.67 22.32
C MET C 480 -29.80 4.16 21.63
N VAL C 481 -29.67 3.96 20.31
CA VAL C 481 -28.46 4.39 19.62
C VAL C 481 -28.54 5.83 19.10
N GLN C 482 -29.69 6.50 19.21
CA GLN C 482 -29.80 7.87 18.73
C GLN C 482 -28.63 8.79 19.15
N PRO C 483 -28.21 8.74 20.41
CA PRO C 483 -27.15 9.68 20.79
C PRO C 483 -25.80 9.43 20.14
N PHE C 484 -25.56 8.18 19.76
CA PHE C 484 -24.26 7.75 19.25
C PHE C 484 -24.16 7.92 17.74
N ILE C 485 -25.25 7.60 17.03
CA ILE C 485 -25.31 7.67 15.56
C ILE C 485 -26.62 8.31 15.10
N PRO C 486 -26.79 9.63 15.36
CA PRO C 486 -28.12 10.23 15.30
C PRO C 486 -28.85 10.13 13.96
N GLN C 487 -28.20 10.48 12.87
CA GLN C 487 -28.88 10.46 11.55
C GLN C 487 -29.28 9.06 11.13
N SER C 488 -28.42 8.08 11.36
CA SER C 488 -28.73 6.69 11.00
C SER C 488 -29.85 6.15 11.88
N ALA C 489 -29.81 6.46 13.18
CA ALA C 489 -30.87 6.00 14.10
C ALA C 489 -32.21 6.57 13.67
N GLU C 490 -32.18 7.83 13.26
CA GLU C 490 -33.37 8.52 12.81
C GLU C 490 -33.97 7.83 11.59
N LYS C 491 -33.12 7.47 10.62
CA LYS C 491 -33.59 6.77 9.41
C LYS C 491 -34.17 5.41 9.77
N LEU C 492 -33.53 4.69 10.68
CA LEU C 492 -34.04 3.41 11.15
C LEU C 492 -35.42 3.55 11.79
N LEU C 493 -35.59 4.53 12.66
CA LEU C 493 -36.87 4.76 13.29
C LEU C 493 -37.93 5.23 12.29
N ASP C 494 -37.51 5.99 11.25
CA ASP C 494 -38.42 6.41 10.18
C ASP C 494 -38.97 5.20 9.45
N ILE C 495 -38.11 4.23 9.12
CA ILE C 495 -38.62 3.05 8.40
C ILE C 495 -39.40 2.10 9.31
N LEU C 496 -39.40 2.35 10.61
CA LEU C 496 -40.29 1.65 11.54
C LEU C 496 -41.53 2.49 11.84
N ALA C 497 -41.70 3.59 11.11
CA ALA C 497 -42.84 4.51 11.28
C ALA C 497 -43.04 4.98 12.73
N VAL C 498 -41.96 5.26 13.43
CA VAL C 498 -42.06 5.70 14.82
C VAL C 498 -42.29 7.20 14.80
N PRO C 499 -43.38 7.68 15.41
CA PRO C 499 -43.59 9.13 15.41
C PRO C 499 -42.42 9.88 16.03
N ALA C 500 -42.23 11.13 15.61
CA ALA C 500 -41.12 11.93 16.08
C ALA C 500 -41.20 12.17 17.59
N ASP C 501 -42.40 12.22 18.14
CA ASP C 501 -42.57 12.46 19.59
C ASP C 501 -42.63 11.16 20.44
N LYS C 502 -42.21 10.02 19.85
CA LYS C 502 -42.14 8.75 20.58
C LYS C 502 -40.72 8.20 20.52
N ARG C 503 -39.73 9.07 20.71
CA ARG C 503 -38.35 8.69 20.54
C ARG C 503 -37.47 8.99 21.76
N GLN C 504 -38.09 9.18 22.92
CA GLN C 504 -37.38 9.35 24.18
C GLN C 504 -37.08 7.97 24.75
N PHE C 505 -36.17 7.91 25.71
CA PHE C 505 -35.85 6.64 26.33
C PHE C 505 -37.08 6.04 27.08
N ALA C 506 -37.91 6.91 27.65
CA ALA C 506 -39.19 6.47 28.24
C ALA C 506 -40.08 5.70 27.25
N ASP C 507 -39.95 5.97 25.96
CA ASP C 507 -40.71 5.23 24.93
C ASP C 507 -40.26 3.79 24.68
N VAL C 508 -39.04 3.47 25.07
CA VAL C 508 -38.52 2.10 24.92
C VAL C 508 -39.48 1.15 25.60
N LEU C 509 -39.84 1.44 26.84
CA LEU C 509 -40.78 0.62 27.61
C LEU C 509 -42.26 0.91 27.34
N ALA C 510 -42.60 2.17 27.12
CA ALA C 510 -43.99 2.59 27.12
C ALA C 510 -44.67 2.54 25.75
N SER C 511 -43.92 2.48 24.64
CA SER C 511 -44.48 2.74 23.32
C SER C 511 -44.13 1.69 22.28
N PRO C 512 -44.57 0.47 22.50
CA PRO C 512 -44.20 -0.57 21.52
C PRO C 512 -44.90 -0.39 20.17
N LEU C 513 -44.33 -0.95 19.13
CA LEU C 513 -44.98 -1.00 17.83
C LEU C 513 -46.39 -1.60 17.91
N ALA C 514 -47.31 -1.04 17.13
CA ALA C 514 -48.69 -1.46 17.10
C ALA C 514 -48.90 -2.26 15.82
N GLY C 515 -49.42 -3.47 15.96
CA GLY C 515 -49.80 -4.26 14.82
C GLY C 515 -50.72 -3.49 13.90
N GLY C 516 -50.57 -3.68 12.59
CA GLY C 516 -51.39 -2.96 11.60
C GLY C 516 -50.77 -1.66 11.10
N THR C 517 -49.71 -1.17 11.73
CA THR C 517 -49.10 0.09 11.32
C THR C 517 -48.43 -0.05 9.96
N ASP C 518 -48.74 0.85 9.04
CA ASP C 518 -48.08 0.90 7.71
C ASP C 518 -46.64 1.35 7.84
N LEU C 519 -45.74 0.57 7.24
CA LEU C 519 -44.33 0.92 7.17
C LEU C 519 -43.92 1.29 5.74
N PRO C 520 -43.07 2.31 5.60
CA PRO C 520 -42.58 2.62 4.27
C PRO C 520 -41.65 1.54 3.73
N ALA C 521 -41.45 1.53 2.43
CA ALA C 521 -40.54 0.58 1.80
C ALA C 521 -39.15 0.81 2.43
N PRO C 522 -38.49 -0.26 2.88
CA PRO C 522 -37.20 -0.09 3.58
C PRO C 522 -36.01 0.18 2.64
N GLN C 523 -35.05 0.95 3.11
CA GLN C 523 -33.77 1.11 2.41
C GLN C 523 -32.66 0.85 3.40
N PRO C 524 -31.50 0.37 2.92
CA PRO C 524 -30.41 0.11 3.83
C PRO C 524 -30.00 1.36 4.59
N VAL C 525 -29.86 1.25 5.90
CA VAL C 525 -29.39 2.37 6.70
C VAL C 525 -27.87 2.54 6.63
N PHE C 526 -27.14 1.43 6.58
CA PHE C 526 -25.67 1.43 6.61
C PHE C 526 -25.14 0.58 5.46
N PRO C 527 -24.85 1.19 4.31
CA PRO C 527 -24.27 0.37 3.23
C PRO C 527 -22.85 -0.06 3.56
N ARG C 528 -22.43 -1.23 3.05
CA ARG C 528 -21.05 -1.69 3.24
C ARG C 528 -20.08 -0.71 2.61
N TYR C 529 -18.88 -0.61 3.19
CA TYR C 529 -17.79 0.14 2.59
C TYR C 529 -17.21 -0.68 1.41
#